data_7BLO
#
_entry.id   7BLO
#
loop_
_entity.id
_entity.type
_entity.pdbx_description
1 polymer 'Vacuolar protein sorting-associated protein 26A'
2 polymer 'Sorting nexin-3'
3 polymer 'C-term (residues 493-54) of Wls (fitted sequence corresponds to hDMT1-II)'
4 polymer 'Vacuolar protein sorting-associated protein 35'
5 non-polymer '2-(BUTANOYLOXY)-1-{[(HYDROXY{[2,3,4,6-TETRAHYDROXY-5-(PHOSPHONOOXY)CYCLOHEXYL]OXY}PHOSPHORYL)OXY]METHYL}ETHYL BUTANOATE'
#
loop_
_entity_poly.entity_id
_entity_poly.type
_entity_poly.pdbx_seq_one_letter_code
_entity_poly.pdbx_strand_id
1 'polypeptide(L)'
;FGPICEIDIVLNDGETRKMAEMKTEDGKVEKHYLFYDGESVSGKVNLAFKQPGKRLEHQGIRIEFVGQIELFNDKSNTHE
FVNLVKELALPGELTQSRSYDFEFMQVEKPYESYIGANVRLRYFLKVTIVRRLTDLVKEYDLIVHQLATYPDVNNSIKME
VGIEDCLHIEFEYNKSKYHLKDVIVGKIYFLLVRIKIQHMELQLIKKEITGIGPSTTTETETIAKYEIMDGAPVKGESIP
IRLFLAGYDPTPTMRDVNKKFSVRYFLNLVLVDEEDRRYFKQQEIILWRKAPEK
;
J,F
2 'polypeptide(L)'
;TVADTRRLITKPQNLNDAYGPPSNFLEIDVSNPQTVGVGRGRFTTYEIRVKTNLPIFKLKESTVRRRYSDFEWLRSELER
ESKVVVPPLPGKAFLRQLPFRGDDGIFDDNFIEERKQGLEQFINKVAGHPLAQNERCLHMFLQDEIIDKSYTPSK
;
L,G
3 'polypeptide(L)' QPELYLLNTM N,H
4 'polypeptide(L)'
;QEKLLDEAIQAVKVQSFQMKRCLDKNKLMDALKHASNMLGELRTSMLSPKSYYELYMAISDELHYLEVYLTDEFAKGRKV
ADLYELVQYAGNIIPRLYLLITVGVVYVKSFPQSRKDILKDLVEMCRGVQHPLRGLFLRNYLLQCTRNILPDEGEPTDEE
TTGDISDSMDFVLLNFAEMNKLWVRMQHQGHSRDREKRERERQELRILVGTNLVRLSQLEGVNVERYKQIVLTGILEQVV
NCRDALAQEYLMECIIQVFPDEFHLQTLNPFLRACAELHQNVNVKNIIIALIDRLALFAHREDGPGIPADIKLFDIFSQQ
VATVIQSRQDMPSEDVVSLQVSLINLAMKCYP
;
A,C
#
# COMPACT_ATOMS: atom_id res chain seq x y z
N PHE A 1 30.31 -18.75 -27.14
CA PHE A 1 30.17 -17.46 -26.39
C PHE A 1 29.42 -17.64 -25.05
N GLY A 2 28.11 -17.89 -25.12
CA GLY A 2 27.23 -17.92 -23.94
C GLY A 2 26.33 -16.69 -23.88
N PRO A 3 25.88 -16.29 -22.67
CA PRO A 3 25.19 -15.01 -22.49
C PRO A 3 26.16 -13.92 -22.06
N ILE A 4 25.94 -12.69 -22.53
CA ILE A 4 26.79 -11.55 -22.15
C ILE A 4 26.61 -11.11 -20.70
N CYS A 5 25.43 -11.39 -20.13
CA CYS A 5 25.08 -10.95 -18.80
C CYS A 5 24.09 -11.91 -18.17
N GLU A 6 24.20 -12.11 -16.86
CA GLU A 6 23.27 -12.99 -16.13
C GLU A 6 22.63 -12.25 -14.96
N ILE A 7 21.30 -12.26 -14.94
CA ILE A 7 20.51 -11.56 -13.91
C ILE A 7 20.21 -12.50 -12.75
N ASP A 8 20.52 -12.06 -11.53
CA ASP A 8 20.24 -12.82 -10.32
C ASP A 8 19.61 -11.90 -9.28
N ILE A 9 18.49 -12.33 -8.68
CA ILE A 9 17.82 -11.57 -7.62
C ILE A 9 18.13 -12.21 -6.27
N VAL A 10 18.41 -11.37 -5.27
CA VAL A 10 18.72 -11.78 -3.92
C VAL A 10 17.97 -10.88 -2.94
N LEU A 11 16.96 -11.44 -2.28
CA LEU A 11 16.15 -10.69 -1.31
C LEU A 11 16.95 -10.34 -0.07
N ASN A 12 16.70 -9.16 0.48
CA ASN A 12 17.38 -8.68 1.70
C ASN A 12 17.25 -9.62 2.88
N ASP A 13 16.10 -10.27 3.00
CA ASP A 13 15.86 -11.26 4.06
C ASP A 13 15.93 -12.70 3.52
N GLY A 14 16.92 -12.96 2.67
CA GLY A 14 17.04 -14.25 1.99
C GLY A 14 17.58 -15.40 2.84
N GLU A 15 17.99 -15.10 4.07
CA GLU A 15 18.50 -16.10 5.01
C GLU A 15 17.39 -16.53 5.95
N THR A 16 16.79 -15.55 6.61
CA THR A 16 15.78 -15.79 7.62
C THR A 16 14.38 -16.12 7.08
N ARG A 17 14.04 -15.67 5.87
CA ARG A 17 12.67 -15.81 5.35
C ARG A 17 12.29 -17.27 5.06
N LYS A 18 11.07 -17.62 5.43
CA LYS A 18 10.54 -18.97 5.28
C LYS A 18 10.15 -19.22 3.83
N MET A 19 10.39 -20.44 3.34
CA MET A 19 9.96 -20.87 2.00
C MET A 19 8.75 -21.81 2.09
N ALA A 20 8.15 -22.11 0.94
CA ALA A 20 7.00 -23.01 0.84
C ALA A 20 7.04 -23.76 -0.48
N GLU A 21 6.26 -24.84 -0.59
CA GLU A 21 6.33 -25.75 -1.74
C GLU A 21 5.07 -25.66 -2.60
N MET A 22 5.19 -26.08 -3.87
CA MET A 22 4.08 -26.05 -4.83
C MET A 22 4.07 -27.27 -5.75
N LYS A 23 3.00 -28.07 -5.69
CA LYS A 23 2.84 -29.23 -6.60
C LYS A 23 2.49 -28.79 -8.04
N THR A 24 3.44 -28.96 -8.97
CA THR A 24 3.22 -28.64 -10.39
C THR A 24 2.90 -29.92 -11.19
N GLU A 25 2.90 -29.87 -12.53
CA GLU A 25 2.57 -31.03 -13.37
C GLU A 25 3.60 -32.19 -13.28
N ASP A 26 3.10 -33.42 -13.43
CA ASP A 26 3.90 -34.66 -13.35
C ASP A 26 4.56 -34.87 -11.96
N GLY A 27 3.90 -34.39 -10.90
CA GLY A 27 4.36 -34.56 -9.53
C GLY A 27 5.60 -33.80 -9.07
N LYS A 28 6.01 -32.77 -9.82
CA LYS A 28 7.19 -31.97 -9.47
C LYS A 28 6.84 -31.00 -8.33
N VAL A 29 7.82 -30.71 -7.49
CA VAL A 29 7.62 -29.84 -6.32
C VAL A 29 8.67 -28.72 -6.33
N GLU A 30 8.23 -27.50 -6.61
CA GLU A 30 9.07 -26.30 -6.55
C GLU A 30 9.03 -25.68 -5.17
N LYS A 31 10.10 -24.96 -4.83
CA LYS A 31 10.22 -24.28 -3.54
C LYS A 31 10.63 -22.82 -3.76
N HIS A 32 9.72 -21.91 -3.43
CA HIS A 32 9.96 -20.48 -3.56
C HIS A 32 9.73 -19.82 -2.22
N TYR A 33 10.20 -18.57 -2.07
CA TYR A 33 10.01 -17.81 -0.82
C TYR A 33 8.53 -17.55 -0.55
N LEU A 34 8.18 -17.43 0.73
CA LEU A 34 6.79 -17.21 1.15
C LEU A 34 6.58 -15.77 1.53
N PHE A 35 5.49 -15.19 1.04
CA PHE A 35 5.12 -13.81 1.31
C PHE A 35 3.64 -13.73 1.71
N TYR A 36 3.28 -12.62 2.31
CA TYR A 36 1.92 -12.37 2.79
C TYR A 36 1.46 -11.00 2.33
N ASP A 37 0.18 -10.90 2.02
CA ASP A 37 -0.48 -9.63 1.74
C ASP A 37 -0.02 -8.57 2.75
N GLY A 38 0.45 -7.44 2.25
CA GLY A 38 0.91 -6.33 3.08
C GLY A 38 2.41 -6.22 3.25
N GLU A 39 3.15 -7.33 3.12
CA GLU A 39 4.61 -7.33 3.27
C GLU A 39 5.33 -6.55 2.19
N SER A 40 6.46 -5.95 2.55
CA SER A 40 7.33 -5.30 1.57
C SER A 40 8.29 -6.33 0.97
N VAL A 41 8.49 -6.23 -0.34
CA VAL A 41 9.49 -7.00 -1.07
C VAL A 41 10.64 -6.08 -1.40
N SER A 42 11.84 -6.46 -0.98
CA SER A 42 13.02 -5.65 -1.25
C SER A 42 14.25 -6.54 -1.33
N GLY A 43 15.25 -6.06 -2.06
CA GLY A 43 16.48 -6.83 -2.29
C GLY A 43 17.45 -6.16 -3.24
N LYS A 44 18.23 -7.01 -3.93
CA LYS A 44 19.24 -6.57 -4.87
C LYS A 44 19.11 -7.33 -6.18
N VAL A 45 19.20 -6.61 -7.29
CA VAL A 45 19.34 -7.19 -8.62
C VAL A 45 20.84 -7.20 -8.93
N ASN A 46 21.44 -8.38 -9.05
CA ASN A 46 22.88 -8.49 -9.30
C ASN A 46 23.14 -8.95 -10.72
N LEU A 47 23.76 -8.09 -11.51
CA LEU A 47 24.14 -8.40 -12.89
C LEU A 47 25.57 -8.91 -12.96
N ALA A 48 25.71 -10.21 -13.18
CA ALA A 48 27.02 -10.81 -13.43
C ALA A 48 27.41 -10.54 -14.88
N PHE A 49 28.48 -9.79 -15.09
CA PHE A 49 29.00 -9.56 -16.43
C PHE A 49 30.00 -10.67 -16.79
N LYS A 50 29.69 -11.40 -17.85
CA LYS A 50 30.40 -12.65 -18.18
C LYS A 50 31.49 -12.52 -19.24
N GLN A 51 31.32 -11.63 -20.23
CA GLN A 51 32.27 -11.50 -21.34
C GLN A 51 33.19 -10.27 -21.14
N PRO A 52 34.35 -10.45 -20.45
CA PRO A 52 35.23 -9.28 -20.24
C PRO A 52 35.92 -8.83 -21.53
N GLY A 53 35.92 -7.51 -21.76
CA GLY A 53 36.29 -6.94 -23.05
C GLY A 53 35.08 -6.37 -23.77
N LYS A 54 33.96 -7.11 -23.78
CA LYS A 54 32.73 -6.67 -24.45
C LYS A 54 31.93 -5.66 -23.62
N ARG A 55 30.96 -5.04 -24.27
CA ARG A 55 30.09 -4.02 -23.66
C ARG A 55 28.63 -4.29 -23.99
N LEU A 56 27.74 -3.95 -23.06
CA LEU A 56 26.31 -4.20 -23.18
C LEU A 56 25.56 -2.89 -23.29
N GLU A 57 25.06 -2.60 -24.49
CA GLU A 57 24.30 -1.39 -24.76
C GLU A 57 22.81 -1.68 -24.53
N HIS A 58 22.19 -0.93 -23.62
CA HIS A 58 20.77 -1.12 -23.26
C HIS A 58 20.02 0.19 -23.32
N GLN A 59 18.69 0.09 -23.43
CA GLN A 59 17.78 1.25 -23.36
C GLN A 59 16.94 1.25 -22.09
N GLY A 60 17.54 0.74 -21.02
CA GLY A 60 17.05 0.91 -19.65
C GLY A 60 16.86 -0.43 -18.97
N ILE A 61 17.09 -0.44 -17.66
CA ILE A 61 16.89 -1.61 -16.83
C ILE A 61 15.77 -1.26 -15.85
N ARG A 62 14.87 -2.22 -15.63
CA ARG A 62 13.81 -2.10 -14.63
C ARG A 62 13.62 -3.43 -13.89
N ILE A 63 12.90 -3.37 -12.76
CA ILE A 63 12.41 -4.56 -12.06
C ILE A 63 10.93 -4.39 -11.76
N GLU A 64 10.15 -5.44 -11.98
CA GLU A 64 8.70 -5.41 -11.75
C GLU A 64 8.31 -6.47 -10.74
N PHE A 65 7.41 -6.13 -9.81
CA PHE A 65 6.70 -7.13 -9.02
C PHE A 65 5.40 -7.38 -9.75
N VAL A 66 5.10 -8.65 -9.99
CA VAL A 66 3.97 -9.05 -10.81
C VAL A 66 3.18 -10.15 -10.10
N GLY A 67 1.86 -9.99 -10.09
CA GLY A 67 0.95 -11.04 -9.66
C GLY A 67 -0.09 -11.16 -10.75
N GLN A 68 -0.31 -12.38 -11.25
CA GLN A 68 -1.15 -12.58 -12.42
C GLN A 68 -1.86 -13.93 -12.43
N ILE A 69 -2.87 -14.04 -13.30
CA ILE A 69 -3.68 -15.26 -13.45
C ILE A 69 -3.66 -15.74 -14.91
N GLU A 70 -3.11 -16.92 -15.13
CA GLU A 70 -2.91 -17.51 -16.46
C GLU A 70 -3.96 -18.61 -16.68
N LEU A 71 -4.66 -18.56 -17.81
CA LEU A 71 -5.73 -19.51 -18.08
C LEU A 71 -5.44 -20.38 -19.32
N PHE A 72 -5.58 -21.71 -19.20
CA PHE A 72 -5.40 -22.66 -20.31
C PHE A 72 -4.01 -22.65 -20.97
N ASN A 73 -2.98 -22.21 -20.24
CA ASN A 73 -1.61 -22.00 -20.76
C ASN A 73 -1.51 -21.06 -21.99
N ASP A 74 -2.52 -20.21 -22.16
CA ASP A 74 -2.72 -19.39 -23.35
C ASP A 74 -2.11 -18.02 -23.00
N LYS A 75 -0.96 -17.70 -23.58
CA LYS A 75 -0.29 -16.43 -23.26
C LYS A 75 -1.18 -15.22 -23.48
N SER A 76 -2.05 -15.26 -24.49
CA SER A 76 -3.00 -14.17 -24.77
C SER A 76 -4.08 -14.01 -23.70
N ASN A 77 -4.23 -15.01 -22.84
CA ASN A 77 -5.23 -15.03 -21.79
C ASN A 77 -4.65 -14.85 -20.37
N THR A 78 -3.45 -14.27 -20.27
CA THR A 78 -2.87 -13.87 -18.99
C THR A 78 -3.47 -12.54 -18.55
N HIS A 79 -3.69 -12.39 -17.24
CA HIS A 79 -4.30 -11.18 -16.66
C HIS A 79 -3.57 -10.75 -15.38
N GLU A 80 -2.92 -9.59 -15.43
CA GLU A 80 -2.16 -9.06 -14.29
C GLU A 80 -3.07 -8.28 -13.36
N PHE A 81 -3.16 -8.73 -12.11
CA PHE A 81 -3.95 -8.05 -11.07
C PHE A 81 -3.08 -7.18 -10.15
N VAL A 82 -1.76 -7.36 -10.17
CA VAL A 82 -0.82 -6.47 -9.48
C VAL A 82 0.43 -6.26 -10.34
N ASN A 83 0.79 -5.00 -10.56
CA ASN A 83 2.02 -4.61 -11.27
C ASN A 83 2.64 -3.36 -10.65
N LEU A 84 3.88 -3.48 -10.16
CA LEU A 84 4.67 -2.37 -9.63
C LEU A 84 6.03 -2.33 -10.32
N VAL A 85 6.53 -1.14 -10.65
CA VAL A 85 7.79 -0.99 -11.39
C VAL A 85 8.78 -0.17 -10.61
N LYS A 86 10.06 -0.55 -10.65
CA LYS A 86 11.16 0.29 -10.16
C LYS A 86 12.21 0.37 -11.25
N GLU A 87 12.36 1.56 -11.84
CA GLU A 87 13.35 1.78 -12.87
C GLU A 87 14.71 1.76 -12.19
N LEU A 88 15.61 0.89 -12.63
CA LEU A 88 16.90 0.70 -11.98
C LEU A 88 18.03 1.45 -12.67
N ALA A 89 17.99 1.50 -14.00
CA ALA A 89 19.00 2.23 -14.78
C ALA A 89 18.38 2.89 -16.01
N LEU A 90 18.85 4.10 -16.33
CA LEU A 90 18.50 4.76 -17.59
C LEU A 90 19.27 4.12 -18.76
N PRO A 91 18.84 4.37 -20.01
CA PRO A 91 19.61 3.94 -21.18
C PRO A 91 21.10 4.24 -21.07
N GLY A 92 21.94 3.28 -21.41
CA GLY A 92 23.37 3.41 -21.20
C GLY A 92 24.14 2.18 -21.60
N GLU A 93 25.24 1.92 -20.90
CA GLU A 93 26.09 0.76 -21.14
C GLU A 93 26.33 -0.05 -19.85
N LEU A 94 26.91 -1.23 -20.02
CA LEU A 94 27.49 -1.97 -18.92
C LEU A 94 28.77 -2.63 -19.42
N THR A 95 29.90 -2.24 -18.85
CA THR A 95 31.17 -2.91 -19.12
C THR A 95 31.50 -3.98 -18.09
N GLN A 96 31.09 -3.76 -16.83
CA GLN A 96 31.38 -4.70 -15.73
C GLN A 96 30.12 -5.02 -14.93
N SER A 97 30.27 -5.93 -13.97
CA SER A 97 29.17 -6.32 -13.09
C SER A 97 28.72 -5.17 -12.20
N ARG A 98 27.45 -5.17 -11.86
CA ARG A 98 26.85 -4.11 -11.04
C ARG A 98 25.59 -4.64 -10.36
N SER A 99 25.32 -4.14 -9.16
CA SER A 99 24.08 -4.44 -8.46
C SER A 99 23.19 -3.21 -8.37
N TYR A 100 21.91 -3.45 -8.09
CA TYR A 100 20.92 -2.40 -7.95
C TYR A 100 19.98 -2.75 -6.80
N ASP A 101 19.81 -1.82 -5.86
CA ASP A 101 18.80 -1.97 -4.80
C ASP A 101 17.39 -1.76 -5.34
N PHE A 102 16.43 -2.51 -4.79
CA PHE A 102 15.00 -2.25 -5.01
C PHE A 102 14.21 -2.48 -3.72
N GLU A 103 13.08 -1.79 -3.60
CA GLU A 103 12.12 -2.01 -2.53
C GLU A 103 10.73 -1.66 -3.06
N PHE A 104 9.78 -2.58 -2.88
CA PHE A 104 8.38 -2.32 -3.14
C PHE A 104 7.70 -2.20 -1.78
N MET A 105 7.21 -1.01 -1.46
CA MET A 105 6.63 -0.73 -0.14
C MET A 105 5.28 -1.40 0.06
N GLN A 106 5.18 -2.14 1.17
CA GLN A 106 3.91 -2.73 1.64
C GLN A 106 3.01 -3.24 0.52
N VAL A 107 3.45 -4.31 -0.13
CA VAL A 107 2.88 -4.76 -1.40
C VAL A 107 1.57 -5.51 -1.20
N GLU A 108 0.52 -5.07 -1.89
CA GLU A 108 -0.78 -5.76 -1.88
C GLU A 108 -0.73 -7.06 -2.67
N LYS A 109 -1.15 -8.16 -2.04
CA LYS A 109 -1.16 -9.48 -2.66
C LYS A 109 -2.50 -10.16 -2.32
N PRO A 110 -3.59 -9.73 -2.98
CA PRO A 110 -4.95 -10.07 -2.57
C PRO A 110 -5.32 -11.54 -2.65
N TYR A 111 -4.58 -12.34 -3.43
CA TYR A 111 -4.91 -13.73 -3.65
C TYR A 111 -3.76 -14.68 -3.28
N GLU A 112 -4.13 -15.93 -3.07
CA GLU A 112 -3.18 -16.99 -2.76
C GLU A 112 -2.71 -17.65 -4.07
N SER A 113 -1.42 -18.02 -4.09
CA SER A 113 -0.82 -18.70 -5.23
C SER A 113 -1.48 -20.05 -5.45
N TYR A 114 -1.72 -20.43 -6.70
CA TYR A 114 -2.37 -21.70 -7.05
C TYR A 114 -1.97 -22.17 -8.44
N ILE A 115 -1.63 -23.45 -8.55
CA ILE A 115 -1.35 -24.08 -9.83
C ILE A 115 -2.35 -25.21 -9.99
N GLY A 116 -3.19 -25.10 -11.00
CA GLY A 116 -4.24 -26.08 -11.28
C GLY A 116 -4.12 -26.72 -12.64
N ALA A 117 -5.26 -27.14 -13.18
CA ALA A 117 -5.33 -27.74 -14.52
C ALA A 117 -5.38 -26.66 -15.59
N ASN A 118 -6.44 -25.84 -15.51
CA ASN A 118 -6.67 -24.77 -16.47
C ASN A 118 -6.38 -23.38 -15.91
N VAL A 119 -5.75 -23.31 -14.72
CA VAL A 119 -5.47 -22.03 -14.07
C VAL A 119 -4.13 -22.07 -13.37
N ARG A 120 -3.38 -20.99 -13.49
CA ARG A 120 -2.25 -20.69 -12.60
C ARG A 120 -2.40 -19.29 -12.06
N LEU A 121 -2.06 -19.11 -10.80
CA LEU A 121 -1.96 -17.79 -10.20
C LEU A 121 -0.59 -17.74 -9.56
N ARG A 122 0.26 -16.83 -10.01
CA ARG A 122 1.60 -16.72 -9.47
C ARG A 122 2.07 -15.29 -9.35
N TYR A 123 2.89 -15.07 -8.32
CA TYR A 123 3.60 -13.82 -8.13
C TYR A 123 5.06 -14.01 -8.49
N PHE A 124 5.69 -12.97 -9.03
CA PHE A 124 7.12 -13.00 -9.32
C PHE A 124 7.73 -11.62 -9.50
N LEU A 125 9.05 -11.56 -9.35
CA LEU A 125 9.82 -10.37 -9.71
C LEU A 125 10.37 -10.61 -11.10
N LYS A 126 10.19 -9.62 -11.98
CA LYS A 126 10.67 -9.70 -13.37
C LYS A 126 11.63 -8.56 -13.67
N VAL A 127 12.91 -8.92 -13.81
CA VAL A 127 13.93 -7.96 -14.18
C VAL A 127 14.06 -7.94 -15.71
N THR A 128 14.13 -6.74 -16.28
CA THR A 128 14.14 -6.55 -17.73
C THR A 128 15.24 -5.55 -18.13
N ILE A 129 16.31 -6.04 -18.75
CA ILE A 129 17.31 -5.18 -19.40
C ILE A 129 16.84 -5.02 -20.84
N VAL A 130 16.45 -3.80 -21.21
CA VAL A 130 15.87 -3.55 -22.53
C VAL A 130 16.99 -3.36 -23.53
N ARG A 131 16.94 -4.13 -24.63
CA ARG A 131 17.89 -4.03 -25.73
C ARG A 131 17.15 -3.78 -27.04
N ARG A 132 17.92 -3.44 -28.08
CA ARG A 132 17.38 -2.95 -29.35
C ARG A 132 16.35 -3.90 -29.98
N LEU A 133 16.71 -5.18 -30.12
CA LEU A 133 15.79 -6.19 -30.70
C LEU A 133 15.26 -7.28 -29.74
N THR A 134 15.97 -7.58 -28.66
CA THR A 134 15.59 -8.67 -27.73
C THR A 134 15.98 -8.39 -26.29
N ASP A 135 14.98 -8.25 -25.42
CA ASP A 135 15.20 -7.93 -24.00
C ASP A 135 15.75 -9.12 -23.21
N LEU A 136 16.74 -8.89 -22.35
CA LEU A 136 17.17 -9.88 -21.37
C LEU A 136 16.19 -9.81 -20.21
N VAL A 137 15.53 -10.92 -19.92
CA VAL A 137 14.47 -10.97 -18.92
C VAL A 137 14.73 -12.09 -17.94
N LYS A 138 14.50 -11.84 -16.64
CA LYS A 138 14.69 -12.82 -15.58
C LYS A 138 13.50 -12.79 -14.65
N GLU A 139 12.75 -13.89 -14.59
CA GLU A 139 11.64 -14.03 -13.63
C GLU A 139 12.15 -14.69 -12.34
N TYR A 140 11.46 -14.42 -11.24
CA TYR A 140 11.88 -14.86 -9.90
C TYR A 140 10.64 -15.07 -9.03
N ASP A 141 10.25 -16.34 -8.91
CA ASP A 141 8.93 -16.71 -8.40
C ASP A 141 8.82 -16.62 -6.89
N LEU A 142 7.62 -16.31 -6.43
CA LEU A 142 7.31 -16.20 -5.00
C LEU A 142 5.96 -16.87 -4.73
N ILE A 143 5.83 -17.45 -3.53
CA ILE A 143 4.55 -17.98 -3.05
C ILE A 143 3.91 -16.95 -2.14
N VAL A 144 2.61 -16.74 -2.34
CA VAL A 144 1.82 -15.97 -1.40
C VAL A 144 0.73 -16.87 -0.86
N HIS A 145 0.63 -16.92 0.47
CA HIS A 145 -0.47 -17.58 1.18
C HIS A 145 -1.41 -16.51 1.75
N GLN A 146 -2.71 -16.76 1.65
CA GLN A 146 -3.75 -15.89 2.21
C GLN A 146 -4.26 -16.58 3.47
N LEU A 147 -4.16 -15.87 4.59
CA LEU A 147 -4.51 -16.41 5.90
C LEU A 147 -5.91 -15.97 6.29
N ALA A 148 -6.49 -16.67 7.25
CA ALA A 148 -7.76 -16.27 7.86
C ALA A 148 -7.84 -16.74 9.30
N THR A 149 -8.82 -16.18 10.01
CA THR A 149 -9.06 -16.49 11.42
C THR A 149 -10.23 -17.46 11.56
N TYR A 150 -10.42 -17.99 12.78
CA TYR A 150 -11.58 -18.84 13.08
C TYR A 150 -12.86 -18.09 12.68
N PRO A 151 -13.73 -18.75 11.88
CA PRO A 151 -14.92 -18.06 11.38
C PRO A 151 -15.96 -17.69 12.45
N ASP A 152 -16.68 -16.60 12.21
CA ASP A 152 -17.75 -16.13 13.11
C ASP A 152 -18.80 -17.20 13.26
N VAL A 153 -19.42 -17.53 12.13
CA VAL A 153 -20.45 -18.56 12.06
C VAL A 153 -19.80 -19.83 11.54
N ASN A 154 -20.01 -20.92 12.26
CA ASN A 154 -19.64 -22.26 11.79
C ASN A 154 -20.66 -23.27 12.32
N ASN A 155 -21.61 -23.62 11.46
CA ASN A 155 -22.68 -24.52 11.81
C ASN A 155 -22.36 -25.89 11.32
N SER A 156 -22.77 -26.90 12.08
CA SER A 156 -22.64 -28.27 11.64
C SER A 156 -23.56 -28.50 10.44
N ILE A 157 -23.16 -29.39 9.55
CA ILE A 157 -24.02 -29.85 8.47
C ILE A 157 -24.76 -31.07 9.01
N LYS A 158 -26.07 -31.08 8.82
CA LYS A 158 -26.93 -32.19 9.25
C LYS A 158 -28.07 -32.31 8.25
N MET A 159 -28.32 -33.52 7.76
CA MET A 159 -29.24 -33.72 6.63
C MET A 159 -29.84 -35.10 6.51
N GLU A 160 -31.16 -35.14 6.37
CA GLU A 160 -31.92 -36.35 6.18
C GLU A 160 -32.17 -36.52 4.68
N VAL A 161 -31.54 -37.54 4.08
CA VAL A 161 -31.64 -37.83 2.64
C VAL A 161 -31.94 -39.30 2.36
N GLY A 162 -32.27 -39.63 1.11
CA GLY A 162 -32.51 -41.04 0.75
C GLY A 162 -33.10 -41.34 -0.63
N ILE A 163 -33.54 -42.60 -0.77
CA ILE A 163 -34.39 -43.07 -1.86
C ILE A 163 -35.69 -43.49 -1.19
N GLU A 164 -36.84 -43.05 -1.70
CA GLU A 164 -38.13 -43.29 -1.01
C GLU A 164 -38.45 -44.77 -0.79
N ASP A 165 -38.75 -45.12 0.46
CA ASP A 165 -39.07 -46.50 0.88
C ASP A 165 -38.01 -47.53 0.49
N CYS A 166 -36.74 -47.11 0.53
CA CYS A 166 -35.61 -47.99 0.20
C CYS A 166 -34.43 -47.75 1.12
N LEU A 167 -34.02 -46.49 1.21
CA LEU A 167 -32.94 -46.07 2.07
C LEU A 167 -33.25 -44.69 2.60
N HIS A 168 -33.30 -44.51 3.91
CA HIS A 168 -33.29 -43.18 4.53
C HIS A 168 -32.10 -43.14 5.46
N ILE A 169 -31.30 -42.07 5.37
CA ILE A 169 -30.20 -41.82 6.32
C ILE A 169 -30.17 -40.38 6.81
N GLU A 170 -29.48 -40.18 7.94
CA GLU A 170 -29.18 -38.85 8.45
C GLU A 170 -27.67 -38.79 8.64
N PHE A 171 -27.00 -37.98 7.83
CA PHE A 171 -25.58 -37.72 8.01
C PHE A 171 -25.36 -36.38 8.70
N GLU A 172 -24.26 -36.29 9.44
CA GLU A 172 -23.89 -35.06 10.14
C GLU A 172 -22.37 -34.92 10.13
N TYR A 173 -21.88 -33.78 9.63
CA TYR A 173 -20.48 -33.39 9.73
C TYR A 173 -20.42 -32.22 10.70
N ASN A 174 -19.43 -32.23 11.58
CA ASN A 174 -19.36 -31.26 12.70
C ASN A 174 -19.15 -29.80 12.34
N LYS A 175 -18.69 -29.51 11.11
CA LYS A 175 -18.51 -28.12 10.65
C LYS A 175 -18.88 -27.95 9.16
N SER A 176 -19.04 -26.69 8.77
CA SER A 176 -19.12 -26.29 7.36
C SER A 176 -17.79 -25.82 6.81
N LYS A 177 -16.91 -25.36 7.70
CA LYS A 177 -15.64 -24.75 7.33
C LYS A 177 -14.51 -25.41 8.14
N TYR A 178 -13.59 -26.05 7.42
CA TYR A 178 -12.51 -26.79 8.03
C TYR A 178 -11.21 -26.21 7.59
N HIS A 179 -10.28 -26.02 8.52
CA HIS A 179 -8.92 -25.61 8.15
C HIS A 179 -8.11 -26.76 7.52
N LEU A 180 -6.96 -26.44 6.97
CA LEU A 180 -6.24 -27.37 6.09
C LEU A 180 -5.70 -28.61 6.79
N LYS A 181 -5.40 -28.48 8.07
CA LYS A 181 -5.05 -29.62 8.92
C LYS A 181 -6.14 -29.97 9.96
N ASP A 182 -7.40 -29.72 9.59
CA ASP A 182 -8.55 -29.98 10.47
C ASP A 182 -8.95 -31.47 10.33
N VAL A 183 -10.08 -31.83 10.97
CA VAL A 183 -10.59 -33.20 11.02
C VAL A 183 -12.10 -33.16 10.79
N ILE A 184 -12.59 -33.98 9.86
CA ILE A 184 -14.04 -34.17 9.69
C ILE A 184 -14.48 -35.17 10.78
N VAL A 185 -15.14 -34.67 11.82
CA VAL A 185 -15.80 -35.54 12.79
C VAL A 185 -17.26 -35.59 12.39
N GLY A 186 -17.79 -36.78 12.14
CA GLY A 186 -19.18 -36.90 11.72
C GLY A 186 -19.82 -38.22 12.07
N LYS A 187 -21.09 -38.37 11.69
CA LYS A 187 -21.77 -39.65 11.81
C LYS A 187 -22.85 -39.88 10.77
N ILE A 188 -23.06 -41.16 10.43
CA ILE A 188 -24.13 -41.61 9.52
C ILE A 188 -25.10 -42.44 10.35
N TYR A 189 -26.36 -42.03 10.38
CA TYR A 189 -27.41 -42.69 11.16
C TYR A 189 -28.42 -43.26 10.18
N PHE A 190 -28.73 -44.54 10.32
CA PHE A 190 -29.63 -45.23 9.40
C PHE A 190 -31.03 -45.31 9.94
N LEU A 191 -31.99 -44.78 9.18
CA LEU A 191 -33.38 -44.74 9.56
C LEU A 191 -34.23 -45.83 8.91
N LEU A 192 -33.85 -46.25 7.70
CA LEU A 192 -34.56 -47.26 6.94
C LEU A 192 -33.59 -47.90 5.96
N VAL A 193 -33.45 -49.23 6.00
CA VAL A 193 -32.51 -49.94 5.13
C VAL A 193 -33.19 -51.16 4.53
N ARG A 194 -33.72 -50.97 3.32
CA ARG A 194 -34.34 -52.03 2.54
C ARG A 194 -33.53 -52.35 1.29
N ILE A 195 -32.26 -51.93 1.25
CA ILE A 195 -31.34 -52.39 0.23
C ILE A 195 -30.22 -53.11 0.94
N LYS A 196 -29.42 -53.82 0.16
CA LYS A 196 -28.32 -54.61 0.69
C LYS A 196 -27.05 -53.80 0.47
N ILE A 197 -26.52 -53.18 1.52
CA ILE A 197 -25.33 -52.36 1.37
C ILE A 197 -24.05 -53.14 1.67
N GLN A 198 -23.17 -53.19 0.68
CA GLN A 198 -21.86 -53.83 0.80
C GLN A 198 -20.96 -52.93 1.67
N HIS A 199 -20.67 -51.70 1.22
CA HIS A 199 -19.81 -50.77 1.97
C HIS A 199 -20.22 -49.30 1.77
N MET A 200 -19.62 -48.42 2.59
CA MET A 200 -19.83 -46.97 2.52
C MET A 200 -18.51 -46.25 2.72
N GLU A 201 -18.36 -45.12 2.03
CA GLU A 201 -17.17 -44.31 2.10
C GLU A 201 -17.48 -42.84 1.92
N LEU A 202 -16.62 -42.00 2.50
CA LEU A 202 -16.66 -40.56 2.33
C LEU A 202 -15.54 -40.24 1.36
N GLN A 203 -15.83 -39.34 0.43
CA GLN A 203 -14.83 -38.88 -0.54
C GLN A 203 -14.65 -37.39 -0.42
N LEU A 204 -13.42 -36.93 -0.65
CA LEU A 204 -13.14 -35.50 -0.75
C LEU A 204 -12.91 -35.15 -2.21
N ILE A 205 -13.75 -34.25 -2.74
CA ILE A 205 -13.71 -33.89 -4.16
C ILE A 205 -13.35 -32.41 -4.34
N LYS A 206 -12.41 -32.14 -5.25
CA LYS A 206 -11.94 -30.77 -5.56
C LYS A 206 -12.31 -30.37 -6.97
N LYS A 207 -13.27 -29.45 -7.08
CA LYS A 207 -13.68 -28.87 -8.36
C LYS A 207 -12.93 -27.57 -8.61
N GLU A 208 -12.39 -27.41 -9.82
CA GLU A 208 -11.75 -26.18 -10.27
C GLU A 208 -12.51 -25.61 -11.46
N ILE A 209 -13.26 -24.54 -11.21
CA ILE A 209 -14.13 -23.96 -12.25
C ILE A 209 -13.43 -22.73 -12.85
N THR A 210 -13.34 -22.70 -14.19
CA THR A 210 -12.68 -21.62 -14.94
C THR A 210 -13.67 -20.98 -15.94
N GLY A 211 -13.43 -19.71 -16.29
CA GLY A 211 -14.17 -18.98 -17.34
C GLY A 211 -15.10 -17.88 -16.83
N ILE A 212 -16.01 -17.40 -17.68
CA ILE A 212 -17.03 -16.38 -17.33
C ILE A 212 -18.43 -16.65 -17.96
N GLY A 213 -19.45 -16.78 -17.11
CA GLY A 213 -20.84 -16.94 -17.57
C GLY A 213 -21.11 -18.31 -18.18
N PRO A 214 -21.61 -18.36 -19.44
CA PRO A 214 -21.74 -19.64 -20.16
C PRO A 214 -20.41 -20.35 -20.44
N SER A 215 -19.36 -19.56 -20.71
CA SER A 215 -17.98 -20.09 -20.76
C SER A 215 -17.58 -20.60 -19.36
N THR A 216 -17.69 -21.91 -19.16
CA THR A 216 -17.44 -22.56 -17.88
C THR A 216 -16.84 -23.94 -18.10
N THR A 217 -15.65 -24.17 -17.55
CA THR A 217 -15.03 -25.49 -17.57
C THR A 217 -14.76 -25.91 -16.13
N THR A 218 -15.29 -27.06 -15.73
CA THR A 218 -15.05 -27.60 -14.39
C THR A 218 -14.10 -28.78 -14.48
N GLU A 219 -12.99 -28.75 -13.76
CA GLU A 219 -12.08 -29.90 -13.66
C GLU A 219 -12.24 -30.51 -12.28
N THR A 220 -12.74 -31.74 -12.22
CA THR A 220 -12.96 -32.45 -10.96
C THR A 220 -11.83 -33.46 -10.71
N GLU A 221 -11.42 -33.58 -9.45
CA GLU A 221 -10.39 -34.53 -9.05
C GLU A 221 -10.73 -35.10 -7.67
N THR A 222 -10.92 -36.42 -7.59
CA THR A 222 -11.31 -37.08 -6.34
C THR A 222 -10.09 -37.27 -5.44
N ILE A 223 -9.92 -36.34 -4.50
CA ILE A 223 -8.72 -36.28 -3.65
C ILE A 223 -8.60 -37.42 -2.65
N ALA A 224 -9.71 -37.80 -2.02
CA ALA A 224 -9.72 -38.89 -1.03
C ALA A 224 -10.88 -39.83 -1.27
N LYS A 225 -10.60 -41.12 -1.12
CA LYS A 225 -11.64 -42.12 -0.93
C LYS A 225 -11.34 -42.73 0.44
N TYR A 226 -12.28 -42.59 1.36
CA TYR A 226 -12.08 -43.00 2.76
C TYR A 226 -13.23 -43.88 3.21
N GLU A 227 -12.98 -45.21 3.28
CA GLU A 227 -14.00 -46.17 3.74
C GLU A 227 -14.41 -45.82 5.18
N ILE A 228 -15.71 -45.82 5.46
CA ILE A 228 -16.24 -45.61 6.82
C ILE A 228 -17.14 -46.74 7.34
N MET A 229 -17.67 -47.57 6.43
CA MET A 229 -18.42 -48.77 6.79
C MET A 229 -18.04 -49.97 5.91
N ASP A 230 -18.08 -51.15 6.52
CA ASP A 230 -17.79 -52.42 5.85
C ASP A 230 -18.89 -53.40 6.26
N GLY A 231 -19.94 -53.50 5.43
CA GLY A 231 -21.05 -54.42 5.69
C GLY A 231 -22.40 -53.75 5.82
N ALA A 232 -23.42 -54.60 5.96
CA ALA A 232 -24.82 -54.15 5.96
C ALA A 232 -25.21 -53.61 7.33
N PRO A 233 -25.67 -52.37 7.38
CA PRO A 233 -26.31 -51.89 8.60
C PRO A 233 -27.79 -52.26 8.60
N VAL A 234 -28.40 -52.12 9.77
CA VAL A 234 -29.85 -52.19 9.90
C VAL A 234 -30.27 -50.84 10.47
N LYS A 235 -31.56 -50.58 10.56
CA LYS A 235 -32.02 -49.28 11.07
C LYS A 235 -31.60 -49.09 12.52
N GLY A 236 -31.45 -47.83 12.92
CA GLY A 236 -30.98 -47.49 14.26
C GLY A 236 -29.46 -47.54 14.46
N GLU A 237 -28.70 -47.91 13.43
CA GLU A 237 -27.26 -48.05 13.54
C GLU A 237 -26.58 -46.70 13.27
N SER A 238 -25.57 -46.35 14.06
CA SER A 238 -24.77 -45.15 13.84
C SER A 238 -23.34 -45.53 13.47
N ILE A 239 -22.79 -44.91 12.42
CA ILE A 239 -21.41 -45.16 11.97
C ILE A 239 -20.57 -43.91 12.17
N PRO A 240 -19.45 -44.02 12.91
CA PRO A 240 -18.64 -42.82 13.16
C PRO A 240 -17.71 -42.47 12.00
N ILE A 241 -17.46 -41.17 11.85
CA ILE A 241 -16.54 -40.63 10.84
C ILE A 241 -15.48 -39.83 11.56
N ARG A 242 -14.21 -40.15 11.29
CA ARG A 242 -13.07 -39.30 11.67
C ARG A 242 -12.02 -39.30 10.56
N LEU A 243 -12.07 -38.27 9.73
CA LEU A 243 -11.23 -38.14 8.52
C LEU A 243 -10.25 -36.95 8.67
N PHE A 244 -8.97 -37.26 8.81
CA PHE A 244 -7.94 -36.23 9.02
C PHE A 244 -7.51 -35.62 7.69
N LEU A 245 -7.85 -34.34 7.50
CA LEU A 245 -7.54 -33.61 6.26
C LEU A 245 -6.06 -33.38 6.04
N ALA A 246 -5.27 -33.40 7.11
CA ALA A 246 -3.81 -33.31 7.02
C ALA A 246 -3.20 -34.32 6.03
N GLY A 247 -3.75 -35.52 5.98
CA GLY A 247 -3.25 -36.59 5.09
C GLY A 247 -3.20 -36.30 3.59
N TYR A 248 -4.10 -35.44 3.10
CA TYR A 248 -4.28 -35.26 1.65
C TYR A 248 -3.76 -33.93 1.07
N ASP A 249 -3.26 -33.05 1.94
CA ASP A 249 -2.66 -31.76 1.53
C ASP A 249 -3.43 -30.98 0.44
N PRO A 250 -4.66 -30.53 0.76
CA PRO A 250 -5.47 -29.76 -0.19
C PRO A 250 -5.14 -28.26 -0.18
N THR A 251 -5.77 -27.52 -1.08
CA THR A 251 -5.67 -26.05 -1.12
C THR A 251 -6.86 -25.46 -0.36
N PRO A 252 -6.79 -24.16 -0.02
CA PRO A 252 -7.98 -23.48 0.48
C PRO A 252 -9.06 -23.37 -0.58
N THR A 253 -10.31 -23.21 -0.15
CA THR A 253 -11.40 -22.88 -1.06
C THR A 253 -11.15 -21.44 -1.53
N MET A 254 -11.27 -21.22 -2.83
CA MET A 254 -10.97 -19.95 -3.50
C MET A 254 -12.13 -19.64 -4.43
N ARG A 255 -12.94 -18.65 -4.07
CA ARG A 255 -14.25 -18.42 -4.68
C ARG A 255 -14.24 -17.16 -5.54
N ASP A 256 -14.42 -17.32 -6.85
CA ASP A 256 -14.44 -16.19 -7.80
C ASP A 256 -13.22 -15.28 -7.65
N VAL A 257 -12.04 -15.88 -7.74
CA VAL A 257 -10.79 -15.13 -7.67
C VAL A 257 -10.71 -14.26 -8.93
N ASN A 258 -10.80 -12.94 -8.73
CA ASN A 258 -10.69 -11.94 -9.80
C ASN A 258 -11.78 -12.11 -10.86
N LYS A 259 -12.93 -12.66 -10.46
CA LYS A 259 -14.03 -13.09 -11.36
C LYS A 259 -13.57 -14.03 -12.51
N LYS A 260 -12.55 -14.84 -12.24
CA LYS A 260 -11.90 -15.70 -13.25
C LYS A 260 -11.99 -17.19 -12.99
N PHE A 261 -11.74 -17.60 -11.74
CA PHE A 261 -11.83 -19.00 -11.37
C PHE A 261 -12.18 -19.24 -9.91
N SER A 262 -12.78 -20.40 -9.67
CA SER A 262 -13.11 -20.91 -8.35
C SER A 262 -12.34 -22.21 -8.13
N VAL A 263 -12.17 -22.57 -6.87
CA VAL A 263 -11.66 -23.89 -6.47
C VAL A 263 -12.44 -24.25 -5.22
N ARG A 264 -13.29 -25.27 -5.32
CA ARG A 264 -14.23 -25.64 -4.26
C ARG A 264 -14.05 -27.09 -3.86
N TYR A 265 -14.32 -27.40 -2.59
CA TYR A 265 -14.20 -28.78 -2.09
C TYR A 265 -15.55 -29.31 -1.65
N PHE A 266 -15.76 -30.61 -1.88
CA PHE A 266 -17.03 -31.26 -1.57
C PHE A 266 -16.81 -32.58 -0.82
N LEU A 267 -17.69 -32.86 0.13
CA LEU A 267 -17.73 -34.15 0.81
C LEU A 267 -18.79 -35.04 0.17
N ASN A 268 -18.32 -35.97 -0.66
CA ASN A 268 -19.19 -36.89 -1.35
C ASN A 268 -19.30 -38.19 -0.57
N LEU A 269 -20.44 -38.36 0.10
CA LEU A 269 -20.75 -39.60 0.83
C LEU A 269 -21.31 -40.58 -0.17
N VAL A 270 -20.77 -41.81 -0.20
CA VAL A 270 -21.17 -42.82 -1.18
C VAL A 270 -21.40 -44.17 -0.52
N LEU A 271 -22.59 -44.73 -0.68
CA LEU A 271 -22.90 -46.11 -0.28
C LEU A 271 -22.94 -46.96 -1.56
N VAL A 272 -22.51 -48.22 -1.48
CA VAL A 272 -22.45 -49.12 -2.63
C VAL A 272 -23.18 -50.42 -2.27
N ASP A 273 -24.14 -50.85 -3.08
CA ASP A 273 -24.91 -52.08 -2.79
C ASP A 273 -24.23 -53.38 -3.30
N GLU A 274 -24.91 -54.52 -3.14
CA GLU A 274 -24.33 -55.84 -3.49
C GLU A 274 -24.15 -56.01 -5.01
N GLU A 275 -25.03 -55.40 -5.79
CA GLU A 275 -24.90 -55.36 -7.26
C GLU A 275 -24.13 -54.12 -7.78
N ASP A 276 -23.27 -53.53 -6.92
CA ASP A 276 -22.40 -52.40 -7.28
C ASP A 276 -23.04 -51.06 -7.64
N ARG A 277 -24.36 -50.90 -7.42
CA ARG A 277 -25.05 -49.63 -7.66
C ARG A 277 -24.66 -48.68 -6.52
N ARG A 278 -24.61 -47.39 -6.83
CA ARG A 278 -23.82 -46.42 -6.04
C ARG A 278 -24.64 -45.18 -5.70
N TYR A 279 -24.99 -45.04 -4.42
CA TYR A 279 -25.88 -43.98 -3.94
C TYR A 279 -25.03 -42.97 -3.21
N PHE A 280 -25.23 -41.69 -3.50
CA PHE A 280 -24.32 -40.63 -3.05
C PHE A 280 -25.03 -39.33 -2.67
N LYS A 281 -24.35 -38.52 -1.86
CA LYS A 281 -24.78 -37.16 -1.56
C LYS A 281 -23.58 -36.25 -1.36
N GLN A 282 -23.50 -35.23 -2.19
CA GLN A 282 -22.39 -34.30 -2.16
C GLN A 282 -22.76 -33.13 -1.26
N GLN A 283 -21.75 -32.59 -0.57
CA GLN A 283 -21.91 -31.42 0.30
C GLN A 283 -20.68 -30.57 0.22
N GLU A 284 -20.83 -29.30 -0.16
CA GLU A 284 -19.66 -28.43 -0.22
C GLU A 284 -19.21 -28.12 1.19
N ILE A 285 -17.90 -28.18 1.42
CA ILE A 285 -17.27 -27.63 2.60
C ILE A 285 -16.26 -26.57 2.16
N ILE A 286 -16.11 -25.53 2.96
CA ILE A 286 -15.10 -24.51 2.71
C ILE A 286 -13.85 -24.95 3.44
N LEU A 287 -12.71 -24.90 2.75
CA LEU A 287 -11.42 -25.04 3.40
C LEU A 287 -10.79 -23.66 3.54
N TRP A 288 -9.94 -23.50 4.54
CA TRP A 288 -9.25 -22.22 4.79
C TRP A 288 -7.90 -22.45 5.46
N ARG A 289 -6.91 -21.68 5.05
CA ARG A 289 -5.59 -21.74 5.66
C ARG A 289 -5.65 -21.05 6.99
N LYS A 290 -5.42 -21.80 8.06
CA LYS A 290 -5.40 -21.23 9.40
C LYS A 290 -4.13 -20.44 9.60
N ALA A 291 -4.25 -19.30 10.27
CA ALA A 291 -3.10 -18.51 10.67
C ALA A 291 -2.53 -19.14 11.95
N PRO A 292 -1.29 -19.67 11.92
CA PRO A 292 -0.66 -20.09 13.19
C PRO A 292 -0.37 -18.87 14.07
N GLU A 293 -0.44 -19.04 15.39
CA GLU A 293 -0.43 -17.90 16.34
C GLU A 293 0.53 -16.76 15.89
N LYS A 294 1.82 -17.10 15.80
CA LYS A 294 2.81 -16.34 15.03
C LYS A 294 4.18 -17.05 15.06
N THR B 1 -3.29 -33.95 26.75
CA THR B 1 -4.05 -34.77 25.76
C THR B 1 -3.14 -35.24 24.61
N VAL B 2 -3.07 -36.55 24.41
CA VAL B 2 -2.12 -37.17 23.46
C VAL B 2 -2.75 -37.79 22.20
N ALA B 3 -4.08 -37.87 22.16
CA ALA B 3 -4.78 -38.49 21.04
C ALA B 3 -6.13 -37.83 20.87
N ASP B 4 -6.42 -37.40 19.64
CA ASP B 4 -7.71 -36.82 19.31
C ASP B 4 -8.74 -37.94 19.15
N THR B 5 -9.62 -38.06 20.13
CA THR B 5 -10.57 -39.15 20.20
C THR B 5 -12.00 -38.61 20.05
N ARG B 6 -12.19 -37.62 19.19
CA ARG B 6 -13.48 -36.98 19.05
C ARG B 6 -14.39 -37.78 18.17
N ARG B 7 -15.62 -37.98 18.65
CA ARG B 7 -16.72 -38.55 17.88
C ARG B 7 -17.95 -37.72 18.24
N LEU B 8 -18.94 -37.70 17.35
CA LEU B 8 -20.25 -37.18 17.73
C LEU B 8 -20.96 -38.22 18.58
N ILE B 9 -21.87 -37.76 19.42
CA ILE B 9 -22.60 -38.64 20.35
C ILE B 9 -23.71 -39.37 19.58
N THR B 10 -23.92 -40.64 19.91
CA THR B 10 -24.87 -41.47 19.17
C THR B 10 -26.09 -41.83 20.02
N LYS B 11 -27.17 -42.16 19.31
CA LYS B 11 -28.40 -42.67 19.92
C LYS B 11 -28.25 -44.18 20.06
N PRO B 12 -28.46 -44.72 21.28
CA PRO B 12 -28.57 -46.17 21.46
C PRO B 12 -29.56 -46.84 20.49
N GLN B 13 -29.15 -47.97 19.92
CA GLN B 13 -29.98 -48.71 18.98
C GLN B 13 -30.99 -49.54 19.73
N ASN B 14 -32.26 -49.35 19.40
CA ASN B 14 -33.35 -50.13 19.99
C ASN B 14 -33.14 -51.62 19.74
N LEU B 15 -33.31 -52.43 20.78
CA LEU B 15 -32.96 -53.86 20.72
C LEU B 15 -33.80 -54.71 19.75
N ASN B 16 -34.99 -54.26 19.36
CA ASN B 16 -35.73 -54.93 18.30
C ASN B 16 -35.05 -54.78 16.93
N ASP B 17 -34.64 -53.54 16.63
CA ASP B 17 -33.92 -53.25 15.39
C ASP B 17 -32.57 -53.97 15.35
N ALA B 18 -31.85 -53.93 16.47
CA ALA B 18 -30.50 -54.52 16.58
C ALA B 18 -30.45 -56.02 16.30
N TYR B 19 -31.41 -56.77 16.85
CA TYR B 19 -31.42 -58.24 16.74
C TYR B 19 -32.39 -58.79 15.69
N GLY B 20 -33.59 -58.22 15.62
CA GLY B 20 -34.61 -58.62 14.64
C GLY B 20 -34.12 -58.67 13.20
N PRO B 21 -34.71 -59.55 12.37
CA PRO B 21 -34.14 -59.84 11.04
C PRO B 21 -34.12 -58.62 10.11
N PRO B 22 -33.11 -58.52 9.21
CA PRO B 22 -33.01 -57.33 8.37
C PRO B 22 -34.16 -57.20 7.37
N SER B 23 -34.44 -55.97 6.94
CA SER B 23 -35.57 -55.66 6.07
C SER B 23 -35.21 -55.52 4.59
N ASN B 24 -34.08 -56.13 4.18
CA ASN B 24 -33.63 -56.09 2.80
C ASN B 24 -33.55 -57.49 2.18
N PHE B 25 -34.41 -58.41 2.64
CA PHE B 25 -34.37 -59.79 2.15
C PHE B 25 -35.09 -59.89 0.81
N LEU B 26 -34.37 -60.44 -0.17
CA LEU B 26 -34.87 -60.60 -1.53
C LEU B 26 -33.95 -61.57 -2.26
N GLU B 27 -34.43 -62.80 -2.48
CA GLU B 27 -33.71 -63.78 -3.31
C GLU B 27 -34.65 -64.42 -4.35
N ILE B 28 -34.20 -64.44 -5.61
CA ILE B 28 -34.97 -64.95 -6.72
C ILE B 28 -34.15 -66.05 -7.37
N ASP B 29 -34.72 -67.26 -7.46
CA ASP B 29 -34.07 -68.44 -8.06
C ASP B 29 -34.72 -68.81 -9.38
N VAL B 30 -33.90 -68.96 -10.41
CA VAL B 30 -34.35 -69.44 -11.71
C VAL B 30 -33.92 -70.89 -11.78
N SER B 31 -34.89 -71.77 -11.98
CA SER B 31 -34.69 -73.19 -11.79
C SER B 31 -35.63 -74.04 -12.63
N ASN B 32 -35.27 -75.32 -12.76
CA ASN B 32 -36.18 -76.35 -13.24
C ASN B 32 -36.66 -76.11 -14.67
N PRO B 33 -35.73 -76.12 -15.65
CA PRO B 33 -36.09 -75.86 -17.05
C PRO B 33 -36.90 -77.02 -17.63
N GLN B 34 -37.97 -76.71 -18.38
CA GLN B 34 -38.93 -77.70 -18.90
C GLN B 34 -39.48 -77.35 -20.30
N THR B 35 -39.47 -78.33 -21.21
CA THR B 35 -40.09 -78.22 -22.54
C THR B 35 -41.63 -78.15 -22.43
N VAL B 36 -42.27 -77.30 -23.24
CA VAL B 36 -43.76 -77.19 -23.25
C VAL B 36 -44.28 -77.12 -24.69
N GLY B 37 -44.89 -78.22 -25.14
CA GLY B 37 -45.37 -78.37 -26.51
C GLY B 37 -44.72 -79.58 -27.16
N VAL B 38 -45.09 -79.85 -28.40
CA VAL B 38 -44.41 -80.87 -29.22
C VAL B 38 -44.13 -80.30 -30.61
N GLY B 39 -43.03 -80.76 -31.21
CA GLY B 39 -42.67 -80.40 -32.57
C GLY B 39 -42.21 -78.96 -32.72
N ARG B 40 -42.84 -78.24 -33.64
CA ARG B 40 -42.41 -76.87 -34.00
C ARG B 40 -42.83 -75.85 -32.94
N GLY B 41 -43.84 -76.19 -32.13
CA GLY B 41 -44.30 -75.32 -31.04
C GLY B 41 -43.33 -75.21 -29.86
N ARG B 42 -42.52 -76.24 -29.64
CA ARG B 42 -41.70 -76.40 -28.42
C ARG B 42 -40.87 -75.18 -27.99
N PHE B 43 -40.91 -74.90 -26.69
CA PHE B 43 -40.07 -73.88 -26.05
C PHE B 43 -39.82 -74.26 -24.60
N THR B 44 -38.77 -73.71 -24.01
CA THR B 44 -38.42 -74.01 -22.63
C THR B 44 -39.03 -72.95 -21.69
N THR B 45 -39.61 -73.40 -20.57
CA THR B 45 -39.97 -72.50 -19.45
C THR B 45 -39.12 -72.80 -18.19
N TYR B 46 -38.97 -71.77 -17.35
CA TYR B 46 -38.21 -71.86 -16.12
C TYR B 46 -39.12 -71.46 -14.94
N GLU B 47 -38.80 -71.96 -13.73
CA GLU B 47 -39.49 -71.56 -12.50
C GLU B 47 -38.80 -70.36 -11.85
N ILE B 48 -39.56 -69.28 -11.68
CA ILE B 48 -39.04 -68.06 -11.05
C ILE B 48 -39.60 -67.98 -9.64
N ARG B 49 -38.82 -68.50 -8.69
CA ARG B 49 -39.22 -68.63 -7.29
C ARG B 49 -38.70 -67.42 -6.50
N VAL B 50 -39.61 -66.68 -5.85
CA VAL B 50 -39.26 -65.46 -5.10
C VAL B 50 -39.44 -65.67 -3.60
N LYS B 51 -38.51 -65.11 -2.81
CA LYS B 51 -38.64 -65.03 -1.36
C LYS B 51 -38.21 -63.64 -0.94
N THR B 52 -39.03 -62.97 -0.13
CA THR B 52 -38.75 -61.60 0.26
C THR B 52 -39.40 -61.20 1.60
N ASN B 53 -39.04 -60.02 2.08
CA ASN B 53 -39.79 -59.34 3.13
C ASN B 53 -39.96 -57.82 2.89
N LEU B 54 -39.85 -57.39 1.63
CA LEU B 54 -40.04 -55.99 1.27
C LEU B 54 -41.54 -55.76 1.07
N PRO B 55 -42.07 -54.68 1.65
CA PRO B 55 -43.52 -54.44 1.59
C PRO B 55 -44.06 -54.27 0.17
N ILE B 56 -43.24 -53.73 -0.73
CA ILE B 56 -43.66 -53.45 -2.12
C ILE B 56 -44.11 -54.71 -2.88
N PHE B 57 -43.46 -55.85 -2.63
CA PHE B 57 -43.85 -57.13 -3.23
C PHE B 57 -45.08 -57.70 -2.52
N LYS B 58 -46.16 -57.88 -3.27
CA LYS B 58 -47.46 -58.25 -2.69
C LYS B 58 -47.60 -59.69 -2.21
N LEU B 59 -46.60 -60.53 -2.46
CA LEU B 59 -46.51 -61.87 -1.85
C LEU B 59 -45.10 -62.09 -1.31
N LYS B 60 -44.99 -62.59 -0.09
CA LYS B 60 -43.71 -62.81 0.57
C LYS B 60 -42.98 -63.97 -0.09
N GLU B 61 -43.75 -64.98 -0.50
CA GLU B 61 -43.27 -66.08 -1.34
C GLU B 61 -44.16 -66.20 -2.56
N SER B 62 -43.53 -66.50 -3.71
CA SER B 62 -44.25 -66.72 -4.97
C SER B 62 -43.44 -67.66 -5.86
N THR B 63 -44.15 -68.39 -6.71
CA THR B 63 -43.53 -69.22 -7.73
C THR B 63 -44.35 -69.14 -9.02
N VAL B 64 -43.68 -68.81 -10.12
CA VAL B 64 -44.31 -68.72 -11.45
C VAL B 64 -43.40 -69.31 -12.51
N ARG B 65 -44.00 -69.66 -13.65
CA ARG B 65 -43.28 -70.21 -14.80
C ARG B 65 -43.11 -69.13 -15.85
N ARG B 66 -41.88 -68.98 -16.35
CA ARG B 66 -41.53 -67.94 -17.31
C ARG B 66 -40.73 -68.49 -18.50
N ARG B 67 -40.94 -67.84 -19.63
CA ARG B 67 -40.33 -68.14 -20.92
C ARG B 67 -39.24 -67.08 -21.18
N TYR B 68 -38.25 -67.36 -22.03
CA TYR B 68 -37.20 -66.35 -22.32
C TYR B 68 -37.76 -65.09 -23.04
N SER B 69 -38.83 -65.23 -23.80
CA SER B 69 -39.54 -64.07 -24.38
C SER B 69 -40.10 -63.15 -23.31
N ASP B 70 -40.61 -63.74 -22.23
CA ASP B 70 -41.12 -62.97 -21.08
C ASP B 70 -40.02 -62.09 -20.49
N PHE B 71 -38.84 -62.69 -20.28
CA PHE B 71 -37.64 -61.95 -19.84
C PHE B 71 -37.28 -60.78 -20.75
N GLU B 72 -37.41 -60.98 -22.06
CA GLU B 72 -37.22 -59.91 -23.05
C GLU B 72 -38.30 -58.84 -22.94
N TRP B 73 -39.54 -59.26 -22.71
CA TRP B 73 -40.65 -58.31 -22.53
C TRP B 73 -40.47 -57.47 -21.27
N LEU B 74 -40.03 -58.10 -20.17
CA LEU B 74 -39.72 -57.37 -18.92
C LEU B 74 -38.66 -56.30 -19.17
N ARG B 75 -37.55 -56.72 -19.75
CA ARG B 75 -36.42 -55.83 -20.08
C ARG B 75 -36.85 -54.71 -21.02
N SER B 76 -37.71 -55.04 -21.99
CA SER B 76 -38.22 -54.07 -22.96
C SER B 76 -39.15 -53.03 -22.33
N GLU B 77 -40.02 -53.47 -21.43
CA GLU B 77 -40.90 -52.56 -20.69
C GLU B 77 -40.09 -51.62 -19.78
N LEU B 78 -39.11 -52.16 -19.08
CA LEU B 78 -38.21 -51.38 -18.22
C LEU B 78 -37.39 -50.36 -19.00
N GLU B 79 -36.97 -50.69 -20.23
CA GLU B 79 -36.25 -49.73 -21.09
C GLU B 79 -37.09 -48.52 -21.50
N ARG B 80 -38.42 -48.69 -21.59
CA ARG B 80 -39.32 -47.60 -21.96
C ARG B 80 -39.66 -46.69 -20.76
N GLU B 81 -40.45 -47.20 -19.80
CA GLU B 81 -40.97 -46.37 -18.68
C GLU B 81 -39.95 -46.05 -17.58
N SER B 82 -39.10 -47.02 -17.24
CA SER B 82 -38.31 -46.97 -16.01
C SER B 82 -37.25 -45.87 -15.94
N LYS B 83 -36.54 -45.64 -17.05
CA LYS B 83 -35.30 -44.87 -17.05
C LYS B 83 -34.28 -45.45 -16.04
N VAL B 84 -34.17 -46.78 -16.06
CA VAL B 84 -33.13 -47.52 -15.36
C VAL B 84 -32.25 -48.09 -16.47
N VAL B 85 -30.93 -47.94 -16.36
CA VAL B 85 -30.04 -48.69 -17.26
C VAL B 85 -30.18 -50.17 -16.86
N VAL B 86 -30.79 -50.94 -17.77
CA VAL B 86 -31.19 -52.32 -17.48
C VAL B 86 -30.03 -53.23 -17.86
N PRO B 87 -29.72 -54.26 -17.04
CA PRO B 87 -28.60 -55.12 -17.42
C PRO B 87 -28.92 -55.98 -18.66
N PRO B 88 -27.90 -56.62 -19.24
CA PRO B 88 -28.12 -57.42 -20.43
C PRO B 88 -28.73 -58.79 -20.10
N LEU B 89 -29.50 -59.33 -21.04
CA LEU B 89 -29.95 -60.73 -21.01
C LEU B 89 -28.84 -61.62 -21.59
N PRO B 90 -28.87 -62.94 -21.30
CA PRO B 90 -27.79 -63.81 -21.78
C PRO B 90 -27.80 -64.04 -23.29
N GLY B 91 -28.91 -63.70 -23.96
CA GLY B 91 -28.89 -63.50 -25.40
C GLY B 91 -29.83 -64.41 -26.15
N LYS B 92 -30.54 -63.83 -27.11
CA LYS B 92 -31.30 -64.60 -28.07
C LYS B 92 -30.27 -65.31 -28.94
N ALA B 93 -30.34 -66.63 -28.99
CA ALA B 93 -29.46 -67.41 -29.85
C ALA B 93 -30.28 -67.94 -31.03
N PHE B 94 -30.44 -67.11 -32.07
CA PHE B 94 -31.32 -67.45 -33.21
C PHE B 94 -30.87 -68.68 -33.98
N LEU B 95 -29.59 -68.76 -34.28
CA LEU B 95 -29.05 -69.81 -35.13
C LEU B 95 -29.10 -71.20 -34.49
N ARG B 96 -29.33 -71.26 -33.17
CA ARG B 96 -29.60 -72.51 -32.49
C ARG B 96 -30.94 -73.14 -32.92
N GLN B 97 -31.90 -72.31 -33.34
CA GLN B 97 -33.17 -72.81 -33.88
C GLN B 97 -33.05 -73.51 -35.25
N LEU B 98 -31.99 -73.22 -35.98
CA LEU B 98 -31.78 -73.82 -37.31
C LEU B 98 -31.60 -75.33 -37.21
N PRO B 99 -32.07 -76.08 -38.24
CA PRO B 99 -32.10 -77.53 -38.13
C PRO B 99 -30.76 -78.18 -38.52
N PHE B 100 -30.57 -79.43 -38.11
CA PHE B 100 -29.41 -80.24 -38.45
C PHE B 100 -28.06 -79.64 -38.05
N ARG B 101 -28.04 -79.10 -36.83
CA ARG B 101 -26.81 -78.72 -36.15
C ARG B 101 -26.16 -79.95 -35.52
N GLY B 102 -24.92 -79.77 -35.05
CA GLY B 102 -24.22 -80.81 -34.28
C GLY B 102 -24.57 -80.85 -32.79
N ASP B 103 -25.58 -80.11 -32.35
CA ASP B 103 -26.10 -80.18 -30.99
C ASP B 103 -27.62 -80.17 -31.01
N ASP B 104 -28.23 -80.31 -29.83
CA ASP B 104 -29.70 -80.34 -29.71
C ASP B 104 -30.36 -78.96 -29.92
N GLY B 105 -29.57 -77.97 -30.33
CA GLY B 105 -30.09 -76.70 -30.83
C GLY B 105 -30.48 -75.84 -29.66
N ILE B 106 -31.76 -75.50 -29.59
CA ILE B 106 -32.29 -74.64 -28.55
C ILE B 106 -32.44 -75.39 -27.22
N PHE B 107 -32.48 -76.73 -27.29
CA PHE B 107 -32.59 -77.60 -26.13
C PHE B 107 -31.28 -78.32 -25.78
N ASP B 108 -30.15 -77.70 -26.10
CA ASP B 108 -28.84 -78.19 -25.65
C ASP B 108 -28.68 -77.89 -24.16
N ASP B 109 -28.06 -78.80 -23.41
CA ASP B 109 -28.01 -78.66 -21.95
C ASP B 109 -26.96 -77.64 -21.48
N ASN B 110 -25.78 -77.64 -22.10
CA ASN B 110 -24.79 -76.59 -21.86
C ASN B 110 -25.30 -75.20 -22.19
N PHE B 111 -26.21 -75.13 -23.16
CA PHE B 111 -26.91 -73.88 -23.48
C PHE B 111 -27.92 -73.52 -22.38
N ILE B 112 -28.86 -74.42 -22.10
CA ILE B 112 -29.96 -74.15 -21.16
C ILE B 112 -29.43 -73.83 -19.76
N GLU B 113 -28.39 -74.53 -19.33
CA GLU B 113 -27.72 -74.25 -18.05
C GLU B 113 -27.12 -72.83 -18.05
N GLU B 114 -26.38 -72.50 -19.10
CA GLU B 114 -25.71 -71.22 -19.19
C GLU B 114 -26.71 -70.07 -19.29
N ARG B 115 -27.77 -70.27 -20.08
CA ARG B 115 -28.89 -69.32 -20.16
C ARG B 115 -29.57 -69.15 -18.79
N LYS B 116 -29.86 -70.27 -18.13
CA LYS B 116 -30.54 -70.26 -16.83
C LYS B 116 -29.81 -69.40 -15.80
N GLN B 117 -28.49 -69.51 -15.75
CA GLN B 117 -27.67 -68.67 -14.87
C GLN B 117 -27.77 -67.19 -15.24
N GLY B 118 -27.70 -66.90 -16.53
CA GLY B 118 -27.84 -65.52 -17.02
C GLY B 118 -29.16 -64.86 -16.67
N LEU B 119 -30.24 -65.65 -16.68
CA LEU B 119 -31.56 -65.13 -16.31
C LEU B 119 -31.63 -64.84 -14.81
N GLU B 120 -31.04 -65.73 -14.01
CA GLU B 120 -30.92 -65.53 -12.56
C GLU B 120 -30.07 -64.28 -12.28
N GLN B 121 -28.92 -64.21 -12.94
CA GLN B 121 -28.07 -63.00 -12.94
C GLN B 121 -28.88 -61.74 -13.22
N PHE B 122 -29.65 -61.78 -14.30
CA PHE B 122 -30.46 -60.64 -14.75
C PHE B 122 -31.54 -60.23 -13.77
N ILE B 123 -32.38 -61.19 -13.37
CA ILE B 123 -33.55 -60.90 -12.54
C ILE B 123 -33.20 -60.40 -11.14
N ASN B 124 -32.10 -60.90 -10.57
CA ASN B 124 -31.66 -60.44 -9.25
C ASN B 124 -31.13 -59.02 -9.27
N LYS B 125 -30.47 -58.64 -10.37
CA LYS B 125 -30.06 -57.25 -10.58
C LYS B 125 -31.28 -56.34 -10.72
N VAL B 126 -32.12 -56.66 -11.69
CA VAL B 126 -33.33 -55.88 -11.96
C VAL B 126 -34.23 -55.77 -10.72
N ALA B 127 -34.53 -56.90 -10.08
CA ALA B 127 -35.44 -56.92 -8.92
C ALA B 127 -34.90 -56.22 -7.68
N GLY B 128 -33.57 -56.26 -7.48
CA GLY B 128 -32.92 -55.51 -6.41
C GLY B 128 -32.91 -53.99 -6.60
N HIS B 129 -33.06 -53.54 -7.84
CA HIS B 129 -32.98 -52.12 -8.17
C HIS B 129 -34.16 -51.33 -7.58
N PRO B 130 -33.89 -50.15 -6.97
CA PRO B 130 -34.97 -49.37 -6.33
C PRO B 130 -36.02 -48.77 -7.26
N LEU B 131 -35.57 -48.05 -8.28
CA LEU B 131 -36.46 -47.49 -9.31
C LEU B 131 -37.24 -48.54 -10.10
N ALA B 132 -36.68 -49.76 -10.21
CA ALA B 132 -37.34 -50.86 -10.91
C ALA B 132 -38.51 -51.45 -10.12
N GLN B 133 -38.38 -51.53 -8.80
CA GLN B 133 -39.42 -52.07 -7.91
C GLN B 133 -40.75 -51.30 -7.93
N ASN B 134 -40.70 -50.00 -8.18
CA ASN B 134 -41.93 -49.21 -8.39
C ASN B 134 -42.74 -49.69 -9.58
N GLU B 135 -42.08 -49.97 -10.71
CA GLU B 135 -42.75 -50.22 -11.99
C GLU B 135 -43.60 -51.49 -11.97
N ARG B 136 -44.83 -51.40 -12.50
CA ARG B 136 -45.79 -52.50 -12.43
C ARG B 136 -45.33 -53.77 -13.16
N CYS B 137 -44.56 -53.62 -14.24
CA CYS B 137 -44.11 -54.75 -15.05
C CYS B 137 -43.30 -55.80 -14.27
N LEU B 138 -42.50 -55.36 -13.31
CA LEU B 138 -41.65 -56.28 -12.52
C LEU B 138 -42.47 -57.20 -11.63
N HIS B 139 -43.49 -56.65 -10.98
CA HIS B 139 -44.39 -57.44 -10.13
C HIS B 139 -45.23 -58.40 -10.96
N MET B 140 -45.81 -57.86 -12.03
CA MET B 140 -46.53 -58.63 -13.05
C MET B 140 -45.72 -59.88 -13.45
N PHE B 141 -44.44 -59.67 -13.75
CA PHE B 141 -43.53 -60.75 -14.17
C PHE B 141 -43.25 -61.79 -13.07
N LEU B 142 -42.91 -61.31 -11.88
CA LEU B 142 -42.46 -62.19 -10.79
C LEU B 142 -43.59 -62.94 -10.08
N GLN B 143 -44.77 -62.32 -9.96
CA GLN B 143 -45.82 -62.76 -9.04
C GLN B 143 -47.25 -62.94 -9.59
N ASP B 144 -47.53 -62.50 -10.82
CA ASP B 144 -48.77 -62.92 -11.52
C ASP B 144 -48.46 -64.20 -12.30
N GLU B 145 -49.39 -65.16 -12.26
CA GLU B 145 -49.15 -66.46 -12.89
C GLU B 145 -49.06 -66.40 -14.41
N ILE B 146 -49.74 -65.43 -15.04
CA ILE B 146 -49.59 -65.13 -16.47
C ILE B 146 -49.45 -63.63 -16.68
N ILE B 147 -48.61 -63.23 -17.62
CA ILE B 147 -48.36 -61.81 -17.92
C ILE B 147 -49.45 -61.30 -18.86
N ASP B 148 -49.95 -60.10 -18.59
CA ASP B 148 -50.97 -59.45 -19.42
C ASP B 148 -50.29 -58.35 -20.24
N LYS B 149 -49.84 -58.71 -21.45
CA LYS B 149 -49.08 -57.77 -22.29
C LYS B 149 -49.87 -56.54 -22.73
N SER B 150 -51.19 -56.71 -22.92
CA SER B 150 -52.10 -55.59 -23.17
C SER B 150 -52.49 -54.92 -21.84
N TYR B 151 -51.56 -54.13 -21.31
CA TYR B 151 -51.72 -53.44 -20.02
C TYR B 151 -51.26 -51.98 -20.19
N THR B 152 -51.70 -51.11 -19.28
CA THR B 152 -51.23 -49.72 -19.23
C THR B 152 -50.15 -49.58 -18.13
N PRO B 153 -48.89 -49.30 -18.51
CA PRO B 153 -47.79 -49.28 -17.51
C PRO B 153 -47.91 -48.20 -16.43
N SER B 154 -48.06 -48.62 -15.17
CA SER B 154 -48.24 -47.72 -14.04
C SER B 154 -47.03 -47.71 -13.09
N LYS B 155 -47.01 -46.70 -12.21
CA LYS B 155 -46.03 -46.55 -11.12
C LYS B 155 -44.60 -46.40 -11.63
N GLN C 1 -21.29 -46.93 -16.83
CA GLN C 1 -21.07 -48.37 -16.47
C GLN C 1 -21.64 -48.74 -15.08
N PRO C 2 -21.21 -48.04 -13.99
CA PRO C 2 -21.77 -48.30 -12.65
C PRO C 2 -22.79 -47.23 -12.25
N GLU C 3 -24.03 -47.64 -11.94
CA GLU C 3 -25.14 -46.71 -11.75
C GLU C 3 -24.90 -45.78 -10.57
N LEU C 4 -25.28 -44.52 -10.71
CA LEU C 4 -25.01 -43.50 -9.72
C LEU C 4 -26.31 -42.74 -9.43
N TYR C 5 -26.89 -42.95 -8.23
CA TYR C 5 -28.17 -42.34 -7.85
C TYR C 5 -28.07 -41.33 -6.73
N LEU C 6 -28.44 -40.09 -7.02
CA LEU C 6 -28.40 -38.99 -6.05
C LEU C 6 -29.44 -39.24 -4.97
N LEU C 7 -29.05 -39.02 -3.71
CA LEU C 7 -29.94 -39.18 -2.57
C LEU C 7 -30.68 -37.86 -2.35
N ASN C 8 -32.02 -37.93 -2.33
CA ASN C 8 -32.88 -36.74 -2.23
C ASN C 8 -33.21 -36.40 -0.79
N THR C 9 -33.36 -35.11 -0.51
CA THR C 9 -33.78 -34.64 0.82
C THR C 9 -35.25 -34.98 1.06
N MET C 10 -35.62 -35.18 2.34
CA MET C 10 -36.97 -35.58 2.74
C MET C 10 -37.67 -34.44 3.48
N PHE D 1 -30.13 10.68 -31.21
CA PHE D 1 -29.98 9.64 -30.13
C PHE D 1 -29.23 10.19 -28.91
N GLY D 2 -27.93 10.41 -29.05
CA GLY D 2 -27.04 10.76 -27.92
C GLY D 2 -26.13 9.60 -27.53
N PRO D 3 -25.69 9.54 -26.25
CA PRO D 3 -24.99 8.37 -25.73
C PRO D 3 -25.96 7.43 -25.00
N ILE D 4 -25.75 6.12 -25.11
CA ILE D 4 -26.60 5.13 -24.44
C ILE D 4 -26.41 5.11 -22.92
N CYS D 5 -25.23 5.54 -22.46
CA CYS D 5 -24.88 5.48 -21.06
C CYS D 5 -23.87 6.57 -20.73
N GLU D 6 -23.98 7.14 -19.52
CA GLU D 6 -23.04 8.18 -19.06
C GLU D 6 -22.40 7.80 -17.74
N ILE D 7 -21.07 7.80 -17.72
CA ILE D 7 -20.29 7.42 -16.55
C ILE D 7 -19.97 8.64 -15.69
N ASP D 8 -20.27 8.55 -14.40
CA ASP D 8 -19.99 9.62 -13.45
C ASP D 8 -19.36 9.02 -12.19
N ILE D 9 -18.23 9.61 -11.75
CA ILE D 9 -17.56 9.17 -10.52
C ILE D 9 -17.86 10.16 -9.40
N VAL D 10 -18.14 9.62 -8.21
CA VAL D 10 -18.45 10.39 -7.01
C VAL D 10 -17.69 9.80 -5.83
N LEU D 11 -16.68 10.52 -5.35
CA LEU D 11 -15.86 10.07 -4.23
C LEU D 11 -16.66 10.08 -2.93
N ASN D 12 -16.40 9.10 -2.07
CA ASN D 12 -17.08 8.97 -0.77
C ASN D 12 -16.94 10.20 0.11
N ASP D 13 -15.79 10.86 0.04
CA ASP D 13 -15.55 12.10 0.79
C ASP D 13 -15.62 13.34 -0.14
N GLY D 14 -16.61 13.35 -1.03
CA GLY D 14 -16.73 14.41 -2.04
C GLY D 14 -17.27 15.74 -1.54
N GLU D 15 -17.67 15.80 -0.27
CA GLU D 15 -18.18 17.02 0.36
C GLU D 15 -17.06 17.70 1.13
N THR D 16 -16.46 16.94 2.05
CA THR D 16 -15.43 17.45 2.95
C THR D 16 -14.04 17.61 2.33
N ARG D 17 -13.71 16.84 1.29
CA ARG D 17 -12.33 16.83 0.75
C ARG D 17 -11.96 18.15 0.07
N LYS D 18 -10.73 18.58 0.32
CA LYS D 18 -10.22 19.84 -0.21
C LYS D 18 -9.83 19.67 -1.68
N MET D 19 -10.07 20.71 -2.48
CA MET D 19 -9.64 20.75 -3.89
C MET D 19 -8.43 21.67 -4.07
N ALA D 20 -7.83 21.63 -5.26
CA ALA D 20 -6.68 22.46 -5.61
C ALA D 20 -6.73 22.83 -7.09
N GLU D 21 -5.95 23.82 -7.49
CA GLU D 21 -6.02 24.38 -8.85
C GLU D 21 -4.77 24.06 -9.66
N MET D 22 -4.89 24.11 -10.99
CA MET D 22 -3.78 23.81 -11.92
C MET D 22 -3.78 24.74 -13.13
N LYS D 23 -2.71 25.51 -13.32
CA LYS D 23 -2.56 26.38 -14.50
C LYS D 23 -2.20 25.55 -15.76
N THR D 24 -3.16 25.46 -16.71
CA THR D 24 -2.95 24.75 -17.98
C THR D 24 -2.63 25.77 -19.10
N GLU D 25 -2.64 25.34 -20.37
CA GLU D 25 -2.31 26.23 -21.51
C GLU D 25 -3.34 27.36 -21.74
N ASP D 26 -2.84 28.50 -22.22
CA ASP D 26 -3.64 29.71 -22.49
C ASP D 26 -4.28 30.30 -21.21
N GLY D 27 -3.62 30.13 -20.06
CA GLY D 27 -4.08 30.69 -18.79
C GLY D 27 -5.31 30.08 -18.13
N LYS D 28 -5.72 28.90 -18.56
CA LYS D 28 -6.91 28.22 -18.00
C LYS D 28 -6.56 27.61 -16.65
N VAL D 29 -7.54 27.57 -15.74
CA VAL D 29 -7.33 27.04 -14.39
C VAL D 29 -8.38 25.98 -14.09
N GLU D 30 -7.93 24.72 -14.01
CA GLU D 30 -8.78 23.59 -13.63
C GLU D 30 -8.74 23.38 -12.11
N LYS D 31 -9.80 22.78 -11.58
CA LYS D 31 -9.92 22.49 -10.16
C LYS D 31 -10.34 21.03 -9.97
N HIS D 32 -9.43 20.24 -9.40
CA HIS D 32 -9.67 18.83 -9.12
C HIS D 32 -9.43 18.56 -7.64
N TYR D 33 -9.90 17.41 -7.16
CA TYR D 33 -9.70 17.03 -5.76
C TYR D 33 -8.22 16.84 -5.43
N LEU D 34 -7.87 17.09 -4.16
CA LEU D 34 -6.48 17.00 -3.71
C LEU D 34 -6.28 15.70 -2.95
N PHE D 35 -5.19 15.02 -3.26
CA PHE D 35 -4.82 13.76 -2.61
C PHE D 35 -3.34 13.79 -2.22
N TYR D 36 -2.97 12.89 -1.33
CA TYR D 36 -1.61 12.78 -0.80
C TYR D 36 -1.15 11.34 -0.86
N ASP D 37 0.13 11.16 -1.14
CA ASP D 37 0.78 9.85 -1.06
C ASP D 37 0.33 9.12 0.20
N GLY D 38 -0.15 7.89 0.04
CA GLY D 38 -0.61 7.06 1.14
C GLY D 38 -2.11 7.00 1.35
N GLU D 39 -2.84 8.03 0.91
CA GLU D 39 -4.30 8.08 1.07
C GLU D 39 -5.03 7.03 0.24
N SER D 40 -6.16 6.56 0.76
CA SER D 40 -7.03 5.67 0.01
C SER D 40 -8.00 6.49 -0.84
N VAL D 41 -8.20 6.03 -2.08
CA VAL D 41 -9.20 6.57 -3.00
C VAL D 41 -10.36 5.60 -3.05
N SER D 42 -11.56 6.08 -2.75
CA SER D 42 -12.74 5.23 -2.77
C SER D 42 -13.97 6.06 -3.09
N GLY D 43 -14.98 5.40 -3.66
CA GLY D 43 -16.20 6.09 -4.09
C GLY D 43 -17.18 5.19 -4.82
N LYS D 44 -17.96 5.81 -5.70
CA LYS D 44 -18.98 5.13 -6.49
C LYS D 44 -18.85 5.50 -7.95
N VAL D 45 -18.95 4.49 -8.82
CA VAL D 45 -19.11 4.68 -10.26
C VAL D 45 -20.59 4.61 -10.55
N ASN D 46 -21.20 5.72 -10.99
CA ASN D 46 -22.63 5.75 -11.25
C ASN D 46 -22.90 5.80 -12.74
N LEU D 47 -23.53 4.76 -13.27
CA LEU D 47 -23.90 4.68 -14.67
C LEU D 47 -25.33 5.15 -14.88
N ALA D 48 -25.48 6.33 -15.45
CA ALA D 48 -26.79 6.84 -15.85
C ALA D 48 -27.18 6.18 -17.18
N PHE D 49 -28.25 5.40 -17.16
CA PHE D 49 -28.78 4.82 -18.38
C PHE D 49 -29.78 5.78 -19.02
N LYS D 50 -29.48 6.20 -20.25
CA LYS D 50 -30.19 7.30 -20.91
C LYS D 50 -31.29 6.88 -21.90
N GLN D 51 -31.12 5.76 -22.60
CA GLN D 51 -32.08 5.33 -23.62
C GLN D 51 -33.00 4.21 -23.08
N PRO D 52 -34.15 4.56 -22.47
CA PRO D 52 -35.03 3.51 -21.93
C PRO D 52 -35.73 2.72 -23.04
N GLY D 53 -35.73 1.39 -22.90
CA GLY D 53 -36.11 0.49 -23.98
C GLY D 53 -34.90 -0.27 -24.52
N LYS D 54 -33.79 0.44 -24.74
CA LYS D 54 -32.55 -0.17 -25.27
C LYS D 54 -31.76 -0.92 -24.19
N ARG D 55 -30.79 -1.70 -24.65
CA ARG D 55 -29.90 -2.50 -23.79
C ARG D 55 -28.45 -2.34 -24.18
N LEU D 56 -27.57 -2.41 -23.19
CA LEU D 56 -26.13 -2.21 -23.38
C LEU D 56 -25.38 -3.51 -23.13
N GLU D 57 -24.88 -4.12 -24.21
CA GLU D 57 -24.12 -5.36 -24.13
C GLU D 57 -22.64 -5.02 -24.00
N HIS D 58 -22.02 -5.49 -22.91
CA HIS D 58 -20.60 -5.20 -22.64
C HIS D 58 -19.84 -6.48 -22.33
N GLN D 59 -18.52 -6.42 -22.46
CA GLN D 59 -17.62 -7.53 -22.08
C GLN D 59 -16.77 -7.17 -20.86
N GLY D 60 -17.36 -6.39 -19.97
CA GLY D 60 -16.86 -6.17 -18.62
C GLY D 60 -16.66 -4.69 -18.33
N ILE D 61 -16.89 -4.32 -17.08
CA ILE D 61 -16.68 -2.96 -16.61
C ILE D 61 -15.57 -3.02 -15.56
N ARG D 62 -14.67 -2.05 -15.63
CA ARG D 62 -13.61 -1.90 -14.65
C ARG D 62 -13.40 -0.41 -14.30
N ILE D 63 -12.68 -0.16 -13.21
CA ILE D 63 -12.18 1.18 -12.86
C ILE D 63 -10.69 1.09 -12.53
N GLU D 64 -9.92 2.04 -13.03
CA GLU D 64 -8.47 2.08 -12.81
C GLU D 64 -8.07 3.38 -12.14
N PHE D 65 -7.17 3.30 -11.16
CA PHE D 65 -6.46 4.47 -10.67
C PHE D 65 -5.16 4.52 -11.45
N VAL D 66 -4.86 5.67 -12.04
CA VAL D 66 -3.73 5.83 -12.95
C VAL D 66 -2.94 7.06 -12.57
N GLY D 67 -1.62 6.92 -12.52
CA GLY D 67 -0.70 8.04 -12.40
C GLY D 67 0.33 7.86 -13.49
N GLN D 68 0.55 8.89 -14.30
CA GLN D 68 1.40 8.75 -15.49
C GLN D 68 2.10 10.05 -15.88
N ILE D 69 3.10 9.91 -16.75
CA ILE D 69 3.93 11.03 -17.24
C ILE D 69 3.89 11.08 -18.77
N GLU D 70 3.34 12.17 -19.31
CA GLU D 70 3.14 12.36 -20.74
C GLU D 70 4.17 13.35 -21.27
N LEU D 71 4.87 13.00 -22.34
CA LEU D 71 5.95 13.83 -22.87
C LEU D 71 5.66 14.31 -24.31
N PHE D 72 5.80 15.62 -24.56
CA PHE D 72 5.61 16.24 -25.88
C PHE D 72 4.22 16.05 -26.51
N ASN D 73 3.19 15.83 -25.69
CA ASN D 73 1.82 15.48 -26.11
C ASN D 73 1.72 14.24 -27.05
N ASP D 74 2.73 13.38 -26.97
CA ASP D 74 2.92 12.26 -27.88
C ASP D 74 2.30 11.05 -27.18
N LYS D 75 1.15 10.58 -27.64
CA LYS D 75 0.48 9.44 -26.98
C LYS D 75 1.37 8.22 -26.84
N SER D 76 2.23 7.97 -27.83
CA SER D 76 3.18 6.86 -27.80
C SER D 76 4.27 6.98 -26.73
N ASN D 77 4.43 8.19 -26.19
CA ASN D 77 5.43 8.49 -25.18
C ASN D 77 4.85 8.71 -23.77
N THR D 78 3.65 8.18 -23.51
CA THR D 78 3.07 8.16 -22.17
C THR D 78 3.69 7.01 -21.37
N HIS D 79 3.91 7.22 -20.08
CA HIS D 79 4.52 6.22 -19.19
C HIS D 79 3.79 6.16 -17.84
N GLU D 80 3.14 5.03 -17.56
CA GLU D 80 2.39 4.85 -16.31
C GLU D 80 3.29 4.36 -15.20
N PHE D 81 3.40 5.14 -14.13
CA PHE D 81 4.18 4.76 -12.95
C PHE D 81 3.32 4.18 -11.81
N VAL D 82 2.00 4.36 -11.88
CA VAL D 82 1.07 3.69 -10.97
C VAL D 82 -0.19 3.27 -11.73
N ASN D 83 -0.55 1.99 -11.59
CA ASN D 83 -1.78 1.43 -12.16
C ASN D 83 -2.40 0.40 -11.21
N LEU D 84 -3.64 0.65 -10.78
CA LEU D 84 -4.43 -0.27 -9.94
C LEU D 84 -5.80 -0.50 -10.60
N VAL D 85 -6.29 -1.73 -10.58
CA VAL D 85 -7.56 -2.07 -11.25
C VAL D 85 -8.55 -2.64 -10.25
N LYS D 86 -9.83 -2.28 -10.40
CA LYS D 86 -10.93 -2.96 -9.70
C LYS D 86 -11.98 -3.33 -10.72
N GLU D 87 -12.13 -4.63 -10.94
CA GLU D 87 -13.14 -5.13 -11.88
C GLU D 87 -14.49 -4.92 -11.22
N LEU D 88 -15.39 -4.21 -11.89
CA LEU D 88 -16.68 -3.83 -11.31
C LEU D 88 -17.81 -4.75 -11.75
N ALA D 89 -17.78 -5.16 -13.02
CA ALA D 89 -18.79 -6.08 -13.57
C ALA D 89 -18.17 -7.05 -14.57
N LEU D 90 -18.65 -8.30 -14.54
CA LEU D 90 -18.31 -9.30 -15.57
C LEU D 90 -19.09 -8.99 -16.85
N PRO D 91 -18.66 -9.59 -17.99
CA PRO D 91 -19.42 -9.50 -19.24
C PRO D 91 -20.91 -9.76 -19.03
N GLY D 92 -21.75 -8.92 -19.63
CA GLY D 92 -23.19 -8.98 -19.38
C GLY D 92 -23.96 -7.91 -20.11
N GLU D 93 -25.06 -7.46 -19.50
CA GLU D 93 -25.91 -6.40 -20.04
C GLU D 93 -26.14 -5.28 -19.03
N LEU D 94 -26.72 -4.18 -19.52
CA LEU D 94 -27.30 -3.16 -18.67
C LEU D 94 -28.58 -2.68 -19.33
N THR D 95 -29.70 -2.88 -18.66
CA THR D 95 -30.97 -2.32 -19.10
C THR D 95 -31.29 -0.99 -18.41
N GLN D 96 -30.89 -0.86 -17.14
CA GLN D 96 -31.17 0.34 -16.35
C GLN D 96 -29.90 0.87 -15.67
N SER D 97 -30.05 2.01 -15.01
CA SER D 97 -28.95 2.64 -14.27
C SER D 97 -28.49 1.78 -13.10
N ARG D 98 -27.21 1.86 -12.79
CA ARG D 98 -26.62 1.07 -11.70
C ARG D 98 -25.36 1.77 -11.20
N SER D 99 -25.08 1.62 -9.91
CA SER D 99 -23.84 2.10 -9.33
C SER D 99 -22.94 0.94 -8.89
N TYR D 100 -21.66 1.24 -8.70
CA TYR D 100 -20.67 0.27 -8.28
C TYR D 100 -19.73 0.92 -7.27
N ASP D 101 -19.54 0.29 -6.11
CA ASP D 101 -18.54 0.72 -5.14
C ASP D 101 -17.13 0.38 -5.61
N PHE D 102 -16.17 1.24 -5.29
CA PHE D 102 -14.74 0.92 -5.43
C PHE D 102 -13.94 1.50 -4.27
N GLU D 103 -12.82 0.86 -3.97
CA GLU D 103 -11.84 1.38 -2.99
C GLU D 103 -10.47 0.89 -3.42
N PHE D 104 -9.52 1.82 -3.49
CA PHE D 104 -8.11 1.48 -3.68
C PHE D 104 -7.42 1.76 -2.35
N MET D 105 -6.94 0.70 -1.72
CA MET D 105 -6.36 0.79 -0.37
C MET D 105 -5.00 1.50 -0.37
N GLN D 106 -4.89 2.51 0.49
CA GLN D 106 -3.62 3.21 0.77
C GLN D 106 -2.72 3.39 -0.44
N VAL D 107 -3.16 4.23 -1.37
CA VAL D 107 -2.61 4.30 -2.72
C VAL D 107 -1.30 5.08 -2.73
N GLU D 108 -0.24 4.46 -3.28
CA GLU D 108 1.06 5.13 -3.47
C GLU D 108 1.01 6.16 -4.59
N LYS D 109 1.43 7.38 -4.29
CA LYS D 109 1.44 8.49 -5.25
C LYS D 109 2.78 9.23 -5.12
N PRO D 110 3.87 8.62 -5.64
CA PRO D 110 5.23 9.07 -5.34
C PRO D 110 5.59 10.46 -5.82
N TYR D 111 4.86 11.00 -6.79
CA TYR D 111 5.19 12.28 -7.40
C TYR D 111 4.05 13.29 -7.31
N GLU D 112 4.42 14.56 -7.45
CA GLU D 112 3.47 15.66 -7.44
C GLU D 112 2.99 15.94 -8.88
N SER D 113 1.71 16.28 -9.00
CA SER D 113 1.11 16.63 -10.28
C SER D 113 1.76 17.86 -10.87
N TYR D 114 2.01 17.87 -12.18
CA TYR D 114 2.65 19.00 -12.86
C TYR D 114 2.24 19.06 -14.33
N ILE D 115 1.90 20.26 -14.79
CA ILE D 115 1.62 20.52 -16.19
C ILE D 115 2.61 21.55 -16.66
N GLY D 116 3.46 21.17 -17.61
CA GLY D 116 4.50 22.03 -18.15
C GLY D 116 4.38 22.28 -19.64
N ALA D 117 5.52 22.51 -20.29
CA ALA D 117 5.58 22.72 -21.74
C ALA D 117 5.63 21.38 -22.46
N ASN D 118 6.68 20.62 -22.17
CA ASN D 118 6.91 19.32 -22.79
C ASN D 118 6.61 18.14 -21.85
N VAL D 119 5.99 18.40 -20.70
CA VAL D 119 5.72 17.36 -19.72
C VAL D 119 4.38 17.59 -19.04
N ARG D 120 3.62 16.52 -18.86
CA ARG D 120 2.49 16.49 -17.92
C ARG D 120 2.66 15.29 -17.01
N LEU D 121 2.31 15.47 -15.75
CA LEU D 121 2.22 14.37 -14.81
C LEU D 121 0.84 14.50 -14.17
N ARG D 122 0.00 13.50 -14.35
CA ARG D 122 -1.35 13.56 -13.80
C ARG D 122 -1.82 12.22 -13.27
N TYR D 123 -2.62 12.30 -12.23
CA TYR D 123 -3.34 11.15 -11.69
C TYR D 123 -4.81 11.24 -12.09
N PHE D 124 -5.44 10.08 -12.30
CA PHE D 124 -6.86 10.04 -12.60
C PHE D 124 -7.47 8.66 -12.38
N LEU D 125 -8.80 8.65 -12.21
CA LEU D 125 -9.57 7.42 -12.22
C LEU D 125 -10.13 7.25 -13.62
N LYS D 126 -9.96 6.06 -14.20
CA LYS D 126 -10.43 5.76 -15.55
C LYS D 126 -11.41 4.59 -15.53
N VAL D 127 -12.69 4.89 -15.75
CA VAL D 127 -13.71 3.86 -15.84
C VAL D 127 -13.84 3.42 -17.29
N THR D 128 -13.93 2.11 -17.51
CA THR D 128 -13.94 1.53 -18.85
C THR D 128 -15.03 0.46 -18.96
N ILE D 129 -16.12 0.76 -19.68
CA ILE D 129 -17.11 -0.24 -20.06
C ILE D 129 -16.66 -0.81 -21.41
N VAL D 130 -16.27 -2.07 -21.43
CA VAL D 130 -15.69 -2.68 -22.63
C VAL D 130 -16.82 -3.14 -23.53
N ARG D 131 -16.77 -2.70 -24.80
CA ARG D 131 -17.73 -3.10 -25.83
C ARG D 131 -16.99 -3.72 -27.02
N ARG D 132 -17.76 -4.32 -27.92
CA ARG D 132 -17.23 -5.15 -29.00
C ARG D 132 -16.20 -4.41 -29.87
N LEU D 133 -16.56 -3.22 -30.37
CA LEU D 133 -15.65 -2.40 -31.20
C LEU D 133 -15.11 -1.11 -30.59
N THR D 134 -15.81 -0.52 -29.63
CA THR D 134 -15.42 0.78 -29.05
C THR D 134 -15.81 0.92 -27.57
N ASP D 135 -14.80 1.03 -26.71
CA ASP D 135 -15.02 1.11 -25.25
C ASP D 135 -15.56 2.48 -24.82
N LEU D 136 -16.55 2.49 -23.92
CA LEU D 136 -16.97 3.72 -23.27
C LEU D 136 -16.00 3.98 -22.13
N VAL D 137 -15.32 5.12 -22.17
CA VAL D 137 -14.26 5.44 -21.22
C VAL D 137 -14.51 6.80 -20.58
N LYS D 138 -14.28 6.90 -19.28
CA LYS D 138 -14.46 8.15 -18.52
C LYS D 138 -13.26 8.37 -17.62
N GLU D 139 -12.52 9.45 -17.87
CA GLU D 139 -11.40 9.84 -17.00
C GLU D 139 -11.91 10.84 -15.94
N TYR D 140 -11.22 10.88 -14.80
CA TYR D 140 -11.63 11.67 -13.65
C TYR D 140 -10.38 12.11 -12.88
N ASP D 141 -9.98 13.37 -13.12
CA ASP D 141 -8.66 13.86 -12.73
C ASP D 141 -8.54 14.20 -11.26
N LEU D 142 -7.34 14.02 -10.73
CA LEU D 142 -7.02 14.31 -9.33
C LEU D 142 -5.68 15.03 -9.26
N ILE D 143 -5.55 15.91 -8.27
CA ILE D 143 -4.26 16.55 -7.96
C ILE D 143 -3.62 15.82 -6.81
N VAL D 144 -2.32 15.55 -6.94
CA VAL D 144 -1.52 15.07 -5.83
C VAL D 144 -0.43 16.08 -5.57
N HIS D 145 -0.33 16.50 -4.30
CA HIS D 145 0.79 17.33 -3.81
C HIS D 145 1.72 16.46 -2.97
N GLN D 146 3.02 16.67 -3.13
CA GLN D 146 4.07 15.99 -2.37
C GLN D 146 4.57 17.00 -1.35
N LEU D 147 4.48 16.63 -0.07
CA LEU D 147 4.84 17.50 1.03
C LEU D 147 6.24 17.18 1.52
N ALA D 148 6.83 18.13 2.26
CA ALA D 148 8.10 17.90 2.94
C ALA D 148 8.18 18.76 4.19
N THR D 149 9.17 18.42 5.02
CA THR D 149 9.42 19.10 6.30
C THR D 149 10.60 20.08 6.16
N TYR D 150 10.79 20.92 7.17
CA TYR D 150 11.94 21.81 7.23
C TYR D 150 13.22 20.99 7.04
N PRO D 151 14.09 21.39 6.10
CA PRO D 151 15.27 20.58 5.79
C PRO D 151 16.32 20.52 6.91
N ASP D 152 17.04 19.40 7.00
CA ASP D 152 18.11 19.21 7.99
C ASP D 152 19.17 20.27 7.83
N VAL D 153 19.78 20.28 6.64
CA VAL D 153 20.81 21.24 6.29
C VAL D 153 20.17 22.32 5.44
N ASN D 154 20.38 23.57 5.83
CA ASN D 154 20.01 24.73 5.00
C ASN D 154 21.03 25.83 5.24
N ASN D 155 21.97 25.93 4.31
CA ASN D 155 23.05 26.90 4.39
C ASN D 155 22.72 28.07 3.54
N SER D 156 23.15 29.26 3.98
CA SER D 156 23.01 30.45 3.18
C SER D 156 23.93 30.33 1.96
N ILE D 157 23.53 30.94 0.86
CA ILE D 157 24.38 31.08 -0.31
C ILE D 157 25.13 32.40 -0.14
N LYS D 158 26.44 32.36 -0.32
CA LYS D 158 27.30 33.54 -0.21
C LYS D 158 28.44 33.37 -1.22
N MET D 159 28.69 34.40 -2.03
CA MET D 159 29.60 34.27 -3.18
C MET D 159 30.21 35.57 -3.67
N GLU D 160 31.52 35.56 -3.83
CA GLU D 160 32.28 36.67 -4.34
C GLU D 160 32.53 36.42 -5.84
N VAL D 161 31.90 37.23 -6.69
CA VAL D 161 31.98 37.10 -8.16
C VAL D 161 32.29 38.45 -8.83
N GLY D 162 32.61 38.42 -10.13
CA GLY D 162 32.85 39.65 -10.87
C GLY D 162 33.44 39.58 -12.28
N ILE D 163 33.87 40.74 -12.76
CA ILE D 163 34.72 40.88 -13.95
C ILE D 163 36.03 41.48 -13.42
N GLU D 164 37.18 40.91 -13.80
CA GLU D 164 38.47 41.32 -13.20
C GLU D 164 38.79 42.81 -13.41
N ASP D 165 39.10 43.50 -12.30
CA ASP D 165 39.42 44.93 -12.29
C ASP D 165 38.36 45.81 -12.93
N CYS D 166 37.09 45.42 -12.79
CA CYS D 166 35.96 46.18 -13.33
C CYS D 166 34.79 46.21 -12.38
N LEU D 167 34.38 45.03 -11.94
CA LEU D 167 33.29 44.87 -11.00
C LEU D 167 33.60 43.68 -10.12
N HIS D 168 33.66 43.87 -8.79
CA HIS D 168 33.65 42.76 -7.82
C HIS D 168 32.46 42.99 -6.92
N ILE D 169 31.67 41.94 -6.70
CA ILE D 169 30.56 41.97 -5.73
C ILE D 169 30.54 40.72 -4.85
N GLU D 170 29.86 40.83 -3.71
CA GLU D 170 29.55 39.71 -2.85
C GLU D 170 28.04 39.70 -2.64
N PHE D 171 27.37 38.70 -3.20
CA PHE D 171 25.96 38.51 -2.94
C PHE D 171 25.73 37.42 -1.90
N GLU D 172 24.63 37.53 -1.16
CA GLU D 172 24.27 36.55 -0.15
C GLU D 172 22.76 36.42 -0.11
N TYR D 173 22.26 35.18 -0.28
CA TYR D 173 20.86 34.84 -0.06
C TYR D 173 20.80 33.99 1.20
N ASN D 174 19.80 34.24 2.04
CA ASN D 174 19.75 33.61 3.38
C ASN D 174 19.53 32.11 3.44
N LYS D 175 19.06 31.50 2.35
CA LYS D 175 18.88 30.04 2.28
C LYS D 175 19.25 29.46 0.91
N SER D 176 19.40 28.14 0.88
CA SER D 176 19.48 27.36 -0.37
C SER D 176 18.13 26.77 -0.76
N LYS D 177 17.26 26.58 0.23
CA LYS D 177 15.98 25.89 0.05
C LYS D 177 14.87 26.75 0.64
N TYR D 178 13.95 27.16 -0.22
CA TYR D 178 12.87 28.05 0.18
C TYR D 178 11.57 27.37 -0.09
N HIS D 179 10.64 27.45 0.86
CA HIS D 179 9.28 26.95 0.62
C HIS D 179 8.47 27.90 -0.29
N LEU D 180 7.31 27.43 -0.74
CA LEU D 180 6.59 28.08 -1.84
C LEU D 180 6.06 29.47 -1.50
N LYS D 181 5.77 29.71 -0.22
CA LYS D 181 5.41 31.03 0.26
C LYS D 181 6.51 31.65 1.16
N ASP D 182 7.77 31.31 0.88
CA ASP D 182 8.92 31.81 1.64
C ASP D 182 9.33 33.19 1.09
N VAL D 183 10.45 33.71 1.60
CA VAL D 183 10.96 35.03 1.28
C VAL D 183 12.48 34.94 1.05
N ILE D 184 12.96 35.47 -0.07
CA ILE D 184 14.41 35.61 -0.29
C ILE D 184 14.86 36.85 0.48
N VAL D 185 15.52 36.66 1.61
CA VAL D 185 16.20 37.76 2.30
C VAL D 185 17.65 37.70 1.89
N GLY D 186 18.18 38.78 1.32
CA GLY D 186 19.57 38.77 0.89
C GLY D 186 20.22 40.12 0.84
N LYS D 187 21.49 40.17 0.44
CA LYS D 187 22.16 41.43 0.19
C LYS D 187 23.25 41.36 -0.88
N ILE D 188 23.45 42.49 -1.56
CA ILE D 188 24.51 42.66 -2.57
C ILE D 188 25.49 43.69 -2.00
N TYR D 189 26.75 43.31 -1.87
CA TYR D 189 27.80 44.15 -1.31
C TYR D 189 28.81 44.42 -2.40
N PHE D 190 29.13 45.69 -2.62
CA PHE D 190 30.01 46.09 -3.71
C PHE D 190 31.43 46.32 -3.21
N LEU D 191 32.37 45.60 -3.81
CA LEU D 191 33.78 45.66 -3.43
C LEU D 191 34.62 46.52 -4.36
N LEU D 192 34.22 46.59 -5.64
CA LEU D 192 34.94 47.36 -6.65
C LEU D 192 33.96 47.70 -7.76
N VAL D 193 33.83 48.98 -8.11
CA VAL D 193 32.88 49.43 -9.13
C VAL D 193 33.55 50.43 -10.05
N ARG D 194 34.08 49.92 -11.15
CA ARG D 194 34.70 50.71 -12.20
C ARG D 194 33.89 50.68 -13.48
N ILE D 195 32.62 50.26 -13.40
CA ILE D 195 31.69 50.42 -14.51
C ILE D 195 30.58 51.31 -14.02
N LYS D 196 29.78 51.79 -14.96
CA LYS D 196 28.68 52.69 -14.68
C LYS D 196 27.42 51.86 -14.65
N ILE D 197 26.88 51.55 -13.47
CA ILE D 197 25.69 50.72 -13.37
C ILE D 197 24.42 51.57 -13.30
N GLN D 198 23.52 51.35 -14.27
CA GLN D 198 22.22 51.99 -14.32
C GLN D 198 21.32 51.38 -13.23
N HIS D 199 21.03 50.08 -13.33
CA HIS D 199 20.17 49.38 -12.34
C HIS D 199 20.58 47.91 -12.12
N MET D 200 19.98 47.30 -11.10
CA MET D 200 20.19 45.88 -10.76
C MET D 200 18.86 45.26 -10.36
N GLU D 201 18.72 43.98 -10.70
CA GLU D 201 17.52 43.22 -10.42
C GLU D 201 17.83 41.75 -10.18
N LEU D 202 16.97 41.12 -9.39
CA LEU D 202 17.01 39.68 -9.15
C LEU D 202 15.89 39.10 -9.99
N GLN D 203 16.16 37.98 -10.64
CA GLN D 203 15.17 37.28 -11.43
C GLN D 203 14.97 35.88 -10.90
N LEU D 204 13.76 35.37 -11.00
CA LEU D 204 13.47 33.99 -10.68
C LEU D 204 13.24 33.24 -11.99
N ILE D 205 14.06 32.22 -12.25
CA ILE D 205 14.02 31.49 -13.52
C ILE D 205 13.66 30.01 -13.28
N LYS D 206 12.71 29.50 -14.08
CA LYS D 206 12.24 28.10 -13.98
C LYS D 206 12.61 27.32 -15.24
N LYS D 207 13.56 26.40 -15.09
CA LYS D 207 13.96 25.50 -16.17
C LYS D 207 13.21 24.17 -16.04
N GLU D 208 12.66 23.69 -17.16
CA GLU D 208 12.01 22.38 -17.24
C GLU D 208 12.78 21.50 -18.23
N ILE D 209 13.54 20.54 -17.71
CA ILE D 209 14.38 19.70 -18.53
C ILE D 209 13.69 18.35 -18.77
N THR D 210 13.58 17.95 -20.05
CA THR D 210 12.93 16.69 -20.47
C THR D 210 13.90 15.81 -21.26
N GLY D 211 13.65 14.49 -21.23
CA GLY D 211 14.40 13.50 -22.04
C GLY D 211 15.32 12.59 -21.25
N ILE D 212 16.23 11.89 -21.95
CA ILE D 212 17.26 11.00 -21.32
C ILE D 212 18.65 11.08 -22.01
N GLY D 213 19.69 11.44 -21.23
CA GLY D 213 21.06 11.46 -21.72
C GLY D 213 21.33 12.60 -22.69
N PRO D 214 21.83 12.30 -23.92
CA PRO D 214 21.96 13.33 -24.97
C PRO D 214 20.62 13.93 -25.43
N SER D 215 19.57 13.11 -25.46
CA SER D 215 18.19 13.61 -25.65
C SER D 215 17.80 14.48 -24.45
N THR D 216 17.90 15.80 -24.63
CA THR D 216 17.67 16.77 -23.56
C THR D 216 17.07 18.05 -24.16
N THR D 217 15.88 18.43 -23.69
CA THR D 217 15.26 19.69 -24.08
C THR D 217 15.00 20.49 -22.82
N THR D 218 15.52 21.70 -22.75
CA THR D 218 15.31 22.60 -21.61
C THR D 218 14.36 23.71 -22.02
N GLU D 219 13.25 23.88 -21.32
CA GLU D 219 12.34 25.02 -21.54
C GLU D 219 12.50 25.98 -20.37
N THR D 220 13.01 27.18 -20.66
CA THR D 220 13.23 28.22 -19.66
C THR D 220 12.11 29.26 -19.69
N GLU D 221 11.70 29.73 -18.50
CA GLU D 221 10.67 30.75 -18.38
C GLU D 221 11.04 31.68 -17.22
N THR D 222 11.22 32.98 -17.51
CA THR D 222 11.61 33.95 -16.50
C THR D 222 10.41 34.38 -15.68
N ILE D 223 10.23 33.75 -14.51
CA ILE D 223 9.04 33.93 -13.67
C ILE D 223 8.93 35.31 -13.02
N ALA D 224 10.04 35.84 -12.53
CA ALA D 224 10.06 37.17 -11.89
C ALA D 224 11.21 38.00 -12.38
N LYS D 225 10.95 39.29 -12.59
CA LYS D 225 11.98 40.30 -12.69
C LYS D 225 11.68 41.25 -11.54
N TYR D 226 12.63 41.38 -10.61
CA TYR D 226 12.44 42.15 -9.39
C TYR D 226 13.59 43.13 -9.22
N GLU D 227 13.35 44.42 -9.51
CA GLU D 227 14.37 45.46 -9.33
C GLU D 227 14.78 45.53 -7.86
N ILE D 228 16.08 45.61 -7.60
CA ILE D 228 16.61 45.78 -6.24
C ILE D 228 17.52 47.01 -6.06
N MET D 229 18.05 47.55 -7.16
CA MET D 229 18.81 48.81 -7.15
C MET D 229 18.42 49.72 -8.32
N ASP D 230 18.46 51.02 -8.07
CA ASP D 230 18.17 52.05 -9.06
C ASP D 230 19.28 53.11 -8.95
N GLY D 231 20.31 52.97 -9.77
CA GLY D 231 21.43 53.92 -9.78
C GLY D 231 22.78 53.32 -9.49
N ALA D 232 23.80 54.16 -9.59
CA ALA D 232 25.20 53.73 -9.46
C ALA D 232 25.60 53.60 -8.00
N PRO D 233 26.06 52.40 -7.61
CA PRO D 233 26.70 52.28 -6.31
C PRO D 233 28.18 52.64 -6.43
N VAL D 234 28.80 52.83 -5.27
CA VAL D 234 30.25 52.93 -5.16
C VAL D 234 30.67 51.78 -4.24
N LYS D 235 31.96 51.55 -4.08
CA LYS D 235 32.42 50.44 -3.24
C LYS D 235 32.00 50.67 -1.78
N GLY D 236 31.85 49.58 -1.05
CA GLY D 236 31.39 49.61 0.32
C GLY D 236 29.89 49.72 0.51
N GLU D 237 29.12 49.80 -0.58
CA GLU D 237 27.67 49.97 -0.50
C GLU D 237 26.99 48.60 -0.39
N SER D 238 25.98 48.48 0.47
CA SER D 238 25.18 47.26 0.61
C SER D 238 23.75 47.53 0.14
N ILE D 239 23.19 46.65 -0.69
CA ILE D 239 21.82 46.77 -1.19
C ILE D 239 20.97 45.63 -0.64
N PRO D 240 19.86 45.94 0.05
CA PRO D 240 19.05 44.86 0.62
C PRO D 240 18.11 44.20 -0.39
N ILE D 241 17.86 42.90 -0.18
CA ILE D 241 16.93 42.11 -0.99
C ILE D 241 15.86 41.56 -0.07
N ARG D 242 14.60 41.78 -0.42
CA ARG D 242 13.46 41.07 0.19
C ARG D 242 12.41 40.77 -0.87
N LEU D 243 12.45 39.55 -1.39
CA LEU D 243 11.61 39.09 -2.50
C LEU D 243 10.63 38.00 -2.03
N PHE D 244 9.34 38.34 -1.97
CA PHE D 244 8.31 37.41 -1.49
C PHE D 244 7.87 36.45 -2.59
N LEU D 245 8.21 35.16 -2.42
CA LEU D 245 7.90 34.13 -3.40
C LEU D 245 6.41 33.85 -3.54
N ALA D 246 5.63 34.17 -2.51
CA ALA D 246 4.18 34.06 -2.57
C ALA D 246 3.55 34.75 -3.80
N GLY D 247 4.11 35.90 -4.19
CA GLY D 247 3.62 36.67 -5.34
C GLY D 247 3.55 35.98 -6.69
N TYR D 248 4.45 35.02 -6.94
CA TYR D 248 4.63 34.44 -8.27
C TYR D 248 4.09 33.00 -8.46
N ASP D 249 3.59 32.39 -7.38
CA ASP D 249 2.99 31.05 -7.42
C ASP D 249 3.75 29.99 -8.25
N PRO D 250 4.99 29.65 -7.83
CA PRO D 250 5.79 28.65 -8.53
C PRO D 250 5.46 27.20 -8.10
N THR D 251 6.08 26.23 -8.76
CA THR D 251 5.98 24.82 -8.39
C THR D 251 7.17 24.46 -7.50
N PRO D 252 7.10 23.30 -6.82
CA PRO D 252 8.30 22.78 -6.14
C PRO D 252 9.36 22.37 -7.15
N THR D 253 10.62 22.33 -6.69
CA THR D 253 11.70 21.77 -7.48
C THR D 253 11.45 20.26 -7.52
N MET D 254 11.57 19.70 -8.72
CA MET D 254 11.26 18.29 -9.00
C MET D 254 12.42 17.72 -9.81
N ARG D 255 13.23 16.88 -9.20
CA ARG D 255 14.53 16.48 -9.73
C ARG D 255 14.52 15.02 -10.21
N ASP D 256 14.69 14.81 -11.51
CA ASP D 256 14.70 13.47 -12.10
C ASP D 256 13.48 12.64 -11.71
N VAL D 257 12.30 13.19 -11.96
CA VAL D 257 11.05 12.49 -11.68
C VAL D 257 10.97 11.31 -12.64
N ASN D 258 11.06 10.09 -12.08
CA ASN D 258 10.93 8.84 -12.83
C ASN D 258 12.03 8.70 -13.91
N LYS D 259 13.19 9.35 -13.68
CA LYS D 259 14.27 9.50 -14.67
C LYS D 259 13.81 10.08 -16.03
N LYS D 260 12.79 10.95 -15.98
CA LYS D 260 12.14 11.48 -17.19
C LYS D 260 12.24 12.99 -17.36
N PHE D 261 11.99 13.73 -16.27
CA PHE D 261 12.08 15.19 -16.31
C PHE D 261 12.45 15.81 -14.98
N SER D 262 13.05 16.99 -15.07
CA SER D 262 13.38 17.85 -13.94
C SER D 262 12.63 19.16 -14.09
N VAL D 263 12.45 19.86 -12.98
CA VAL D 263 11.94 21.24 -12.96
C VAL D 263 12.73 21.93 -11.86
N ARG D 264 13.59 22.88 -12.24
CA ARG D 264 14.52 23.53 -11.32
C ARG D 264 14.36 25.04 -11.35
N TYR D 265 14.63 25.68 -10.21
CA TYR D 265 14.52 27.14 -10.11
C TYR D 265 15.86 27.79 -9.85
N PHE D 266 16.07 28.96 -10.43
CA PHE D 266 17.34 29.67 -10.32
C PHE D 266 17.12 31.14 -9.96
N LEU D 267 18.02 31.68 -9.13
CA LEU D 267 18.06 33.11 -8.83
C LEU D 267 19.12 33.77 -9.70
N ASN D 268 18.65 34.43 -10.76
CA ASN D 268 19.51 35.13 -11.68
C ASN D 268 19.64 36.60 -11.29
N LEU D 269 20.77 36.94 -10.70
CA LEU D 269 21.09 38.33 -10.34
C LEU D 269 21.64 39.01 -11.58
N VAL D 270 21.11 40.17 -11.94
CA VAL D 270 21.52 40.87 -13.17
C VAL D 270 21.74 42.35 -12.91
N LEU D 271 22.94 42.84 -13.21
CA LEU D 271 23.25 44.28 -13.23
C LEU D 271 23.28 44.73 -14.69
N VAL D 272 22.84 45.97 -14.95
CA VAL D 272 22.79 46.53 -16.31
C VAL D 272 23.52 47.86 -16.33
N ASP D 273 24.48 48.05 -17.24
CA ASP D 273 25.26 49.31 -17.30
C ASP D 273 24.57 50.41 -18.15
N GLU D 274 25.25 51.56 -18.32
CA GLU D 274 24.67 52.72 -19.01
C GLU D 274 24.48 52.47 -20.52
N GLU D 275 25.36 51.66 -21.11
CA GLU D 275 25.22 51.22 -22.50
C GLU D 275 24.45 49.88 -22.65
N ASP D 276 23.60 49.56 -21.67
CA ASP D 276 22.72 48.37 -21.69
C ASP D 276 23.35 46.99 -21.67
N ARG D 277 24.67 46.90 -21.43
CA ARG D 277 25.37 45.61 -21.31
C ARG D 277 24.98 45.01 -19.94
N ARG D 278 24.92 43.68 -19.88
CA ARG D 278 24.14 42.98 -18.85
C ARG D 278 24.95 41.86 -18.18
N TYR D 279 25.31 42.09 -16.91
CA TYR D 279 26.20 41.21 -16.16
C TYR D 279 25.35 40.44 -15.17
N PHE D 280 25.55 39.13 -15.11
CA PHE D 280 24.65 38.24 -14.37
C PHE D 280 25.35 37.10 -13.65
N LYS D 281 24.67 36.54 -12.64
CA LYS D 281 25.10 35.31 -11.98
C LYS D 281 23.90 34.50 -11.52
N GLN D 282 23.81 33.29 -12.04
CA GLN D 282 22.72 32.40 -11.76
C GLN D 282 23.08 31.53 -10.56
N GLN D 283 22.08 31.20 -9.75
CA GLN D 283 22.24 30.33 -8.58
C GLN D 283 21.00 29.49 -8.43
N GLU D 284 21.15 28.17 -8.44
CA GLU D 284 19.98 27.31 -8.24
C GLU D 284 19.54 27.40 -6.80
N ILE D 285 18.23 27.53 -6.60
CA ILE D 285 17.60 27.33 -5.30
C ILE D 285 16.58 26.21 -5.42
N ILE D 286 16.44 25.42 -4.36
CA ILE D 286 15.43 24.37 -4.33
C ILE D 286 14.17 25.00 -3.74
N LEU D 287 13.04 24.77 -4.38
CA LEU D 287 11.75 25.09 -3.79
C LEU D 287 11.11 23.80 -3.27
N TRP D 288 10.27 23.93 -2.26
CA TRP D 288 9.58 22.77 -1.66
C TRP D 288 8.24 23.18 -1.07
N ARG D 289 7.24 22.32 -1.26
CA ARG D 289 5.93 22.56 -0.69
C ARG D 289 5.99 22.26 0.79
N LYS D 290 5.77 23.28 1.61
CA LYS D 290 5.76 23.11 3.06
C LYS D 290 4.48 22.41 3.46
N ALA D 291 4.60 21.50 4.43
CA ALA D 291 3.46 20.86 5.05
C ALA D 291 2.90 21.81 6.10
N PRO D 292 1.65 22.32 5.92
CA PRO D 292 1.04 23.07 7.03
C PRO D 292 0.75 22.15 8.21
N GLU D 293 0.82 22.67 9.44
CA GLU D 293 0.80 21.85 10.67
C GLU D 293 -0.15 20.64 10.56
N LYS D 294 -1.44 20.93 10.38
CA LYS D 294 -2.44 20.00 9.85
C LYS D 294 -3.80 20.68 9.69
N THR E 1 3.74 40.15 16.20
CA THR E 1 4.50 40.66 15.02
C THR E 1 3.59 40.79 13.78
N VAL E 2 3.51 42.00 13.23
CA VAL E 2 2.56 42.34 12.15
C VAL E 2 3.19 42.58 10.77
N ALA E 3 4.52 42.64 10.69
CA ALA E 3 5.21 42.92 9.45
C ALA E 3 6.56 42.22 9.46
N ASP E 4 6.85 41.47 8.40
CA ASP E 4 8.14 40.83 8.24
C ASP E 4 9.16 41.86 7.76
N THR E 5 10.05 42.23 8.68
CA THR E 5 11.01 43.31 8.44
C THR E 5 12.43 42.75 8.43
N ARG E 6 12.61 41.56 7.88
CA ARG E 6 13.89 40.89 7.93
C ARG E 6 14.81 41.43 6.85
N ARG E 7 16.04 41.74 7.25
CA ARG E 7 17.14 42.07 6.36
C ARG E 7 18.37 41.37 6.91
N LEU E 8 19.35 41.10 6.06
CA LEU E 8 20.67 40.69 6.57
C LEU E 8 21.39 41.94 7.09
N ILE E 9 22.29 41.72 8.02
CA ILE E 9 23.04 42.83 8.67
C ILE E 9 24.14 43.31 7.72
N THR E 10 24.36 44.62 7.69
CA THR E 10 25.30 45.22 6.74
C THR E 10 26.52 45.78 7.45
N LYS E 11 27.60 45.91 6.68
CA LYS E 11 28.82 46.57 7.12
C LYS E 11 28.69 48.05 6.84
N PRO E 12 28.90 48.91 7.85
CA PRO E 12 29.02 50.35 7.62
C PRO E 12 30.02 50.73 6.50
N GLN E 13 29.59 51.65 5.64
CA GLN E 13 30.41 52.09 4.52
C GLN E 13 31.43 53.10 5.03
N ASN E 14 32.70 52.82 4.75
CA ASN E 14 33.80 53.73 5.09
C ASN E 14 33.59 55.09 4.44
N LEU E 15 33.77 56.16 5.22
CA LEU E 15 33.43 57.51 4.75
C LEU E 15 34.24 58.07 3.59
N ASN E 16 35.43 57.51 3.34
CA ASN E 16 36.18 57.87 2.12
C ASN E 16 35.49 57.35 0.86
N ASP E 17 35.07 56.08 0.91
CA ASP E 17 34.35 55.45 -0.19
C ASP E 17 33.01 56.15 -0.43
N ALA E 18 32.28 56.41 0.66
CA ALA E 18 30.94 57.01 0.60
C ALA E 18 30.89 58.37 -0.08
N TYR E 19 31.85 59.26 0.23
CA TYR E 19 31.86 60.63 -0.28
C TYR E 19 32.82 60.85 -1.44
N GLY E 20 34.03 60.29 -1.36
CA GLY E 20 35.04 60.41 -2.40
C GLY E 20 34.54 60.05 -3.81
N PRO E 21 35.13 60.67 -4.86
CA PRO E 21 34.56 60.58 -6.20
C PRO E 21 34.53 59.15 -6.77
N PRO E 22 33.52 58.81 -7.60
CA PRO E 22 33.41 57.42 -8.06
C PRO E 22 34.54 57.02 -9.01
N SER E 23 34.83 55.72 -9.07
CA SER E 23 35.96 55.18 -9.83
C SER E 23 35.58 54.64 -11.21
N ASN E 24 34.46 55.10 -11.76
CA ASN E 24 34.00 54.68 -13.08
C ASN E 24 33.93 55.86 -14.07
N PHE E 25 34.79 56.86 -13.88
CA PHE E 25 34.74 58.06 -14.74
C PHE E 25 35.46 57.79 -16.05
N LEU E 26 34.74 58.04 -17.14
CA LEU E 26 35.22 57.82 -18.50
C LEU E 26 34.30 58.55 -19.46
N GLU E 27 34.78 59.66 -20.02
CA GLU E 27 34.07 60.38 -21.09
C GLU E 27 35.00 60.71 -22.26
N ILE E 28 34.54 60.38 -23.47
CA ILE E 28 35.32 60.56 -24.69
C ILE E 28 34.49 61.44 -25.62
N ASP E 29 35.07 62.58 -26.04
CA ASP E 29 34.41 63.54 -26.95
C ASP E 29 35.05 63.52 -28.31
N VAL E 30 34.23 63.39 -29.34
CA VAL E 30 34.67 63.48 -30.73
C VAL E 30 34.25 64.86 -31.20
N SER E 31 35.22 65.64 -31.64
CA SER E 31 35.02 67.08 -31.85
C SER E 31 35.96 67.65 -32.89
N ASN E 32 35.60 68.83 -33.37
CA ASN E 32 36.50 69.69 -34.12
C ASN E 32 36.98 69.06 -35.44
N PRO E 33 36.04 68.81 -36.38
CA PRO E 33 36.40 68.17 -37.65
C PRO E 33 37.21 69.12 -38.53
N GLN E 34 38.27 68.61 -39.17
CA GLN E 34 39.22 69.41 -39.95
C GLN E 34 39.76 68.69 -41.19
N THR E 35 39.75 69.37 -42.34
CA THR E 35 40.37 68.90 -43.59
C THR E 35 41.91 68.86 -43.47
N VAL E 36 42.55 67.82 -44.01
CA VAL E 36 44.04 67.71 -44.00
C VAL E 36 44.55 67.24 -45.36
N GLY E 37 45.15 68.16 -46.10
CA GLY E 37 45.63 67.93 -47.47
C GLY E 37 44.98 68.91 -48.43
N VAL E 38 45.35 68.82 -49.70
CA VAL E 38 44.66 69.58 -50.76
C VAL E 38 44.38 68.65 -51.94
N GLY E 39 43.27 68.93 -52.65
CA GLY E 39 42.91 68.20 -53.85
C GLY E 39 42.45 66.77 -53.58
N ARG E 40 43.06 65.82 -54.28
CA ARG E 40 42.64 64.41 -54.24
C ARG E 40 43.06 63.73 -52.93
N GLY E 41 44.08 64.28 -52.26
CA GLY E 41 44.53 63.75 -50.97
C GLY E 41 43.58 63.97 -49.80
N ARG E 42 42.76 65.02 -49.88
CA ARG E 42 41.95 65.52 -48.75
C ARG E 42 41.12 64.47 -47.99
N PHE E 43 41.16 64.56 -46.66
CA PHE E 43 40.34 63.75 -45.75
C PHE E 43 40.09 64.53 -44.47
N THR E 44 39.04 64.16 -43.74
CA THR E 44 38.70 64.84 -42.50
C THR E 44 39.31 64.08 -41.31
N THR E 45 39.89 64.81 -40.35
CA THR E 45 40.27 64.27 -39.03
C THR E 45 39.43 64.90 -37.91
N TYR E 46 39.28 64.15 -36.82
CA TYR E 46 38.52 64.57 -35.64
C TYR E 46 39.43 64.51 -34.41
N GLU E 47 39.12 65.33 -33.39
CA GLU E 47 39.81 65.29 -32.09
C GLU E 47 39.13 64.32 -31.14
N ILE E 48 39.88 63.32 -30.67
CA ILE E 48 39.37 62.33 -29.73
C ILE E 48 39.93 62.65 -28.35
N ARG E 49 39.16 63.41 -27.58
CA ARG E 49 39.57 63.91 -26.27
C ARG E 49 39.04 62.98 -25.17
N VAL E 50 39.95 62.45 -24.35
CA VAL E 50 39.61 61.48 -23.30
C VAL E 50 39.79 62.11 -21.91
N LYS E 51 38.88 61.78 -20.99
CA LYS E 51 39.00 62.11 -19.57
C LYS E 51 38.57 60.89 -18.79
N THR E 52 39.40 60.48 -17.83
CA THR E 52 39.12 59.26 -17.06
C THR E 52 39.78 59.25 -15.68
N ASN E 53 39.42 58.25 -14.88
CA ASN E 53 40.17 57.88 -13.69
C ASN E 53 40.33 56.37 -13.50
N LEU E 54 40.21 55.60 -14.59
CA LEU E 54 40.41 54.15 -14.55
C LEU E 54 41.89 53.87 -14.67
N PRO E 55 42.43 52.99 -13.82
CA PRO E 55 43.88 52.74 -13.82
C PRO E 55 44.42 52.19 -15.14
N ILE E 56 43.60 51.42 -15.86
CA ILE E 56 44.01 50.77 -17.10
C ILE E 56 44.46 51.77 -18.19
N PHE E 57 43.81 52.92 -18.27
CA PHE E 57 44.20 53.98 -19.21
C PHE E 57 45.42 54.73 -18.69
N LYS E 58 46.51 54.69 -19.46
CA LYS E 58 47.82 55.19 -19.02
C LYS E 58 47.95 56.72 -18.95
N LEU E 59 46.95 57.46 -19.43
CA LEU E 59 46.86 58.92 -19.20
C LEU E 59 45.45 59.28 -18.75
N LYS E 60 45.36 60.10 -17.70
CA LYS E 60 44.08 60.50 -17.13
C LYS E 60 43.34 61.42 -18.09
N GLU E 61 44.11 62.29 -18.76
CA GLU E 61 43.64 63.11 -19.86
C GLU E 61 44.53 62.88 -21.08
N SER E 62 43.90 62.85 -22.26
CA SER E 62 44.60 62.71 -23.53
C SER E 62 43.79 63.37 -24.65
N THR E 63 44.50 63.84 -25.68
CA THR E 63 43.86 64.36 -26.88
C THR E 63 44.68 63.92 -28.10
N VAL E 64 44.00 63.29 -29.07
CA VAL E 64 44.63 62.85 -30.31
C VAL E 64 43.71 63.11 -31.50
N ARG E 65 44.31 63.13 -32.69
CA ARG E 65 43.59 63.34 -33.94
C ARG E 65 43.41 62.02 -34.66
N ARG E 66 42.18 61.74 -35.09
CA ARG E 66 41.82 60.47 -35.73
C ARG E 66 41.02 60.67 -37.01
N ARG E 67 41.23 59.74 -37.92
CA ARG E 67 40.60 59.67 -39.24
C ARG E 67 39.52 58.57 -39.19
N TYR E 68 38.52 58.61 -40.08
CA TYR E 68 37.47 57.56 -40.08
C TYR E 68 38.02 56.16 -40.41
N SER E 69 39.09 56.07 -41.19
CA SER E 69 39.79 54.79 -41.44
C SER E 69 40.35 54.21 -40.16
N ASP E 70 40.88 55.07 -39.27
CA ASP E 70 41.39 54.65 -37.97
C ASP E 70 40.29 53.97 -37.14
N PHE E 71 39.12 54.61 -37.11
CA PHE E 71 37.92 54.03 -36.47
C PHE E 71 37.55 52.66 -37.02
N GLU E 72 37.67 52.48 -38.34
CA GLU E 72 37.47 51.18 -38.99
C GLU E 72 38.55 50.17 -38.59
N TRP E 73 39.80 50.63 -38.48
CA TRP E 73 40.91 49.78 -38.05
C TRP E 73 40.72 49.31 -36.61
N LEU E 74 40.29 50.23 -35.72
CA LEU E 74 39.99 49.87 -34.33
C LEU E 74 38.93 48.78 -34.26
N ARG E 75 37.81 49.03 -34.94
CA ARG E 75 36.69 48.08 -35.00
C ARG E 75 37.12 46.74 -35.59
N SER E 76 37.97 46.79 -36.62
CA SER E 76 38.46 45.58 -37.29
C SER E 76 39.40 44.76 -36.39
N GLU E 77 40.28 45.43 -35.65
CA GLU E 77 41.16 44.76 -34.70
C GLU E 77 40.36 44.11 -33.56
N LEU E 78 39.36 44.83 -33.04
CA LEU E 78 38.48 44.32 -31.98
C LEU E 78 37.65 43.12 -32.45
N GLU E 79 37.23 43.10 -33.71
CA GLU E 79 36.50 41.94 -34.27
C GLU E 79 37.35 40.66 -34.35
N ARG E 80 38.67 40.80 -34.49
CA ARG E 80 39.56 39.64 -34.53
C ARG E 80 39.91 39.10 -33.13
N GLU E 81 40.70 39.85 -32.35
CA GLU E 81 41.22 39.37 -31.05
C GLU E 81 40.21 39.38 -29.90
N SER E 82 39.37 40.40 -29.84
CA SER E 82 38.59 40.70 -28.63
C SER E 82 37.52 39.66 -28.27
N LYS E 83 36.80 39.14 -29.27
CA LYS E 83 35.56 38.39 -29.04
C LYS E 83 34.56 39.24 -28.22
N VAL E 84 34.45 40.51 -28.61
CA VAL E 84 33.40 41.42 -28.15
C VAL E 84 32.52 41.65 -29.37
N VAL E 85 31.20 41.54 -29.21
CA VAL E 85 30.30 42.03 -30.27
C VAL E 85 30.46 43.56 -30.31
N VAL E 86 31.06 44.04 -31.39
CA VAL E 86 31.46 45.44 -31.52
C VAL E 86 30.30 46.21 -32.13
N PRO E 87 29.99 47.43 -31.61
CA PRO E 87 28.88 48.16 -32.22
C PRO E 87 29.19 48.63 -33.65
N PRO E 88 28.16 49.10 -34.37
CA PRO E 88 28.39 49.53 -35.73
C PRO E 88 28.99 50.94 -35.81
N LEU E 89 29.77 51.20 -36.87
CA LEU E 89 30.22 52.55 -37.22
C LEU E 89 29.12 53.25 -38.02
N PRO E 90 29.14 54.59 -38.11
CA PRO E 90 28.07 55.29 -38.81
C PRO E 90 28.06 55.09 -40.33
N GLY E 91 29.16 54.58 -40.88
CA GLY E 91 29.14 53.98 -42.21
C GLY E 91 30.08 54.66 -43.18
N LYS E 92 30.78 53.84 -43.95
CA LYS E 92 31.55 54.30 -45.10
C LYS E 92 30.51 54.75 -46.11
N ALA E 93 30.59 56.00 -46.54
CA ALA E 93 29.71 56.51 -47.58
C ALA E 93 30.51 56.69 -48.86
N PHE E 94 30.67 55.61 -49.62
CA PHE E 94 31.54 55.62 -50.81
C PHE E 94 31.09 56.59 -51.90
N LEU E 95 29.80 56.58 -52.20
CA LEU E 95 29.26 57.36 -53.31
C LEU E 95 29.32 58.87 -53.07
N ARG E 96 29.54 59.29 -51.83
CA ARG E 96 29.83 60.69 -51.52
C ARG E 96 31.17 61.16 -52.12
N GLN E 97 32.13 60.24 -52.29
CA GLN E 97 33.40 60.57 -52.96
C GLN E 97 33.28 60.87 -54.46
N LEU E 98 32.19 60.39 -55.09
CA LEU E 98 31.99 60.58 -56.52
C LEU E 98 31.81 62.08 -56.86
N PRO E 99 32.29 62.51 -58.05
CA PRO E 99 32.30 63.94 -58.35
C PRO E 99 30.96 64.44 -58.90
N PHE E 100 30.79 65.76 -58.85
CA PHE E 100 29.62 66.46 -59.40
C PHE E 100 28.27 65.99 -58.83
N ARG E 101 28.26 65.82 -57.52
CA ARG E 101 27.03 65.64 -56.75
C ARG E 101 26.39 66.98 -56.49
N GLY E 102 25.15 66.96 -55.97
CA GLY E 102 24.46 68.17 -55.53
C GLY E 102 24.80 68.63 -54.11
N ASP E 103 25.82 68.02 -53.48
CA ASP E 103 26.34 68.47 -52.20
C ASP E 103 27.87 68.45 -52.22
N ASP E 104 28.49 68.92 -51.13
CA ASP E 104 29.96 68.97 -51.03
C ASP E 104 30.61 67.58 -50.86
N GLY E 105 29.82 66.52 -50.96
CA GLY E 105 30.34 65.18 -51.09
C GLY E 105 30.73 64.65 -49.74
N ILE E 106 32.01 64.36 -49.58
CA ILE E 106 32.54 63.81 -48.34
C ILE E 106 32.69 64.90 -47.27
N PHE E 107 32.75 66.16 -47.71
CA PHE E 107 32.86 67.32 -46.84
C PHE E 107 31.55 68.12 -46.69
N ASP E 108 30.41 67.44 -46.82
CA ASP E 108 29.11 68.04 -46.52
C ASP E 108 28.96 68.16 -45.00
N ASP E 109 28.35 69.24 -44.54
CA ASP E 109 28.30 69.51 -43.09
C ASP E 109 27.25 68.66 -42.36
N ASN E 110 26.07 68.50 -42.95
CA ASN E 110 25.07 67.56 -42.42
C ASN E 110 25.58 66.13 -42.36
N PHE E 111 26.48 65.79 -43.27
CA PHE E 111 27.18 64.51 -43.23
C PHE E 111 28.20 64.46 -42.09
N ILE E 112 29.14 65.40 -42.07
CA ILE E 112 30.25 65.41 -41.09
C ILE E 112 29.73 65.48 -39.65
N GLU E 113 28.68 66.28 -39.43
CA GLU E 113 28.02 66.36 -38.13
C GLU E 113 27.42 65.01 -37.73
N GLU E 114 26.67 64.40 -38.65
CA GLU E 114 26.00 63.13 -38.36
C GLU E 114 27.01 62.01 -38.16
N ARG E 115 28.06 61.98 -38.97
CA ARG E 115 29.16 61.03 -38.78
C ARG E 115 29.86 61.25 -37.43
N LYS E 116 30.15 62.51 -37.11
CA LYS E 116 30.83 62.87 -35.86
C LYS E 116 30.11 62.32 -34.63
N GLN E 117 28.79 62.45 -34.60
CA GLN E 117 27.98 61.89 -33.51
C GLN E 117 28.07 60.36 -33.47
N GLY E 118 27.99 59.72 -34.63
CA GLY E 118 28.14 58.27 -34.71
C GLY E 118 29.45 57.74 -34.20
N LEU E 119 30.54 58.47 -34.43
CA LEU E 119 31.85 58.06 -33.94
C LEU E 119 31.94 58.22 -32.42
N GLU E 120 31.34 59.29 -31.89
CA GLU E 120 31.24 59.50 -30.44
C GLU E 120 30.39 58.39 -29.82
N GLN E 121 29.24 58.13 -30.43
CA GLN E 121 28.38 56.98 -30.11
C GLN E 121 29.18 55.68 -30.02
N PHE E 122 29.95 55.42 -31.07
CA PHE E 122 30.75 54.19 -31.20
C PHE E 122 31.84 54.07 -30.14
N ILE E 123 32.68 55.10 -30.03
CA ILE E 123 33.85 55.05 -29.16
C ILE E 123 33.52 54.96 -27.66
N ASN E 124 32.43 55.61 -27.25
CA ASN E 124 31.98 55.53 -25.85
C ASN E 124 31.45 54.16 -25.48
N LYS E 125 30.78 53.49 -26.43
CA LYS E 125 30.37 52.10 -26.24
C LYS E 125 31.59 51.18 -26.13
N VAL E 126 32.43 51.21 -27.15
CA VAL E 126 33.64 50.40 -27.20
C VAL E 126 34.53 50.63 -25.98
N ALA E 127 34.85 51.89 -25.68
CA ALA E 127 35.76 52.23 -24.58
C ALA E 127 35.21 51.90 -23.18
N GLY E 128 33.90 52.00 -23.01
CA GLY E 128 33.24 51.58 -21.76
C GLY E 128 33.23 50.07 -21.53
N HIS E 129 33.39 49.29 -22.60
CA HIS E 129 33.30 47.84 -22.52
C HIS E 129 34.47 47.24 -21.73
N PRO E 130 34.20 46.28 -20.82
CA PRO E 130 35.28 45.69 -19.99
C PRO E 130 36.33 44.85 -20.73
N LEU E 131 35.88 43.88 -21.50
CA LEU E 131 36.76 43.05 -22.34
C LEU E 131 37.53 43.85 -23.39
N ALA E 132 36.98 44.99 -23.83
CA ALA E 132 37.63 45.85 -24.82
C ALA E 132 38.82 46.63 -24.23
N GLN E 133 38.68 47.07 -22.98
CA GLN E 133 39.74 47.85 -22.27
C GLN E 133 41.06 47.10 -22.10
N ASN E 134 41.02 45.77 -21.96
CA ASN E 134 42.24 44.96 -21.94
C ASN E 134 43.06 45.08 -23.24
N GLU E 135 42.38 45.04 -24.39
CA GLU E 135 43.04 44.92 -25.70
C GLU E 135 43.89 46.15 -26.04
N ARG E 136 45.12 45.90 -26.53
CA ARG E 136 46.09 46.98 -26.76
C ARG E 136 45.62 48.01 -27.81
N CYS E 137 44.86 47.55 -28.81
CA CYS E 137 44.39 48.41 -29.90
C CYS E 137 43.59 49.65 -29.44
N LEU E 138 42.79 49.50 -28.39
CA LEU E 138 41.95 50.59 -27.89
C LEU E 138 42.77 51.73 -27.28
N HIS E 139 43.80 51.38 -26.52
CA HIS E 139 44.70 52.37 -25.92
C HIS E 139 45.54 53.06 -26.99
N MET E 140 46.11 52.23 -27.87
CA MET E 140 46.82 52.69 -29.06
C MET E 140 46.02 53.78 -29.79
N PHE E 141 44.74 53.52 -30.02
CA PHE E 141 43.83 54.44 -30.73
C PHE E 141 43.55 55.72 -29.95
N LEU E 142 43.23 55.60 -28.67
CA LEU E 142 42.78 56.75 -27.86
C LEU E 142 43.91 57.68 -27.39
N GLN E 143 45.09 57.09 -27.12
CA GLN E 143 46.15 57.79 -26.36
C GLN E 143 47.57 57.80 -26.94
N ASP E 144 47.85 57.03 -28.00
CA ASP E 144 49.08 57.24 -28.79
C ASP E 144 48.78 58.25 -29.89
N GLU E 145 49.70 59.17 -30.14
CA GLU E 145 49.47 60.27 -31.10
C GLU E 145 49.36 59.77 -32.54
N ILE E 146 50.04 58.68 -32.87
CA ILE E 146 49.89 57.99 -34.17
C ILE E 146 49.74 56.49 -33.94
N ILE E 147 48.89 55.84 -34.75
CA ILE E 147 48.65 54.40 -34.63
C ILE E 147 49.72 53.64 -35.39
N ASP E 148 50.23 52.56 -34.81
CA ASP E 148 51.24 51.70 -35.43
C ASP E 148 50.56 50.43 -35.91
N LYS E 149 50.09 50.43 -37.17
CA LYS E 149 49.33 49.30 -37.71
C LYS E 149 50.13 48.00 -37.80
N SER E 150 51.44 48.10 -38.03
CA SER E 150 52.35 46.94 -37.97
C SER E 150 52.74 46.68 -36.50
N TYR E 151 51.82 46.07 -35.77
CA TYR E 151 51.98 45.76 -34.35
C TYR E 151 51.51 44.32 -34.10
N THR E 152 51.95 43.73 -32.99
CA THR E 152 51.50 42.41 -32.55
C THR E 152 50.42 42.59 -31.45
N PRO E 153 49.15 42.22 -31.72
CA PRO E 153 48.05 42.47 -30.76
C PRO E 153 48.18 41.74 -29.42
N SER E 154 48.34 42.49 -28.34
CA SER E 154 48.52 41.93 -26.99
C SER E 154 47.32 42.19 -26.07
N LYS E 155 47.31 41.47 -24.95
CA LYS E 155 46.32 41.63 -23.86
C LYS E 155 44.89 41.35 -24.29
N GLN F 1 21.55 40.47 -29.35
CA GLN F 1 21.33 41.95 -29.40
C GLN F 1 21.91 42.70 -28.17
N PRO F 2 21.49 42.33 -26.92
CA PRO F 2 22.06 42.95 -25.71
C PRO F 2 23.08 42.03 -25.03
N GLU F 3 24.31 42.51 -24.85
CA GLU F 3 25.43 41.65 -24.42
C GLU F 3 25.19 41.10 -23.03
N LEU F 4 25.57 39.84 -22.82
CA LEU F 4 25.31 39.13 -21.57
C LEU F 4 26.61 38.49 -21.09
N TYR F 5 27.18 39.02 -20.00
CA TYR F 5 28.48 38.54 -19.47
C TYR F 5 28.38 37.88 -18.11
N LEU F 6 28.74 36.60 -18.05
CA LEU F 6 28.70 35.82 -16.82
C LEU F 6 29.76 36.35 -15.84
N LEU F 7 29.36 36.50 -14.58
CA LEU F 7 30.26 36.96 -13.53
C LEU F 7 31.01 35.75 -12.95
N ASN F 8 32.34 35.83 -12.96
CA ASN F 8 33.21 34.71 -12.54
C ASN F 8 33.53 34.77 -11.06
N THR F 9 33.70 33.61 -10.44
CA THR F 9 34.11 33.53 -9.03
C THR F 9 35.58 33.93 -8.90
N MET F 10 35.95 34.47 -7.73
CA MET F 10 37.31 34.96 -7.45
C MET F 10 38.02 34.06 -6.43
N GLN G 1 -10.14 -75.23 -1.55
CA GLN G 1 -9.02 -75.17 -2.48
C GLN G 1 -7.75 -75.44 -1.70
N GLU G 2 -7.58 -74.71 -0.60
CA GLU G 2 -6.40 -74.67 0.25
C GLU G 2 -5.24 -73.97 -0.45
N LYS G 3 -5.33 -73.71 -1.75
CA LYS G 3 -4.16 -73.08 -2.35
C LYS G 3 -4.16 -71.62 -2.00
N LEU G 4 -5.30 -70.97 -2.18
CA LEU G 4 -5.49 -69.58 -1.81
C LEU G 4 -4.76 -69.34 -0.50
N LEU G 5 -5.00 -70.27 0.41
CA LEU G 5 -4.38 -70.26 1.72
C LEU G 5 -2.87 -70.28 1.63
N ASP G 6 -2.32 -71.18 0.84
CA ASP G 6 -0.86 -71.27 0.77
C ASP G 6 -0.24 -70.02 0.14
N GLU G 7 -0.81 -69.50 -0.95
CA GLU G 7 -0.28 -68.27 -1.52
C GLU G 7 -0.30 -67.15 -0.49
N ALA G 8 -1.38 -67.07 0.27
CA ALA G 8 -1.48 -66.07 1.31
C ALA G 8 -0.41 -66.26 2.38
N ILE G 9 -0.23 -67.48 2.88
CA ILE G 9 0.79 -67.66 3.92
C ILE G 9 2.20 -67.40 3.42
N GLN G 10 2.49 -67.68 2.15
CA GLN G 10 3.79 -67.28 1.64
C GLN G 10 3.94 -65.77 1.60
N ALA G 11 3.00 -65.08 0.94
CA ALA G 11 3.11 -63.63 0.88
C ALA G 11 3.16 -63.02 2.26
N VAL G 12 2.42 -63.59 3.21
CA VAL G 12 2.50 -63.18 4.60
C VAL G 12 3.91 -63.33 5.13
N LYS G 13 4.53 -64.49 4.91
CA LYS G 13 5.88 -64.67 5.43
C LYS G 13 6.85 -63.70 4.78
N VAL G 14 6.61 -63.36 3.53
CA VAL G 14 7.41 -62.36 2.84
C VAL G 14 7.23 -61.01 3.52
N GLN G 15 5.99 -60.67 3.76
CA GLN G 15 5.70 -59.37 4.31
C GLN G 15 6.17 -59.28 5.76
N SER G 16 6.07 -60.37 6.51
CA SER G 16 6.55 -60.37 7.90
C SER G 16 8.06 -60.33 7.95
N PHE G 17 8.67 -60.72 6.84
CA PHE G 17 10.09 -60.50 6.64
C PHE G 17 10.31 -59.00 6.51
N GLN G 18 9.51 -58.37 5.66
CA GLN G 18 9.64 -56.93 5.51
C GLN G 18 9.31 -56.17 6.81
N MET G 19 8.53 -56.79 7.70
CA MET G 19 8.35 -56.20 9.02
C MET G 19 9.64 -56.24 9.79
N LYS G 20 10.21 -57.43 9.95
CA LYS G 20 11.43 -57.51 10.74
C LYS G 20 12.60 -56.72 10.13
N ARG G 21 12.76 -56.73 8.80
CA ARG G 21 13.73 -55.81 8.17
C ARG G 21 13.53 -54.35 8.59
N CYS G 22 12.28 -53.86 8.48
CA CYS G 22 12.01 -52.46 8.86
C CYS G 22 12.17 -52.22 10.35
N LEU G 23 11.80 -53.20 11.16
CA LEU G 23 11.97 -53.09 12.60
C LEU G 23 13.44 -53.06 12.99
N ASP G 24 14.30 -53.74 12.22
CA ASP G 24 15.74 -53.65 12.43
C ASP G 24 16.26 -52.25 12.10
N LYS G 25 15.90 -51.73 10.93
CA LYS G 25 16.37 -50.43 10.50
C LYS G 25 15.52 -49.28 11.01
N ASN G 26 14.57 -49.55 11.90
CA ASN G 26 13.72 -48.52 12.50
C ASN G 26 12.85 -47.82 11.47
N LYS G 27 12.42 -48.53 10.44
CA LYS G 27 11.53 -47.96 9.44
C LYS G 27 10.11 -48.42 9.74
N LEU G 28 9.50 -47.75 10.72
CA LEU G 28 8.18 -48.17 11.19
C LEU G 28 7.14 -48.04 10.10
N MET G 29 7.04 -46.85 9.50
CA MET G 29 6.01 -46.60 8.50
C MET G 29 6.16 -47.52 7.30
N ASP G 30 7.38 -47.93 6.97
CA ASP G 30 7.55 -48.94 5.92
C ASP G 30 7.03 -50.29 6.36
N ALA G 31 7.20 -50.66 7.63
CA ALA G 31 6.60 -51.89 8.11
C ALA G 31 5.09 -51.82 8.09
N LEU G 32 4.51 -50.69 8.52
CA LEU G 32 3.07 -50.48 8.51
C LEU G 32 2.46 -50.39 7.12
N LYS G 33 3.25 -50.04 6.11
CA LYS G 33 2.75 -50.06 4.73
C LYS G 33 2.54 -51.50 4.30
N HIS G 34 3.44 -52.36 4.74
CA HIS G 34 3.34 -53.78 4.49
C HIS G 34 2.23 -54.38 5.35
N ALA G 35 2.07 -53.92 6.59
CA ALA G 35 0.92 -54.30 7.40
C ALA G 35 -0.36 -54.04 6.64
N SER G 36 -0.43 -52.91 5.94
CA SER G 36 -1.57 -52.62 5.08
C SER G 36 -1.65 -53.66 3.96
N ASN G 37 -0.49 -54.03 3.42
CA ASN G 37 -0.44 -55.04 2.36
C ASN G 37 -0.91 -56.40 2.86
N MET G 38 -0.56 -56.79 4.09
CA MET G 38 -1.16 -58.01 4.63
C MET G 38 -2.66 -57.91 4.69
N LEU G 39 -3.17 -56.81 5.25
CA LEU G 39 -4.62 -56.73 5.34
C LEU G 39 -5.31 -56.67 3.98
N GLY G 40 -4.64 -56.21 2.93
CA GLY G 40 -5.23 -56.38 1.62
C GLY G 40 -5.54 -57.83 1.32
N GLU G 41 -4.72 -58.74 1.86
CA GLU G 41 -4.91 -60.18 1.68
C GLU G 41 -6.18 -60.65 2.37
N LEU G 42 -6.59 -59.95 3.41
CA LEU G 42 -7.83 -60.22 4.12
C LEU G 42 -9.05 -59.79 3.35
N ARG G 43 -8.89 -59.20 2.18
CA ARG G 43 -10.07 -58.80 1.44
C ARG G 43 -10.69 -59.99 0.73
N THR G 44 -9.99 -61.12 0.71
CA THR G 44 -10.49 -62.34 0.12
C THR G 44 -11.76 -62.80 0.83
N SER G 45 -12.63 -63.47 0.07
CA SER G 45 -13.83 -64.08 0.62
C SER G 45 -13.87 -65.60 0.49
N MET G 46 -12.89 -66.20 -0.19
CA MET G 46 -12.94 -67.63 -0.46
C MET G 46 -12.50 -68.50 0.72
N LEU G 47 -11.80 -67.94 1.69
CA LEU G 47 -11.18 -68.74 2.74
C LEU G 47 -12.22 -69.18 3.76
N SER G 48 -11.90 -70.24 4.50
CA SER G 48 -12.77 -70.68 5.58
C SER G 48 -12.54 -69.84 6.83
N PRO G 49 -13.53 -69.80 7.72
CA PRO G 49 -13.33 -69.14 9.02
C PRO G 49 -12.12 -69.68 9.75
N LYS G 50 -11.88 -70.98 9.64
CA LYS G 50 -10.68 -71.55 10.26
C LYS G 50 -9.46 -71.05 9.55
N SER G 51 -9.47 -71.11 8.22
CA SER G 51 -8.34 -70.61 7.45
C SER G 51 -8.08 -69.16 7.81
N TYR G 52 -9.14 -68.34 7.81
CA TYR G 52 -8.94 -66.96 8.22
C TYR G 52 -8.34 -66.92 9.61
N TYR G 53 -8.85 -67.77 10.50
CA TYR G 53 -8.32 -67.85 11.86
C TYR G 53 -6.83 -68.18 11.94
N GLU G 54 -6.37 -69.13 11.14
CA GLU G 54 -4.96 -69.46 11.17
C GLU G 54 -4.11 -68.30 10.65
N LEU G 55 -4.50 -67.74 9.50
CA LEU G 55 -3.79 -66.58 8.98
C LEU G 55 -3.80 -65.42 9.97
N TYR G 56 -4.95 -65.19 10.60
CA TYR G 56 -5.06 -64.15 11.61
C TYR G 56 -4.10 -64.40 12.76
N MET G 57 -4.06 -65.62 13.28
CA MET G 57 -3.20 -65.90 14.42
C MET G 57 -1.75 -65.68 14.04
N ALA G 58 -1.39 -66.05 12.82
CA ALA G 58 -0.05 -65.74 12.31
C ALA G 58 0.21 -64.24 12.31
N ILE G 59 -0.72 -63.48 11.75
CA ILE G 59 -0.44 -62.06 11.67
C ILE G 59 -0.50 -61.42 13.05
N SER G 60 -1.40 -61.86 13.90
CA SER G 60 -1.48 -61.33 15.26
C SER G 60 -0.25 -61.62 16.10
N ASP G 61 0.26 -62.86 16.07
CA ASP G 61 1.43 -63.15 16.88
C ASP G 61 2.65 -62.39 16.38
N GLU G 62 2.78 -62.23 15.07
CA GLU G 62 3.91 -61.41 14.63
C GLU G 62 3.71 -59.94 14.96
N LEU G 63 2.49 -59.41 14.78
CA LEU G 63 2.21 -58.04 15.17
C LEU G 63 2.47 -57.75 16.63
N HIS G 64 2.37 -58.74 17.51
CA HIS G 64 2.72 -58.43 18.90
C HIS G 64 4.20 -58.08 19.03
N TYR G 65 5.06 -58.71 18.25
CA TYR G 65 6.47 -58.36 18.29
C TYR G 65 6.69 -56.94 17.83
N LEU G 66 5.88 -56.48 16.89
CA LEU G 66 5.88 -55.09 16.50
C LEU G 66 5.33 -54.22 17.62
N GLU G 67 4.26 -54.67 18.25
CA GLU G 67 3.63 -53.89 19.31
C GLU G 67 4.58 -53.68 20.48
N VAL G 68 5.28 -54.72 20.89
CA VAL G 68 6.25 -54.59 21.97
C VAL G 68 7.45 -53.78 21.49
N TYR G 69 7.83 -53.90 20.22
CA TYR G 69 8.87 -53.06 19.66
C TYR G 69 8.54 -51.58 19.81
N LEU G 70 7.34 -51.20 19.35
CA LEU G 70 6.87 -49.81 19.44
C LEU G 70 6.80 -49.38 20.89
N THR G 71 6.26 -50.25 21.73
CA THR G 71 6.07 -49.94 23.12
C THR G 71 7.42 -49.60 23.72
N ASP G 72 8.44 -50.36 23.34
CA ASP G 72 9.78 -50.08 23.82
C ASP G 72 10.29 -48.73 23.33
N GLU G 73 10.30 -48.48 22.00
CA GLU G 73 10.66 -47.13 21.53
C GLU G 73 9.97 -46.05 22.35
N PHE G 74 8.68 -46.20 22.58
CA PHE G 74 7.97 -45.21 23.36
C PHE G 74 8.46 -45.23 24.81
N ALA G 75 8.77 -46.42 25.31
CA ALA G 75 9.32 -46.54 26.64
C ALA G 75 10.73 -45.95 26.68
N LYS G 76 11.33 -45.73 25.51
CA LYS G 76 12.63 -45.09 25.39
C LYS G 76 12.56 -43.56 25.35
N GLY G 77 11.39 -42.94 25.50
CA GLY G 77 11.29 -41.50 25.47
C GLY G 77 11.03 -40.89 24.11
N ARG G 78 11.13 -41.68 23.04
CA ARG G 78 10.92 -41.18 21.68
C ARG G 78 9.42 -41.15 21.39
N LYS G 79 8.76 -40.17 21.99
CA LYS G 79 7.32 -40.02 21.86
C LYS G 79 6.98 -39.06 20.72
N VAL G 80 6.14 -39.52 19.81
CA VAL G 80 5.69 -38.70 18.70
C VAL G 80 4.21 -38.40 18.88
N ALA G 81 3.86 -37.12 18.83
CA ALA G 81 2.46 -36.73 18.91
C ALA G 81 1.81 -36.88 17.54
N ASP G 82 0.61 -36.33 17.41
CA ASP G 82 -0.06 -36.15 16.12
C ASP G 82 -0.31 -37.47 15.40
N LEU G 83 -0.36 -38.55 16.16
CA LEU G 83 -0.49 -39.89 15.61
C LEU G 83 -1.88 -40.16 15.04
N TYR G 84 -2.90 -39.58 15.66
CA TYR G 84 -4.27 -39.71 15.18
C TYR G 84 -4.48 -39.31 13.73
N GLU G 85 -3.96 -38.18 13.28
CA GLU G 85 -4.13 -37.91 11.86
C GLU G 85 -3.33 -38.89 11.01
N LEU G 86 -2.07 -39.15 11.38
CA LEU G 86 -1.19 -39.92 10.51
C LEU G 86 -1.74 -41.31 10.27
N VAL G 87 -2.24 -41.96 11.32
CA VAL G 87 -2.79 -43.30 11.14
C VAL G 87 -4.02 -43.29 10.24
N GLN G 88 -4.70 -42.14 10.12
CA GLN G 88 -5.82 -42.04 9.19
C GLN G 88 -5.37 -41.99 7.73
N TYR G 89 -4.07 -41.89 7.46
CA TYR G 89 -3.62 -41.87 6.08
C TYR G 89 -3.84 -43.19 5.36
N ALA G 90 -3.79 -44.30 6.09
CA ALA G 90 -4.00 -45.62 5.49
C ALA G 90 -5.32 -45.65 4.74
N GLY G 91 -5.29 -46.15 3.51
CA GLY G 91 -6.50 -46.14 2.70
C GLY G 91 -7.56 -47.08 3.23
N ASN G 92 -7.14 -48.23 3.75
CA ASN G 92 -8.06 -49.20 4.33
C ASN G 92 -8.37 -48.86 5.77
N ILE G 93 -9.64 -49.02 6.13
CA ILE G 93 -10.11 -48.65 7.46
C ILE G 93 -9.46 -49.52 8.52
N ILE G 94 -9.23 -50.77 8.19
CA ILE G 94 -8.67 -51.77 9.08
C ILE G 94 -7.26 -51.37 9.53
N PRO G 95 -6.30 -51.10 8.63
CA PRO G 95 -5.02 -50.60 9.15
C PRO G 95 -5.14 -49.35 9.99
N ARG G 96 -5.97 -48.36 9.61
CA ARG G 96 -6.07 -47.17 10.44
C ARG G 96 -6.47 -47.52 11.86
N LEU G 97 -7.52 -48.32 12.02
CA LEU G 97 -8.07 -48.60 13.33
C LEU G 97 -7.18 -49.54 14.14
N TYR G 98 -6.53 -50.50 13.48
CA TYR G 98 -5.52 -51.31 14.14
C TYR G 98 -4.40 -50.44 14.66
N LEU G 99 -4.02 -49.43 13.89
CA LEU G 99 -3.02 -48.51 14.36
C LEU G 99 -3.53 -47.75 15.56
N LEU G 100 -4.80 -47.31 15.50
CA LEU G 100 -5.34 -46.57 16.64
C LEU G 100 -5.30 -47.37 17.92
N ILE G 101 -5.73 -48.64 17.89
CA ILE G 101 -5.68 -49.46 19.10
C ILE G 101 -4.25 -49.68 19.60
N THR G 102 -3.36 -50.07 18.69
CA THR G 102 -1.98 -50.30 19.09
C THR G 102 -1.32 -49.09 19.75
N VAL G 103 -1.39 -47.93 19.09
CA VAL G 103 -0.79 -46.76 19.70
C VAL G 103 -1.55 -46.29 20.93
N GLY G 104 -2.87 -46.47 20.95
CA GLY G 104 -3.66 -46.07 22.10
C GLY G 104 -3.18 -46.69 23.38
N VAL G 105 -3.01 -48.01 23.36
CA VAL G 105 -2.56 -48.67 24.59
C VAL G 105 -1.17 -48.19 24.96
N VAL G 106 -0.35 -47.87 23.96
CA VAL G 106 0.96 -47.27 24.21
C VAL G 106 0.81 -45.93 24.94
N TYR G 107 -0.13 -45.10 24.49
CA TYR G 107 -0.39 -43.86 25.20
C TYR G 107 -0.85 -44.13 26.63
N VAL G 108 -1.62 -45.20 26.81
CA VAL G 108 -2.13 -45.51 28.14
C VAL G 108 -0.98 -45.84 29.09
N LYS G 109 -0.05 -46.69 28.66
CA LYS G 109 1.11 -46.94 29.50
C LYS G 109 1.93 -45.67 29.70
N SER G 110 2.25 -44.97 28.63
CA SER G 110 3.11 -43.80 28.75
C SER G 110 2.39 -42.64 29.38
N PHE G 111 1.07 -42.57 29.23
CA PHE G 111 0.28 -41.46 29.77
C PHE G 111 -0.90 -42.05 30.55
N PRO G 112 -0.67 -42.46 31.79
CA PRO G 112 -1.77 -43.00 32.61
C PRO G 112 -2.91 -42.01 32.82
N GLN G 113 -2.62 -40.71 32.76
CA GLN G 113 -3.68 -39.70 32.83
C GLN G 113 -4.69 -39.90 31.72
N SER G 114 -4.25 -40.44 30.60
CA SER G 114 -5.14 -40.64 29.47
C SER G 114 -5.86 -41.98 29.49
N ARG G 115 -5.70 -42.80 30.53
CA ARG G 115 -6.15 -44.18 30.41
C ARG G 115 -7.66 -44.24 30.26
N LYS G 116 -8.37 -43.54 31.14
CA LYS G 116 -9.83 -43.51 31.10
C LYS G 116 -10.31 -43.03 29.75
N ASP G 117 -9.73 -41.94 29.28
CA ASP G 117 -10.17 -41.31 28.05
C ASP G 117 -9.88 -42.23 26.86
N ILE G 118 -8.71 -42.84 26.84
CA ILE G 118 -8.35 -43.68 25.71
C ILE G 118 -9.23 -44.91 25.65
N LEU G 119 -9.49 -45.55 26.80
CA LEU G 119 -10.37 -46.71 26.79
C LEU G 119 -11.78 -46.35 26.31
N LYS G 120 -12.37 -45.28 26.86
CA LYS G 120 -13.67 -44.87 26.35
C LYS G 120 -13.60 -44.56 24.87
N ASP G 121 -12.47 -44.02 24.41
CA ASP G 121 -12.30 -43.73 23.00
C ASP G 121 -12.30 -45.00 22.18
N LEU G 122 -11.49 -45.96 22.55
CA LEU G 122 -11.37 -47.15 21.74
C LEU G 122 -12.68 -47.91 21.67
N VAL G 123 -13.36 -48.03 22.82
CA VAL G 123 -14.66 -48.71 22.81
C VAL G 123 -15.63 -47.98 21.91
N GLU G 124 -15.59 -46.65 21.90
CA GLU G 124 -16.50 -45.89 21.05
C GLU G 124 -16.06 -45.94 19.58
N MET G 125 -14.74 -45.90 19.31
CA MET G 125 -14.20 -45.92 17.96
C MET G 125 -14.42 -47.26 17.28
N CYS G 126 -14.77 -48.31 18.03
CA CYS G 126 -15.09 -49.57 17.38
C CYS G 126 -16.37 -49.53 16.55
N ARG G 127 -17.20 -48.50 16.67
CA ARG G 127 -18.35 -48.34 15.78
C ARG G 127 -17.98 -48.31 14.30
N GLY G 128 -16.72 -48.05 13.97
CA GLY G 128 -16.29 -48.15 12.58
C GLY G 128 -16.50 -49.51 11.94
N VAL G 129 -16.34 -50.58 12.71
CA VAL G 129 -16.28 -51.93 12.15
C VAL G 129 -17.69 -52.49 12.18
N GLN G 130 -18.05 -53.23 11.13
CA GLN G 130 -19.37 -53.85 11.04
C GLN G 130 -19.32 -55.29 10.55
N HIS G 131 -18.20 -55.73 9.96
CA HIS G 131 -18.05 -57.11 9.48
C HIS G 131 -17.79 -58.12 10.58
N PRO G 132 -18.55 -59.20 10.64
CA PRO G 132 -18.41 -60.14 11.77
C PRO G 132 -17.02 -60.73 12.00
N LEU G 133 -16.39 -61.30 10.96
CA LEU G 133 -15.13 -62.00 11.20
C LEU G 133 -14.01 -61.04 11.58
N ARG G 134 -13.75 -60.05 10.74
CA ARG G 134 -12.68 -59.12 11.02
C ARG G 134 -12.95 -58.31 12.29
N GLY G 135 -14.22 -57.97 12.52
CA GLY G 135 -14.58 -57.29 13.76
C GLY G 135 -14.25 -58.14 14.97
N LEU G 136 -14.62 -59.41 14.90
CA LEU G 136 -14.29 -60.37 15.95
C LEU G 136 -12.79 -60.42 16.21
N PHE G 137 -12.02 -60.57 15.14
CA PHE G 137 -10.58 -60.67 15.30
C PHE G 137 -9.98 -59.39 15.87
N LEU G 138 -10.58 -58.26 15.51
CA LEU G 138 -10.21 -56.99 16.10
C LEU G 138 -10.48 -57.00 17.59
N ARG G 139 -11.69 -57.37 17.95
CA ARG G 139 -12.10 -57.36 19.34
C ARG G 139 -11.34 -58.41 20.14
N ASN G 140 -10.81 -59.42 19.48
CA ASN G 140 -9.86 -60.31 20.13
C ASN G 140 -8.58 -59.57 20.45
N TYR G 141 -8.04 -58.85 19.47
CA TYR G 141 -6.88 -58.02 19.77
C TYR G 141 -7.17 -57.06 20.91
N LEU G 142 -8.39 -56.52 20.92
CA LEU G 142 -8.86 -55.68 22.00
C LEU G 142 -8.80 -56.42 23.33
N LEU G 143 -9.32 -57.64 23.36
CA LEU G 143 -9.44 -58.41 24.59
C LEU G 143 -8.08 -58.77 25.14
N GLN G 144 -7.13 -59.02 24.27
CA GLN G 144 -5.81 -59.36 24.77
C GLN G 144 -5.08 -58.09 25.21
N CYS G 145 -5.18 -57.01 24.43
CA CYS G 145 -4.63 -55.73 24.87
C CYS G 145 -5.23 -55.28 26.19
N THR G 146 -6.56 -55.35 26.32
CA THR G 146 -7.20 -54.90 27.54
C THR G 146 -7.22 -55.97 28.60
N ARG G 147 -6.63 -57.12 28.30
CA ARG G 147 -6.64 -58.23 29.26
C ARG G 147 -6.01 -57.79 30.58
N ASN G 148 -5.10 -56.84 30.51
CA ASN G 148 -4.28 -56.54 31.68
C ASN G 148 -4.38 -55.08 32.11
N ILE G 149 -4.71 -54.18 31.18
CA ILE G 149 -4.70 -52.76 31.50
C ILE G 149 -6.05 -52.28 31.99
N LEU G 150 -7.07 -53.13 31.93
CA LEU G 150 -8.37 -52.75 32.43
C LEU G 150 -8.32 -52.55 33.94
N PRO G 151 -9.08 -51.61 34.47
CA PRO G 151 -9.15 -51.43 35.92
C PRO G 151 -9.61 -52.70 36.62
N ASP G 152 -9.17 -52.85 37.86
CA ASP G 152 -9.47 -54.02 38.66
C ASP G 152 -9.13 -53.69 40.11
N GLU G 153 -9.31 -54.67 40.99
CA GLU G 153 -9.04 -54.49 42.40
C GLU G 153 -7.54 -54.54 42.67
N GLY G 154 -6.79 -55.35 41.92
CA GLY G 154 -5.36 -55.39 42.08
C GLY G 154 -4.59 -54.48 41.14
N GLU G 155 -5.08 -53.27 40.90
CA GLU G 155 -4.27 -52.29 40.18
C GLU G 155 -3.76 -51.23 41.13
N PRO G 156 -2.60 -50.65 40.86
CA PRO G 156 -2.17 -49.47 41.64
C PRO G 156 -3.13 -48.32 41.42
N THR G 157 -3.50 -47.67 42.51
CA THR G 157 -4.38 -46.50 42.46
C THR G 157 -3.51 -45.25 42.31
N ASP G 158 -2.93 -45.13 41.12
CA ASP G 158 -1.99 -44.05 40.80
C ASP G 158 -2.78 -42.85 40.28
N GLU G 159 -2.58 -41.69 40.93
CA GLU G 159 -3.38 -40.50 40.65
C GLU G 159 -3.14 -39.96 39.25
N GLU G 160 -2.22 -40.57 38.51
CA GLU G 160 -2.12 -40.34 37.08
C GLU G 160 -2.99 -41.32 36.31
N THR G 161 -3.01 -42.58 36.71
CA THR G 161 -3.85 -43.57 36.04
C THR G 161 -5.32 -43.17 36.14
N THR G 162 -6.04 -43.42 35.05
CA THR G 162 -7.46 -43.08 34.97
C THR G 162 -8.26 -44.30 34.51
N GLY G 163 -9.53 -44.33 34.89
CA GLY G 163 -10.41 -45.45 34.58
C GLY G 163 -10.67 -46.36 35.77
N ASP G 164 -11.92 -46.81 35.92
CA ASP G 164 -12.31 -47.61 37.07
C ASP G 164 -13.00 -48.91 36.64
N ILE G 165 -13.42 -49.68 37.63
CA ILE G 165 -14.17 -50.91 37.40
C ILE G 165 -15.46 -50.62 36.63
N SER G 166 -16.11 -49.50 36.95
CA SER G 166 -17.33 -49.13 36.25
C SER G 166 -17.07 -48.95 34.76
N ASP G 167 -15.89 -48.46 34.42
CA ASP G 167 -15.55 -48.33 33.02
C ASP G 167 -15.36 -49.69 32.38
N SER G 168 -14.71 -50.61 33.08
CA SER G 168 -14.57 -51.96 32.56
C SER G 168 -15.92 -52.64 32.35
N MET G 169 -16.85 -52.50 33.31
CA MET G 169 -18.17 -53.10 33.17
C MET G 169 -18.93 -52.53 31.99
N ASP G 170 -18.95 -51.19 31.86
CA ASP G 170 -19.59 -50.59 30.71
C ASP G 170 -18.94 -51.03 29.41
N PHE G 171 -17.61 -51.16 29.42
CA PHE G 171 -16.85 -51.61 28.26
C PHE G 171 -17.32 -52.98 27.79
N VAL G 172 -17.36 -53.94 28.72
CA VAL G 172 -17.68 -55.31 28.36
C VAL G 172 -19.15 -55.49 28.02
N LEU G 173 -20.05 -54.83 28.74
CA LEU G 173 -21.46 -54.92 28.37
C LEU G 173 -21.68 -54.41 26.96
N LEU G 174 -20.95 -53.36 26.60
CA LEU G 174 -21.07 -52.82 25.26
C LEU G 174 -20.49 -53.78 24.22
N ASN G 175 -19.28 -54.25 24.45
CA ASN G 175 -18.69 -55.23 23.56
C ASN G 175 -19.58 -56.45 23.40
N PHE G 176 -20.26 -56.86 24.47
CA PHE G 176 -21.24 -57.95 24.38
C PHE G 176 -22.35 -57.62 23.41
N ALA G 177 -23.00 -56.48 23.60
CA ALA G 177 -24.11 -56.15 22.73
C ALA G 177 -23.69 -56.03 21.29
N GLU G 178 -22.47 -55.55 21.07
CA GLU G 178 -21.96 -55.37 19.72
C GLU G 178 -21.62 -56.68 19.06
N MET G 179 -20.95 -57.54 19.78
CA MET G 179 -20.61 -58.84 19.23
C MET G 179 -21.85 -59.68 18.95
N ASN G 180 -22.81 -59.70 19.87
CA ASN G 180 -24.02 -60.46 19.57
C ASN G 180 -24.78 -59.90 18.39
N LYS G 181 -24.88 -58.58 18.26
CA LYS G 181 -25.51 -58.05 17.05
C LYS G 181 -24.83 -58.52 15.78
N LEU G 182 -23.52 -58.33 15.68
CA LEU G 182 -22.84 -58.80 14.47
C LEU G 182 -23.00 -60.30 14.27
N TRP G 183 -22.87 -61.04 15.36
CA TRP G 183 -22.91 -62.49 15.32
C TRP G 183 -24.26 -63.01 14.91
N VAL G 184 -25.32 -62.43 15.46
CA VAL G 184 -26.64 -62.83 15.03
C VAL G 184 -26.89 -62.41 13.60
N ARG G 185 -26.37 -61.25 13.16
CA ARG G 185 -26.58 -60.94 11.75
C ARG G 185 -25.96 -61.99 10.88
N MET G 186 -24.86 -62.57 11.36
CA MET G 186 -24.27 -63.68 10.63
C MET G 186 -25.23 -64.83 10.44
N GLN G 187 -26.19 -65.01 11.35
CA GLN G 187 -27.17 -66.06 11.17
C GLN G 187 -27.97 -65.95 9.88
N HIS G 188 -28.40 -64.76 9.52
CA HIS G 188 -29.31 -64.63 8.40
C HIS G 188 -28.58 -64.21 7.15
N GLN G 189 -27.29 -63.96 7.24
CA GLN G 189 -26.53 -63.56 6.08
C GLN G 189 -26.18 -64.79 5.25
N GLY G 190 -26.08 -64.59 3.94
CA GLY G 190 -25.88 -65.69 3.04
C GLY G 190 -27.19 -66.42 2.82
N HIS G 191 -27.11 -67.55 2.13
CA HIS G 191 -28.31 -68.30 1.84
C HIS G 191 -28.70 -69.21 2.99
N SER G 192 -30.01 -69.48 3.05
CA SER G 192 -30.59 -70.34 4.06
C SER G 192 -30.15 -71.78 3.92
N ARG G 193 -29.55 -72.15 2.79
CA ARG G 193 -29.12 -73.53 2.59
C ARG G 193 -27.84 -73.84 3.35
N ASP G 194 -27.23 -72.85 3.99
CA ASP G 194 -26.03 -73.06 4.78
C ASP G 194 -26.33 -73.09 6.27
N ARG G 195 -27.47 -73.69 6.65
CA ARG G 195 -27.82 -73.73 8.07
C ARG G 195 -26.80 -74.54 8.86
N GLU G 196 -26.35 -75.66 8.32
CA GLU G 196 -25.36 -76.46 9.01
C GLU G 196 -23.99 -75.82 8.96
N LYS G 197 -23.68 -75.13 7.87
CA LYS G 197 -22.41 -74.43 7.82
C LYS G 197 -22.40 -73.28 8.79
N ARG G 198 -23.47 -72.49 8.81
CA ARG G 198 -23.54 -71.38 9.76
C ARG G 198 -23.43 -71.86 11.20
N GLU G 199 -24.29 -72.79 11.62
CA GLU G 199 -24.22 -73.30 12.99
C GLU G 199 -22.87 -73.94 13.36
N ARG G 200 -22.19 -74.57 12.41
CA ARG G 200 -20.83 -75.04 12.65
C ARG G 200 -19.88 -73.88 12.85
N GLU G 201 -20.01 -72.88 11.98
CA GLU G 201 -19.22 -71.67 12.03
C GLU G 201 -19.45 -70.94 13.35
N ARG G 202 -20.70 -70.84 13.75
CA ARG G 202 -21.06 -70.25 15.03
C ARG G 202 -20.37 -71.01 16.16
N GLN G 203 -20.43 -72.33 16.11
CA GLN G 203 -19.75 -73.13 17.12
C GLN G 203 -18.28 -72.78 17.16
N GLU G 204 -17.69 -72.59 15.99
CA GLU G 204 -16.28 -72.20 15.92
C GLU G 204 -16.04 -70.87 16.61
N LEU G 205 -16.89 -69.90 16.38
CA LEU G 205 -16.57 -68.62 16.98
C LEU G 205 -17.04 -68.50 18.41
N ARG G 206 -17.70 -69.54 18.88
CA ARG G 206 -18.28 -69.48 20.21
C ARG G 206 -17.24 -69.19 21.27
N ILE G 207 -16.02 -69.70 21.07
CA ILE G 207 -14.93 -69.44 22.01
C ILE G 207 -14.59 -67.97 22.06
N LEU G 208 -14.72 -67.28 20.93
CA LEU G 208 -14.47 -65.84 20.87
C LEU G 208 -15.39 -65.15 21.83
N VAL G 209 -16.63 -65.60 21.86
CA VAL G 209 -17.61 -65.03 22.73
C VAL G 209 -17.29 -65.33 24.18
N GLY G 210 -16.93 -66.58 24.47
CA GLY G 210 -16.70 -66.94 25.86
C GLY G 210 -15.46 -66.31 26.47
N THR G 211 -14.46 -66.01 25.65
CA THR G 211 -13.28 -65.33 26.17
C THR G 211 -13.58 -63.99 26.84
N ASN G 212 -14.62 -63.28 26.39
CA ASN G 212 -15.00 -62.07 27.10
C ASN G 212 -15.41 -62.36 28.55
N LEU G 213 -16.16 -63.43 28.76
CA LEU G 213 -16.55 -63.75 30.13
C LEU G 213 -15.34 -64.23 30.91
N VAL G 214 -14.47 -64.99 30.26
CA VAL G 214 -13.23 -65.37 30.91
C VAL G 214 -12.52 -64.11 31.40
N ARG G 215 -12.53 -63.06 30.58
CA ARG G 215 -11.91 -61.80 30.95
C ARG G 215 -12.62 -61.17 32.13
N LEU G 216 -13.93 -61.28 32.14
CA LEU G 216 -14.68 -60.77 33.27
C LEU G 216 -14.36 -61.52 34.55
N SER G 217 -14.12 -62.82 34.44
CA SER G 217 -13.79 -63.58 35.63
C SER G 217 -12.40 -63.31 36.18
N GLN G 218 -11.40 -62.98 35.35
CA GLN G 218 -10.16 -62.72 36.08
C GLN G 218 -10.22 -61.39 36.81
N LEU G 219 -11.24 -60.58 36.53
CA LEU G 219 -11.34 -59.28 37.17
C LEU G 219 -11.62 -59.45 38.64
N GLU G 220 -10.61 -59.09 39.45
CA GLU G 220 -10.79 -59.05 40.90
C GLU G 220 -11.96 -58.14 41.25
N GLY G 221 -12.07 -57.01 40.55
CA GLY G 221 -13.14 -56.07 40.79
C GLY G 221 -14.51 -56.65 40.57
N VAL G 222 -14.57 -57.84 39.99
CA VAL G 222 -15.85 -58.52 39.91
C VAL G 222 -16.08 -59.07 41.30
N ASN G 223 -16.70 -58.25 42.15
CA ASN G 223 -17.10 -58.69 43.47
C ASN G 223 -18.58 -59.06 43.44
N VAL G 224 -19.02 -59.67 44.54
CA VAL G 224 -20.38 -60.17 44.65
C VAL G 224 -21.38 -59.03 44.63
N GLU G 225 -21.02 -57.88 45.20
CA GLU G 225 -21.98 -56.79 45.30
C GLU G 225 -22.25 -56.12 43.96
N ARG G 226 -21.23 -55.97 43.13
CA ARG G 226 -21.49 -55.45 41.80
C ARG G 226 -22.26 -56.47 40.95
N TYR G 227 -21.88 -57.73 41.08
CA TYR G 227 -22.60 -58.80 40.41
C TYR G 227 -24.07 -58.83 40.78
N LYS G 228 -24.36 -58.78 42.07
CA LYS G 228 -25.74 -58.75 42.51
C LYS G 228 -26.50 -57.55 41.95
N GLN G 229 -25.99 -56.33 42.13
CA GLN G 229 -26.93 -55.28 41.77
C GLN G 229 -26.90 -54.95 40.31
N ILE G 230 -25.72 -54.76 39.75
CA ILE G 230 -25.55 -54.10 38.48
C ILE G 230 -25.12 -55.10 37.42
N VAL G 231 -24.09 -55.90 37.71
CA VAL G 231 -23.46 -56.68 36.68
C VAL G 231 -24.43 -57.74 36.17
N LEU G 232 -24.91 -58.59 37.07
CA LEU G 232 -25.84 -59.63 36.67
C LEU G 232 -27.15 -59.08 36.16
N THR G 233 -27.67 -58.02 36.78
CA THR G 233 -28.87 -57.41 36.24
C THR G 233 -28.71 -56.95 34.80
N GLY G 234 -27.58 -56.32 34.48
CA GLY G 234 -27.28 -55.90 33.12
C GLY G 234 -27.14 -57.06 32.15
N ILE G 235 -26.39 -58.05 32.57
CA ILE G 235 -26.12 -59.17 31.70
C ILE G 235 -27.41 -59.88 31.39
N LEU G 236 -28.21 -60.12 32.43
CA LEU G 236 -29.46 -60.81 32.19
C LEU G 236 -30.41 -60.03 31.29
N GLU G 237 -30.40 -58.68 31.29
CA GLU G 237 -31.32 -58.10 30.30
C GLU G 237 -30.88 -58.38 28.88
N GLN G 238 -29.57 -58.26 28.56
CA GLN G 238 -29.27 -58.56 27.16
C GLN G 238 -29.47 -60.03 26.87
N VAL G 239 -29.09 -60.89 27.80
CA VAL G 239 -29.13 -62.32 27.55
C VAL G 239 -30.55 -62.77 27.31
N VAL G 240 -31.45 -62.44 28.22
CA VAL G 240 -32.84 -62.85 28.07
C VAL G 240 -33.45 -62.19 26.84
N ASN G 241 -33.02 -60.98 26.50
CA ASN G 241 -33.68 -60.31 25.39
C ASN G 241 -33.14 -60.78 24.04
N CYS G 242 -32.05 -61.54 24.00
CA CYS G 242 -31.64 -62.02 22.68
C CYS G 242 -32.57 -63.11 22.15
N ARG G 243 -33.38 -63.72 23.03
CA ARG G 243 -34.45 -64.65 22.65
C ARG G 243 -34.02 -65.68 21.61
N ASP G 244 -32.81 -66.19 21.78
CA ASP G 244 -32.23 -67.22 20.90
C ASP G 244 -32.10 -68.47 21.76
N ALA G 245 -31.57 -69.56 21.19
CA ALA G 245 -31.31 -70.72 22.03
C ALA G 245 -29.84 -71.08 22.03
N LEU G 246 -29.20 -71.08 20.86
CA LEU G 246 -27.79 -71.44 20.76
C LEU G 246 -26.91 -70.51 21.60
N ALA G 247 -27.12 -69.21 21.46
CA ALA G 247 -26.31 -68.25 22.21
C ALA G 247 -26.63 -68.30 23.69
N GLN G 248 -27.91 -68.22 24.03
CA GLN G 248 -28.31 -68.25 25.42
C GLN G 248 -27.70 -69.46 26.12
N GLU G 249 -27.82 -70.62 25.48
CA GLU G 249 -27.31 -71.85 26.06
C GLU G 249 -25.79 -71.81 26.22
N TYR G 250 -25.07 -71.40 25.18
CA TYR G 250 -23.62 -71.33 25.34
C TYR G 250 -23.22 -70.37 26.45
N LEU G 251 -23.80 -69.18 26.44
CA LEU G 251 -23.39 -68.17 27.38
C LEU G 251 -23.72 -68.62 28.78
N MET G 252 -24.86 -69.28 28.93
CA MET G 252 -25.29 -69.78 30.22
C MET G 252 -24.40 -70.89 30.73
N GLU G 253 -23.93 -71.75 29.85
CA GLU G 253 -22.94 -72.72 30.28
C GLU G 253 -21.69 -72.03 30.75
N CYS G 254 -21.25 -71.04 30.00
CA CYS G 254 -20.07 -70.28 30.37
C CYS G 254 -20.30 -69.61 31.72
N ILE G 255 -21.52 -69.13 31.94
CA ILE G 255 -21.93 -68.57 33.22
C ILE G 255 -21.74 -69.57 34.34
N ILE G 256 -22.37 -70.72 34.17
CA ILE G 256 -22.30 -71.77 35.17
C ILE G 256 -20.85 -71.97 35.57
N GLN G 257 -20.01 -72.18 34.56
CA GLN G 257 -18.60 -72.43 34.81
C GLN G 257 -17.95 -71.25 35.51
N VAL G 258 -18.27 -70.04 35.09
CA VAL G 258 -17.45 -68.88 35.44
C VAL G 258 -17.81 -68.34 36.82
N PHE G 259 -19.08 -68.26 37.16
CA PHE G 259 -19.11 -67.43 38.36
C PHE G 259 -18.87 -68.27 39.59
N PRO G 260 -18.41 -67.66 40.68
CA PRO G 260 -18.26 -68.41 41.92
C PRO G 260 -19.62 -68.66 42.54
N ASP G 261 -19.65 -69.63 43.44
CA ASP G 261 -20.82 -69.82 44.26
C ASP G 261 -21.03 -68.64 45.17
N GLU G 262 -19.98 -67.88 45.46
CA GLU G 262 -20.20 -66.64 46.19
C GLU G 262 -21.20 -65.77 45.45
N PHE G 263 -21.06 -65.70 44.13
CA PHE G 263 -21.98 -64.88 43.36
C PHE G 263 -23.34 -65.54 43.21
N HIS G 264 -23.31 -66.85 42.96
CA HIS G 264 -24.54 -67.60 42.74
C HIS G 264 -25.46 -67.65 43.94
N LEU G 265 -24.91 -67.80 45.14
CA LEU G 265 -25.84 -67.88 46.28
C LEU G 265 -26.54 -66.56 46.52
N GLN G 266 -25.87 -65.44 46.31
CA GLN G 266 -26.64 -64.23 46.47
C GLN G 266 -27.52 -63.95 45.27
N THR G 267 -27.25 -64.58 44.12
CA THR G 267 -28.06 -64.17 42.98
C THR G 267 -28.75 -65.32 42.27
N LEU G 268 -29.13 -66.38 42.96
CA LEU G 268 -29.70 -67.48 42.17
C LEU G 268 -31.08 -67.13 41.67
N ASN G 269 -31.93 -66.74 42.61
CA ASN G 269 -33.33 -66.45 42.33
C ASN G 269 -33.62 -65.25 41.41
N PRO G 270 -32.90 -64.14 41.48
CA PRO G 270 -33.07 -63.14 40.41
C PRO G 270 -32.69 -63.75 39.09
N PHE G 271 -31.58 -64.43 39.15
CA PHE G 271 -31.01 -65.10 38.01
C PHE G 271 -31.96 -66.20 37.56
N LEU G 272 -32.67 -66.82 38.50
CA LEU G 272 -33.59 -67.88 38.13
C LEU G 272 -34.89 -67.35 37.56
N ARG G 273 -35.39 -66.20 38.05
CA ARG G 273 -36.50 -65.62 37.31
C ARG G 273 -36.08 -65.31 35.89
N ALA G 274 -34.84 -64.87 35.71
CA ALA G 274 -34.36 -64.64 34.36
C ALA G 274 -34.32 -65.93 33.59
N CYS G 275 -33.90 -66.99 34.25
CA CYS G 275 -33.83 -68.29 33.64
C CYS G 275 -35.20 -68.75 33.13
N ALA G 276 -36.25 -68.43 33.89
CA ALA G 276 -37.60 -68.83 33.51
C ALA G 276 -38.19 -68.20 32.24
N GLU G 277 -37.82 -67.00 31.82
CA GLU G 277 -38.48 -66.51 30.61
C GLU G 277 -37.82 -66.96 29.31
N LEU G 278 -36.86 -67.87 29.38
CA LEU G 278 -35.99 -67.99 28.24
C LEU G 278 -36.68 -68.67 27.07
N HIS G 279 -36.00 -68.60 25.92
CA HIS G 279 -36.53 -69.08 24.65
C HIS G 279 -36.86 -70.56 24.73
N GLN G 280 -37.90 -70.95 23.97
CA GLN G 280 -38.44 -72.31 24.09
C GLN G 280 -37.50 -73.38 23.53
N ASN G 281 -36.78 -73.09 22.45
CA ASN G 281 -36.09 -74.15 21.71
C ASN G 281 -34.83 -74.65 22.39
N VAL G 282 -34.47 -74.10 23.53
CA VAL G 282 -33.19 -74.38 24.16
C VAL G 282 -33.28 -75.63 25.03
N ASN G 283 -32.17 -76.36 25.13
CA ASN G 283 -31.98 -77.38 26.14
C ASN G 283 -31.68 -76.71 27.47
N VAL G 284 -32.57 -76.93 28.44
CA VAL G 284 -32.45 -76.32 29.75
C VAL G 284 -31.98 -77.34 30.76
N LYS G 285 -32.37 -78.60 30.59
CA LYS G 285 -31.85 -79.69 31.41
C LYS G 285 -30.35 -79.60 31.57
N ASN G 286 -29.63 -79.44 30.48
CA ASN G 286 -28.19 -79.38 30.58
C ASN G 286 -27.73 -78.16 31.37
N ILE G 287 -28.48 -77.08 31.27
CA ILE G 287 -28.19 -75.89 32.06
C ILE G 287 -28.37 -76.21 33.54
N ILE G 288 -29.55 -76.73 33.85
CA ILE G 288 -29.93 -77.01 35.21
C ILE G 288 -28.98 -78.01 35.84
N ILE G 289 -28.61 -79.05 35.10
CA ILE G 289 -27.67 -80.02 35.62
C ILE G 289 -26.33 -79.37 35.93
N ALA G 290 -25.81 -78.55 35.02
CA ALA G 290 -24.55 -77.88 35.33
C ALA G 290 -24.68 -77.07 36.62
N LEU G 291 -25.82 -76.44 36.81
CA LEU G 291 -26.08 -75.67 38.03
C LEU G 291 -26.12 -76.60 39.22
N ILE G 292 -26.83 -77.69 39.06
CA ILE G 292 -26.96 -78.70 40.08
C ILE G 292 -25.60 -79.24 40.46
N ASP G 293 -24.78 -79.56 39.48
CA ASP G 293 -23.42 -80.00 39.75
C ASP G 293 -22.63 -79.00 40.57
N ARG G 294 -22.77 -77.71 40.27
CA ARG G 294 -21.99 -76.74 41.02
C ARG G 294 -22.52 -76.55 42.44
N LEU G 295 -23.83 -76.53 42.59
CA LEU G 295 -24.37 -76.41 43.93
C LEU G 295 -24.17 -77.69 44.71
N ALA G 296 -24.06 -78.81 44.01
CA ALA G 296 -23.75 -80.10 44.62
C ALA G 296 -22.33 -80.13 45.15
N LEU G 297 -21.37 -79.67 44.36
CA LEU G 297 -20.03 -79.59 44.90
C LEU G 297 -19.98 -78.58 46.02
N PHE G 298 -20.96 -77.68 46.08
CA PHE G 298 -21.06 -76.81 47.24
C PHE G 298 -21.71 -77.46 48.45
N ALA G 299 -22.67 -78.35 48.23
CA ALA G 299 -23.31 -79.00 49.37
C ALA G 299 -22.32 -79.89 50.11
N HIS G 300 -21.58 -80.70 49.40
CA HIS G 300 -20.58 -81.54 50.04
C HIS G 300 -19.24 -80.82 50.19
N ARG G 301 -19.22 -79.52 49.94
CA ARG G 301 -18.00 -78.76 50.10
C ARG G 301 -17.84 -78.36 51.56
N GLU G 302 -16.73 -78.79 52.16
CA GLU G 302 -16.41 -78.48 53.54
C GLU G 302 -15.62 -77.16 53.62
N ASP G 303 -15.38 -76.68 54.83
CA ASP G 303 -14.78 -75.36 55.07
C ASP G 303 -15.53 -74.25 54.33
N GLY G 304 -16.86 -74.33 54.37
CA GLY G 304 -17.69 -73.32 53.76
C GLY G 304 -19.01 -73.21 54.49
N PRO G 305 -19.67 -72.06 54.36
CA PRO G 305 -20.86 -71.81 55.18
C PRO G 305 -21.99 -72.77 54.88
N GLY G 306 -21.99 -73.40 53.72
CA GLY G 306 -23.11 -74.23 53.36
C GLY G 306 -24.30 -73.37 53.04
N ILE G 307 -25.47 -73.99 53.07
CA ILE G 307 -26.73 -73.35 52.72
C ILE G 307 -27.36 -72.82 54.00
N PRO G 308 -27.57 -71.51 54.13
CA PRO G 308 -28.36 -71.01 55.26
C PRO G 308 -29.73 -71.65 55.30
N ALA G 309 -30.20 -71.92 56.51
CA ALA G 309 -31.45 -72.67 56.68
C ALA G 309 -32.65 -71.87 56.22
N ASP G 310 -32.59 -70.54 56.30
CA ASP G 310 -33.75 -69.74 55.94
C ASP G 310 -34.06 -69.82 54.46
N ILE G 311 -33.04 -69.94 53.63
CA ILE G 311 -33.23 -70.07 52.19
C ILE G 311 -33.38 -71.54 51.83
N LYS G 312 -34.62 -72.01 51.72
CA LYS G 312 -34.81 -73.43 51.42
C LYS G 312 -34.65 -73.60 49.93
N LEU G 313 -33.39 -73.80 49.54
CA LEU G 313 -33.00 -73.85 48.15
C LEU G 313 -33.81 -74.89 47.39
N PHE G 314 -33.88 -76.11 47.92
CA PHE G 314 -34.52 -77.20 47.18
C PHE G 314 -35.96 -76.87 46.87
N ASP G 315 -36.68 -76.32 47.84
CA ASP G 315 -38.06 -75.97 47.59
C ASP G 315 -38.15 -74.89 46.53
N ILE G 316 -37.17 -74.00 46.50
CA ILE G 316 -37.15 -72.93 45.52
C ILE G 316 -36.96 -73.51 44.13
N PHE G 317 -35.87 -74.22 43.92
CA PHE G 317 -35.64 -74.77 42.60
C PHE G 317 -36.75 -75.72 42.21
N SER G 318 -37.25 -76.51 43.16
CA SER G 318 -38.35 -77.42 42.87
C SER G 318 -39.52 -76.64 42.30
N GLN G 319 -39.89 -75.56 42.96
CA GLN G 319 -41.05 -74.79 42.51
C GLN G 319 -40.75 -74.08 41.20
N GLN G 320 -39.50 -73.69 40.98
CA GLN G 320 -39.23 -72.97 39.76
C GLN G 320 -39.17 -73.93 38.60
N VAL G 321 -38.49 -75.05 38.78
CA VAL G 321 -38.46 -76.11 37.79
C VAL G 321 -39.86 -76.57 37.43
N ALA G 322 -40.71 -76.72 38.45
CA ALA G 322 -42.11 -77.04 38.20
C ALA G 322 -42.75 -76.02 37.28
N THR G 323 -42.53 -74.75 37.56
CA THR G 323 -43.08 -73.70 36.72
C THR G 323 -42.49 -73.71 35.33
N VAL G 324 -41.20 -74.03 35.24
CA VAL G 324 -40.54 -74.11 33.95
C VAL G 324 -41.12 -75.25 33.14
N ILE G 325 -41.36 -76.38 33.79
CA ILE G 325 -41.95 -77.50 33.08
C ILE G 325 -43.33 -77.13 32.62
N GLN G 326 -44.06 -76.41 33.45
CA GLN G 326 -45.36 -75.94 33.00
C GLN G 326 -45.18 -75.10 31.76
N SER G 327 -44.12 -74.29 31.75
CA SER G 327 -43.82 -73.44 30.61
C SER G 327 -43.41 -74.26 29.40
N ARG G 328 -42.90 -75.47 29.63
CA ARG G 328 -42.46 -76.28 28.51
C ARG G 328 -43.64 -76.90 27.78
N GLN G 329 -43.48 -77.04 26.47
CA GLN G 329 -44.59 -77.40 25.60
C GLN G 329 -44.83 -78.91 25.63
N ASP G 330 -43.88 -79.68 25.10
CA ASP G 330 -43.94 -81.13 25.19
C ASP G 330 -42.52 -81.61 25.42
N MET G 331 -42.12 -81.67 26.67
CA MET G 331 -40.77 -82.09 26.97
C MET G 331 -40.76 -83.54 27.44
N PRO G 332 -39.88 -84.38 26.90
CA PRO G 332 -39.99 -85.82 27.13
C PRO G 332 -39.96 -86.19 28.60
N SER G 333 -40.82 -87.13 28.97
CA SER G 333 -40.98 -87.50 30.38
C SER G 333 -39.72 -88.11 30.94
N GLU G 334 -38.99 -88.85 30.11
CA GLU G 334 -37.70 -89.38 30.50
C GLU G 334 -36.78 -88.26 30.96
N ASP G 335 -36.87 -87.11 30.30
CA ASP G 335 -36.03 -85.98 30.67
C ASP G 335 -36.44 -85.42 32.03
N VAL G 336 -37.75 -85.34 32.27
CA VAL G 336 -38.23 -84.93 33.58
C VAL G 336 -37.69 -85.83 34.67
N VAL G 337 -37.61 -87.12 34.39
CA VAL G 337 -37.09 -88.05 35.39
C VAL G 337 -35.58 -87.95 35.54
N SER G 338 -34.86 -87.76 34.44
CA SER G 338 -33.43 -87.51 34.57
C SER G 338 -33.19 -86.30 35.46
N LEU G 339 -34.11 -85.34 35.43
CA LEU G 339 -34.02 -84.19 36.32
C LEU G 339 -34.39 -84.54 37.75
N GLN G 340 -35.40 -85.39 37.88
CA GLN G 340 -35.79 -85.90 39.18
C GLN G 340 -34.66 -86.64 39.88
N VAL G 341 -33.84 -87.34 39.10
CA VAL G 341 -32.69 -88.07 39.66
C VAL G 341 -31.73 -87.11 40.34
N SER G 342 -31.41 -86.00 39.68
CA SER G 342 -30.50 -85.05 40.29
C SER G 342 -31.15 -84.33 41.45
N LEU G 343 -32.45 -84.13 41.37
CA LEU G 343 -33.13 -83.57 42.53
C LEU G 343 -33.10 -84.50 43.72
N ILE G 344 -33.17 -85.81 43.47
CA ILE G 344 -32.94 -86.77 44.53
C ILE G 344 -31.53 -86.69 45.09
N ASN G 345 -30.53 -86.96 44.25
CA ASN G 345 -29.16 -86.91 44.73
C ASN G 345 -28.84 -85.68 45.55
N LEU G 346 -29.29 -84.55 45.05
CA LEU G 346 -29.14 -83.29 45.74
C LEU G 346 -29.83 -83.24 47.09
N ALA G 347 -31.13 -83.51 47.13
CA ALA G 347 -31.80 -83.43 48.42
C ALA G 347 -31.17 -84.37 49.43
N MET G 348 -30.74 -85.54 48.98
CA MET G 348 -30.09 -86.48 49.89
C MET G 348 -28.76 -85.95 50.39
N LYS G 349 -27.91 -85.47 49.50
CA LYS G 349 -26.56 -85.13 49.92
C LYS G 349 -26.47 -83.75 50.55
N CYS G 350 -27.32 -82.81 50.16
CA CYS G 350 -27.30 -81.47 50.70
C CYS G 350 -28.22 -81.29 51.88
N TYR G 351 -29.32 -82.04 51.93
CA TYR G 351 -30.26 -81.98 53.04
C TYR G 351 -30.56 -83.39 53.49
N PRO G 352 -29.55 -84.09 54.04
CA PRO G 352 -29.81 -85.46 54.52
C PRO G 352 -30.88 -85.51 55.58
N GLN H 1 10.68 72.20 -23.27
CA GLN H 1 9.56 71.55 -23.91
C GLN H 1 8.24 71.87 -23.23
N GLU H 2 8.13 71.44 -21.97
CA GLU H 2 7.04 71.80 -21.08
C GLU H 2 5.71 71.14 -21.44
N LYS H 3 5.62 70.51 -22.61
CA LYS H 3 4.40 69.79 -22.97
C LYS H 3 4.31 68.47 -22.20
N LEU H 4 5.42 67.73 -22.17
CA LEU H 4 5.47 66.49 -21.42
C LEU H 4 4.67 66.63 -20.12
N LEU H 5 4.89 67.73 -19.42
CA LEU H 5 4.19 67.98 -18.18
C LEU H 5 2.68 68.02 -18.31
N ASP H 6 2.13 68.80 -19.25
CA ASP H 6 0.66 68.84 -19.26
C ASP H 6 0.07 67.50 -19.68
N GLU H 7 0.63 66.88 -20.72
CA GLU H 7 0.17 65.55 -21.12
C GLU H 7 0.26 64.56 -19.97
N ALA H 8 1.35 64.60 -19.23
CA ALA H 8 1.53 63.73 -18.08
C ALA H 8 0.50 64.00 -17.01
N ILE H 9 0.26 65.27 -16.67
CA ILE H 9 -0.73 65.57 -15.64
C ILE H 9 -2.11 65.15 -16.10
N GLN H 10 -2.35 65.18 -17.41
CA GLN H 10 -3.61 64.69 -17.92
C GLN H 10 -3.75 63.21 -17.64
N ALA H 11 -2.78 62.42 -18.12
CA ALA H 11 -2.86 60.99 -17.89
C ALA H 11 -2.92 60.64 -16.41
N VAL H 12 -2.17 61.38 -15.59
CA VAL H 12 -2.21 61.22 -14.13
C VAL H 12 -3.60 61.45 -13.59
N LYS H 13 -4.23 62.54 -13.99
CA LYS H 13 -5.56 62.81 -13.47
C LYS H 13 -6.51 61.72 -13.91
N VAL H 14 -6.27 61.15 -15.09
CA VAL H 14 -7.07 60.02 -15.55
C VAL H 14 -6.88 58.81 -14.65
N GLN H 15 -5.64 58.40 -14.39
CA GLN H 15 -5.48 57.17 -13.63
C GLN H 15 -5.86 57.35 -12.18
N SER H 16 -5.56 58.51 -11.59
CA SER H 16 -5.95 58.75 -10.22
C SER H 16 -7.44 58.99 -10.07
N PHE H 17 -8.11 59.39 -11.15
CA PHE H 17 -9.55 59.42 -11.14
C PHE H 17 -10.12 58.02 -11.13
N GLN H 18 -9.67 57.18 -12.06
CA GLN H 18 -10.17 55.80 -12.03
C GLN H 18 -9.71 55.06 -10.79
N MET H 19 -8.63 55.52 -10.17
CA MET H 19 -8.19 54.99 -8.90
C MET H 19 -9.18 55.33 -7.81
N LYS H 20 -9.46 56.62 -7.60
CA LYS H 20 -10.40 56.99 -6.55
C LYS H 20 -11.79 56.42 -6.82
N ARG H 21 -12.20 56.37 -8.10
CA ARG H 21 -13.39 55.63 -8.49
C ARG H 21 -13.41 54.20 -7.95
N CYS H 22 -12.32 53.47 -8.14
CA CYS H 22 -12.33 52.11 -7.61
C CYS H 22 -12.31 52.09 -6.09
N LEU H 23 -11.62 53.05 -5.44
CA LEU H 23 -11.65 53.07 -3.98
C LEU H 23 -13.00 53.42 -3.36
N ASP H 24 -13.80 54.31 -3.95
CA ASP H 24 -15.15 54.46 -3.38
C ASP H 24 -16.02 53.23 -3.61
N LYS H 25 -15.86 52.57 -4.76
CA LYS H 25 -16.69 51.41 -5.06
C LYS H 25 -16.22 50.16 -4.33
N ASN H 26 -15.13 50.26 -3.55
CA ASN H 26 -14.73 49.26 -2.56
C ASN H 26 -14.25 47.96 -3.19
N LYS H 27 -13.65 48.04 -4.38
CA LYS H 27 -12.89 46.93 -4.94
C LYS H 27 -11.43 47.35 -5.02
N LEU H 28 -10.72 47.03 -3.93
CA LEU H 28 -9.46 47.66 -3.57
C LEU H 28 -8.36 47.39 -4.60
N MET H 29 -8.13 46.12 -4.93
CA MET H 29 -7.02 45.78 -5.81
C MET H 29 -7.13 46.44 -7.17
N ASP H 30 -8.35 46.67 -7.67
CA ASP H 30 -8.49 47.42 -8.92
C ASP H 30 -8.08 48.87 -8.73
N ALA H 31 -8.37 49.44 -7.57
CA ALA H 31 -7.89 50.79 -7.29
C ALA H 31 -6.39 50.81 -7.23
N LEU H 32 -5.79 49.81 -6.59
CA LEU H 32 -4.35 49.75 -6.51
C LEU H 32 -3.70 49.50 -7.86
N LYS H 33 -4.41 48.88 -8.80
CA LYS H 33 -3.87 48.75 -10.15
C LYS H 33 -3.87 50.07 -10.89
N HIS H 34 -4.89 50.90 -10.68
CA HIS H 34 -4.90 52.20 -11.34
C HIS H 34 -3.89 53.13 -10.67
N ALA H 35 -3.82 53.09 -9.35
CA ALA H 35 -2.76 53.80 -8.63
C ALA H 35 -1.36 53.39 -9.12
N SER H 36 -1.14 52.09 -9.34
CA SER H 36 0.14 51.64 -9.86
C SER H 36 0.44 52.14 -11.26
N ASN H 37 -0.55 52.09 -12.16
CA ASN H 37 -0.29 52.60 -13.50
C ASN H 37 -0.06 54.12 -13.46
N MET H 38 -0.82 54.82 -12.62
CA MET H 38 -0.58 56.24 -12.39
C MET H 38 0.84 56.50 -11.91
N LEU H 39 1.31 55.77 -10.90
CA LEU H 39 2.68 56.06 -10.47
C LEU H 39 3.65 55.68 -11.58
N GLY H 40 3.23 54.78 -12.46
CA GLY H 40 4.00 54.54 -13.67
C GLY H 40 4.24 55.84 -14.42
N GLU H 41 3.31 56.80 -14.30
CA GLU H 41 3.48 58.08 -14.97
C GLU H 41 4.70 58.80 -14.42
N LEU H 42 5.05 58.52 -13.18
CA LEU H 42 6.26 59.05 -12.59
C LEU H 42 7.51 58.39 -13.13
N ARG H 43 7.37 57.40 -14.01
CA ARG H 43 8.56 56.78 -14.52
C ARG H 43 9.20 57.62 -15.61
N THR H 44 8.45 58.51 -16.24
CA THR H 44 9.09 59.55 -17.01
C THR H 44 9.82 60.49 -16.06
N SER H 45 10.96 61.01 -16.52
CA SER H 45 11.81 61.86 -15.69
C SER H 45 12.31 63.10 -16.39
N MET H 46 12.00 63.30 -17.67
CA MET H 46 12.56 64.42 -18.40
C MET H 46 12.00 65.74 -17.90
N LEU H 47 11.00 65.68 -17.02
CA LEU H 47 10.34 66.85 -16.48
C LEU H 47 11.33 67.82 -15.89
N SER H 48 10.97 69.10 -15.88
CA SER H 48 11.79 70.06 -15.19
C SER H 48 11.71 69.73 -13.71
N PRO H 49 12.70 70.17 -12.93
CA PRO H 49 12.61 69.92 -11.49
C PRO H 49 11.34 70.46 -10.91
N LYS H 50 10.94 71.63 -11.40
CA LYS H 50 9.71 72.23 -10.92
C LYS H 50 8.51 71.42 -11.35
N SER H 51 8.44 71.11 -12.65
CA SER H 51 7.34 70.33 -13.19
C SER H 51 7.20 68.97 -12.53
N TYR H 52 8.31 68.24 -12.46
CA TYR H 52 8.25 66.95 -11.81
C TYR H 52 7.74 67.12 -10.38
N TYR H 53 8.22 68.15 -9.70
CA TYR H 53 7.74 68.47 -8.36
C TYR H 53 6.23 68.66 -8.29
N GLU H 54 5.64 69.37 -9.24
CA GLU H 54 4.18 69.53 -9.19
C GLU H 54 3.50 68.20 -9.37
N LEU H 55 3.93 67.41 -10.34
CA LEU H 55 3.31 66.09 -10.49
C LEU H 55 3.44 65.29 -9.20
N TYR H 56 4.60 65.37 -8.56
CA TYR H 56 4.79 64.69 -7.29
C TYR H 56 3.78 65.16 -6.24
N MET H 57 3.67 66.48 -6.07
CA MET H 57 2.77 67.01 -5.04
C MET H 57 1.31 66.68 -5.33
N ALA H 58 0.93 66.70 -6.61
CA ALA H 58 -0.40 66.29 -7.03
C ALA H 58 -0.68 64.84 -6.60
N ILE H 59 0.26 63.96 -6.90
CA ILE H 59 0.03 62.56 -6.58
C ILE H 59 0.03 62.35 -5.08
N SER H 60 0.86 63.09 -4.35
CA SER H 60 0.82 62.98 -2.90
C SER H 60 -0.56 63.36 -2.35
N ASP H 61 -1.13 64.44 -2.89
CA ASP H 61 -2.44 64.88 -2.42
C ASP H 61 -3.52 63.86 -2.74
N GLU H 62 -3.42 63.17 -3.88
CA GLU H 62 -4.42 62.12 -4.11
C GLU H 62 -4.19 60.93 -3.18
N LEU H 63 -2.94 60.55 -2.96
CA LEU H 63 -2.64 59.49 -2.00
C LEU H 63 -3.13 59.81 -0.59
N HIS H 64 -3.28 61.09 -0.25
CA HIS H 64 -3.83 61.40 1.08
C HIS H 64 -5.26 60.89 1.24
N TYR H 65 -6.07 60.95 0.19
CA TYR H 65 -7.42 60.41 0.28
C TYR H 65 -7.40 58.91 0.53
N LEU H 66 -6.41 58.25 -0.05
CA LEU H 66 -6.18 56.85 0.23
C LEU H 66 -5.72 56.62 1.66
N GLU H 67 -4.79 57.44 2.16
CA GLU H 67 -4.29 57.22 3.51
C GLU H 67 -5.41 57.36 4.53
N VAL H 68 -6.27 58.37 4.38
CA VAL H 68 -7.37 58.46 5.34
C VAL H 68 -8.36 57.33 5.14
N TYR H 69 -8.58 56.88 3.90
CA TYR H 69 -9.42 55.71 3.69
C TYR H 69 -8.88 54.51 4.46
N LEU H 70 -7.59 54.21 4.28
CA LEU H 70 -6.95 53.10 4.99
C LEU H 70 -7.00 53.31 6.49
N THR H 71 -6.70 54.52 6.94
CA THR H 71 -6.65 54.79 8.37
C THR H 71 -8.00 54.48 8.98
N ASP H 72 -9.06 54.88 8.27
CA ASP H 72 -10.42 54.61 8.70
C ASP H 72 -10.71 53.11 8.70
N GLU H 73 -10.49 52.47 7.55
CA GLU H 73 -10.62 51.01 7.43
C GLU H 73 -9.97 50.24 8.57
N PHE H 74 -8.72 50.59 8.90
CA PHE H 74 -8.05 49.93 10.00
C PHE H 74 -8.72 50.29 11.31
N ALA H 75 -9.17 51.54 11.42
CA ALA H 75 -9.91 51.91 12.62
C ALA H 75 -11.25 51.20 12.65
N LYS H 76 -11.78 50.85 11.47
CA LYS H 76 -12.99 50.04 11.40
C LYS H 76 -12.70 48.57 11.59
N GLY H 77 -11.45 48.19 11.74
CA GLY H 77 -11.11 46.81 11.94
C GLY H 77 -10.94 46.02 10.66
N ARG H 78 -11.40 46.55 9.53
CA ARG H 78 -11.29 45.80 8.27
C ARG H 78 -9.85 45.89 7.78
N LYS H 79 -9.08 44.88 8.18
CA LYS H 79 -7.67 44.82 7.87
C LYS H 79 -7.36 43.51 7.17
N VAL H 80 -6.70 43.61 6.02
CA VAL H 80 -6.24 42.41 5.32
C VAL H 80 -4.78 42.18 5.67
N ALA H 81 -4.46 40.97 6.08
CA ALA H 81 -3.11 40.65 6.52
C ALA H 81 -2.16 40.46 5.34
N ASP H 82 -0.86 40.49 5.64
CA ASP H 82 0.20 40.13 4.70
C ASP H 82 0.23 41.03 3.47
N LEU H 83 -0.13 42.31 3.64
CA LEU H 83 -0.29 43.20 2.50
C LEU H 83 1.01 43.39 1.75
N TYR H 84 2.13 43.45 2.47
CA TYR H 84 3.44 43.56 1.84
C TYR H 84 3.76 42.43 0.87
N GLU H 85 3.45 41.19 1.22
CA GLU H 85 3.71 40.15 0.24
C GLU H 85 2.81 40.34 -0.96
N LEU H 86 1.52 40.58 -0.78
CA LEU H 86 0.69 40.59 -1.97
C LEU H 86 1.16 41.72 -2.89
N VAL H 87 1.44 42.88 -2.29
CA VAL H 87 1.92 44.06 -3.00
C VAL H 87 3.31 43.88 -3.59
N GLN H 88 4.13 42.96 -3.06
CA GLN H 88 5.43 42.77 -3.69
C GLN H 88 5.31 42.08 -5.03
N TYR H 89 4.12 41.61 -5.39
CA TYR H 89 3.96 41.00 -6.68
C TYR H 89 4.15 42.02 -7.79
N ALA H 90 3.85 43.28 -7.51
CA ALA H 90 4.12 44.35 -8.47
C ALA H 90 5.58 44.27 -8.89
N GLY H 91 5.80 44.11 -10.20
CA GLY H 91 7.10 43.66 -10.67
C GLY H 91 8.22 44.62 -10.37
N ASN H 92 7.93 45.92 -10.37
CA ASN H 92 8.96 46.91 -10.13
C ASN H 92 9.10 47.19 -8.65
N ILE H 93 10.29 47.69 -8.29
CA ILE H 93 10.65 48.05 -6.92
C ILE H 93 9.82 49.23 -6.44
N ILE H 94 9.49 50.14 -7.35
CA ILE H 94 8.77 51.38 -7.08
C ILE H 94 7.36 51.12 -6.54
N PRO H 95 6.50 50.33 -7.19
CA PRO H 95 5.22 50.03 -6.55
C PRO H 95 5.42 49.40 -5.17
N ARG H 96 6.37 48.48 -5.04
CA ARG H 96 6.59 47.83 -3.74
C ARG H 96 6.85 48.87 -2.66
N LEU H 97 7.75 49.80 -2.93
CA LEU H 97 8.16 50.72 -1.88
C LEU H 97 7.11 51.79 -1.59
N TYR H 98 6.40 52.27 -2.60
CA TYR H 98 5.27 53.16 -2.34
C TYR H 98 4.22 52.47 -1.49
N LEU H 99 3.96 51.21 -1.80
CA LEU H 99 3.03 50.42 -1.02
C LEU H 99 3.54 50.21 0.39
N LEU H 100 4.82 49.87 0.54
CA LEU H 100 5.36 49.65 1.87
C LEU H 100 5.25 50.88 2.76
N ILE H 101 5.61 52.05 2.26
CA ILE H 101 5.44 53.25 3.11
C ILE H 101 3.98 53.50 3.45
N THR H 102 3.11 53.46 2.45
CA THR H 102 1.70 53.69 2.69
C THR H 102 1.11 52.73 3.72
N VAL H 103 1.31 51.42 3.53
CA VAL H 103 0.78 50.46 4.48
C VAL H 103 1.51 50.54 5.82
N GLY H 104 2.81 50.84 5.80
CA GLY H 104 3.55 50.96 7.03
C GLY H 104 2.96 51.97 7.98
N VAL H 105 2.71 53.18 7.48
CA VAL H 105 2.16 54.20 8.37
C VAL H 105 0.76 53.84 8.84
N VAL H 106 -0.04 53.18 8.00
CA VAL H 106 -1.34 52.69 8.43
C VAL H 106 -1.22 51.67 9.56
N TYR H 107 -0.30 50.70 9.42
CA TYR H 107 -0.07 49.75 10.50
C TYR H 107 0.44 50.42 11.75
N VAL H 108 1.30 51.43 11.60
CA VAL H 108 1.84 52.10 12.77
C VAL H 108 0.73 52.79 13.53
N LYS H 109 -0.14 53.50 12.80
CA LYS H 109 -1.30 54.10 13.43
C LYS H 109 -2.16 53.03 14.06
N SER H 110 -2.49 52.01 13.29
CA SER H 110 -3.39 50.97 13.77
C SER H 110 -2.68 50.05 14.76
N PHE H 111 -1.38 49.84 14.59
CA PHE H 111 -0.59 48.97 15.46
C PHE H 111 0.59 49.79 15.96
N PRO H 112 0.37 50.66 16.95
CA PRO H 112 1.52 51.34 17.57
C PRO H 112 2.50 50.36 18.15
N GLN H 113 2.03 49.18 18.55
CA GLN H 113 2.91 48.12 19.00
C GLN H 113 3.93 47.73 17.94
N SER H 114 3.57 47.88 16.67
CA SER H 114 4.45 47.51 15.58
C SER H 114 5.37 48.65 15.15
N ARG H 115 5.34 49.79 15.86
CA ARG H 115 5.96 51.00 15.35
C ARG H 115 7.47 50.83 15.22
N LYS H 116 8.12 50.35 16.30
CA LYS H 116 9.57 50.14 16.29
C LYS H 116 9.98 49.22 15.18
N ASP H 117 9.30 48.10 15.05
CA ASP H 117 9.70 47.10 14.08
C ASP H 117 9.50 47.65 12.67
N ILE H 118 8.39 48.33 12.42
CA ILE H 118 8.11 48.84 11.09
C ILE H 118 9.13 49.90 10.72
N LEU H 119 9.42 50.81 11.64
CA LEU H 119 10.42 51.83 11.37
C LEU H 119 11.80 51.21 11.13
N LYS H 120 12.24 50.30 11.99
CA LYS H 120 13.53 49.65 11.75
C LYS H 120 13.59 48.94 10.41
N ASP H 121 12.48 48.34 9.97
CA ASP H 121 12.48 47.73 8.65
C ASP H 121 12.62 48.77 7.57
N LEU H 122 11.79 49.81 7.63
CA LEU H 122 11.77 50.81 6.56
C LEU H 122 13.12 51.50 6.45
N VAL H 123 13.71 51.88 7.58
CA VAL H 123 15.02 52.50 7.59
C VAL H 123 16.06 51.56 7.04
N GLU H 124 15.95 50.27 7.34
CA GLU H 124 17.00 49.40 6.82
C GLU H 124 16.83 49.16 5.32
N MET H 125 15.61 48.92 4.86
CA MET H 125 15.40 48.62 3.45
C MET H 125 15.55 49.83 2.53
N CYS H 126 15.48 51.05 3.06
CA CYS H 126 15.73 52.19 2.18
C CYS H 126 17.18 52.31 1.72
N ARG H 127 18.13 51.61 2.34
CA ARG H 127 19.50 51.60 1.79
C ARG H 127 19.54 51.15 0.34
N GLY H 128 18.51 50.48 -0.15
CA GLY H 128 18.43 50.17 -1.57
C GLY H 128 18.47 51.40 -2.48
N VAL H 129 18.03 52.55 -1.97
CA VAL H 129 17.89 53.77 -2.76
C VAL H 129 19.25 54.14 -3.35
N GLN H 130 19.29 54.39 -4.66
CA GLN H 130 20.50 54.83 -5.33
C GLN H 130 20.27 55.95 -6.35
N HIS H 131 19.04 56.16 -6.80
CA HIS H 131 18.79 57.20 -7.81
C HIS H 131 18.41 58.54 -7.18
N PRO H 132 19.05 59.63 -7.59
CA PRO H 132 18.81 60.92 -6.93
C PRO H 132 17.39 61.47 -6.98
N LEU H 133 16.76 61.55 -8.16
CA LEU H 133 15.47 62.23 -8.21
C LEU H 133 14.37 61.45 -7.49
N ARG H 134 14.15 60.19 -7.89
CA ARG H 134 13.07 59.45 -7.25
C ARG H 134 13.38 59.19 -5.78
N GLY H 135 14.64 58.94 -5.45
CA GLY H 135 14.99 58.76 -4.05
C GLY H 135 14.69 59.99 -3.22
N LEU H 136 15.07 61.16 -3.71
CA LEU H 136 14.77 62.41 -3.04
C LEU H 136 13.27 62.56 -2.79
N PHE H 137 12.47 62.40 -3.84
CA PHE H 137 11.04 62.59 -3.65
C PHE H 137 10.41 61.52 -2.76
N LEU H 138 10.92 60.29 -2.80
CA LEU H 138 10.47 59.26 -1.87
C LEU H 138 10.78 59.62 -0.44
N ARG H 139 12.03 59.95 -0.15
CA ARG H 139 12.37 60.24 1.22
C ARG H 139 11.71 61.52 1.69
N ASN H 140 11.31 62.38 0.76
CA ASN H 140 10.44 63.48 1.14
C ASN H 140 9.08 62.98 1.56
N TYR H 141 8.51 62.07 0.77
CA TYR H 141 7.25 61.45 1.16
C TYR H 141 7.39 60.79 2.52
N LEU H 142 8.54 60.19 2.76
CA LEU H 142 8.87 59.61 4.06
C LEU H 142 8.79 60.68 5.14
N LEU H 143 9.41 61.83 4.88
CA LEU H 143 9.53 62.88 5.87
C LEU H 143 8.18 63.46 6.19
N GLN H 144 7.30 63.52 5.21
CA GLN H 144 5.98 64.06 5.48
C GLN H 144 5.13 63.00 6.18
N CYS H 145 5.24 61.74 5.75
CA CYS H 145 4.56 60.66 6.47
C CYS H 145 4.99 60.60 7.92
N THR H 146 6.28 60.78 8.19
CA THR H 146 6.79 60.69 9.55
C THR H 146 6.59 61.97 10.34
N ARG H 147 5.67 62.82 9.90
CA ARG H 147 5.51 64.14 10.47
C ARG H 147 5.21 64.10 11.96
N ASN H 148 4.40 63.14 12.41
CA ASN H 148 3.93 63.23 13.79
C ASN H 148 4.02 61.93 14.57
N ILE H 149 3.97 60.78 13.91
CA ILE H 149 3.67 59.53 14.59
C ILE H 149 4.90 58.90 15.21
N LEU H 150 6.08 59.49 15.00
CA LEU H 150 7.30 58.92 15.51
C LEU H 150 7.28 58.89 17.04
N PRO H 151 8.01 57.96 17.66
CA PRO H 151 8.10 57.92 19.12
C PRO H 151 8.46 59.28 19.71
N ASP H 152 8.04 59.49 20.95
CA ASP H 152 8.24 60.75 21.64
C ASP H 152 8.20 60.42 23.13
N GLU H 153 8.53 61.40 23.97
CA GLU H 153 8.68 61.08 25.39
C GLU H 153 7.40 61.24 26.19
N GLY H 154 6.58 62.26 25.91
CA GLY H 154 5.38 62.44 26.67
C GLY H 154 4.26 61.60 26.09
N GLU H 155 4.62 60.47 25.56
CA GLU H 155 3.76 59.59 24.80
C GLU H 155 3.42 58.37 25.64
N PRO H 156 2.20 57.85 25.53
CA PRO H 156 1.88 56.61 26.22
C PRO H 156 2.80 55.48 25.78
N THR H 157 3.38 54.79 26.78
CA THR H 157 4.38 53.77 26.53
C THR H 157 3.80 52.38 26.84
N ASP H 158 3.18 51.79 25.82
CA ASP H 158 2.60 50.45 25.92
C ASP H 158 3.70 49.46 25.55
N GLU H 159 4.04 48.56 26.46
CA GLU H 159 5.19 47.70 26.19
C GLU H 159 4.98 46.79 24.98
N GLU H 160 3.80 46.83 24.38
CA GLU H 160 3.65 46.38 23.01
C GLU H 160 4.19 47.42 22.05
N THR H 161 3.86 48.69 22.28
CA THR H 161 4.34 49.78 21.47
C THR H 161 5.80 50.05 21.80
N THR H 162 6.64 49.83 20.81
CA THR H 162 8.07 49.93 21.02
C THR H 162 8.64 51.08 20.20
N GLY H 163 9.70 51.68 20.72
CA GLY H 163 10.34 52.83 20.12
C GLY H 163 10.29 54.06 21.00
N ASP H 164 11.41 54.76 21.11
CA ASP H 164 11.50 55.94 21.96
C ASP H 164 12.04 57.11 21.13
N ILE H 165 12.27 58.22 21.82
CA ILE H 165 12.83 59.40 21.17
C ILE H 165 14.17 59.07 20.52
N SER H 166 14.99 58.26 21.20
CA SER H 166 16.27 57.87 20.65
C SER H 166 16.11 57.14 19.32
N ASP H 167 15.05 56.34 19.22
CA ASP H 167 14.78 55.64 17.98
C ASP H 167 14.36 56.58 16.87
N SER H 168 13.51 57.55 17.20
CA SER H 168 13.13 58.56 16.22
C SER H 168 14.34 59.34 15.73
N MET H 169 15.24 59.69 16.65
CA MET H 169 16.45 60.42 16.31
C MET H 169 17.34 59.60 15.39
N ASP H 170 17.55 58.34 15.72
CA ASP H 170 18.33 57.47 14.85
C ASP H 170 17.66 57.35 13.48
N PHE H 171 16.34 57.30 13.46
CA PHE H 171 15.59 57.21 12.23
C PHE H 171 15.90 58.39 11.30
N VAL H 172 15.76 59.59 11.84
CA VAL H 172 15.89 60.75 10.98
C VAL H 172 17.34 61.00 10.60
N LEU H 173 18.27 60.79 11.53
CA LEU H 173 19.66 60.96 11.15
C LEU H 173 20.10 59.98 10.06
N LEU H 174 19.61 58.74 10.11
CA LEU H 174 19.99 57.80 9.06
C LEU H 174 19.41 58.15 7.70
N ASN H 175 18.10 58.37 7.65
CA ASN H 175 17.51 58.80 6.39
C ASN H 175 18.17 60.06 5.87
N PHE H 176 18.55 60.97 6.76
CA PHE H 176 19.30 62.15 6.35
C PHE H 176 20.63 61.81 5.70
N ALA H 177 21.43 61.00 6.36
CA ALA H 177 22.74 60.73 5.80
C ALA H 177 22.62 60.10 4.41
N GLU H 178 21.60 59.28 4.21
CA GLU H 178 21.46 58.65 2.89
C GLU H 178 21.00 59.67 1.84
N MET H 179 20.02 60.49 2.19
CA MET H 179 19.54 61.50 1.24
C MET H 179 20.60 62.53 0.92
N ASN H 180 21.34 63.01 1.91
CA ASN H 180 22.40 63.95 1.62
C ASN H 180 23.46 63.32 0.73
N LYS H 181 23.79 62.06 0.95
CA LYS H 181 24.68 61.38 0.02
C LYS H 181 24.18 61.43 -1.41
N LEU H 182 22.96 61.01 -1.64
CA LEU H 182 22.46 61.07 -3.02
C LEU H 182 22.48 62.50 -3.55
N TRP H 183 22.10 63.45 -2.72
CA TRP H 183 22.02 64.83 -3.16
C TRP H 183 23.40 65.38 -3.54
N VAL H 184 24.42 65.09 -2.74
CA VAL H 184 25.76 65.51 -3.15
C VAL H 184 26.18 64.72 -4.39
N ARG H 185 25.75 63.46 -4.49
CA ARG H 185 26.06 62.68 -5.68
C ARG H 185 25.49 63.37 -6.91
N MET H 186 24.42 64.12 -6.70
CA MET H 186 23.86 64.91 -7.77
C MET H 186 24.90 65.86 -8.36
N GLN H 187 25.93 66.25 -7.60
CA GLN H 187 26.95 67.13 -8.16
C GLN H 187 27.62 66.55 -9.39
N HIS H 188 27.88 65.26 -9.44
CA HIS H 188 28.72 64.71 -10.49
C HIS H 188 27.98 63.88 -11.51
N GLN H 189 26.69 63.64 -11.34
CA GLN H 189 25.99 62.87 -12.35
C GLN H 189 25.73 63.75 -13.56
N GLY H 190 25.67 63.11 -14.71
CA GLY H 190 25.53 63.83 -15.95
C GLY H 190 26.86 64.44 -16.35
N HIS H 191 26.82 65.19 -17.45
CA HIS H 191 28.04 65.79 -17.96
C HIS H 191 28.46 66.96 -17.09
N SER H 192 29.77 67.19 -17.06
CA SER H 192 30.35 68.21 -16.21
C SER H 192 29.95 69.61 -16.63
N ARG H 193 29.33 69.78 -17.79
CA ARG H 193 28.91 71.09 -18.22
C ARG H 193 27.52 71.49 -17.69
N ASP H 194 26.82 70.59 -16.99
CA ASP H 194 25.55 70.94 -16.36
C ASP H 194 25.75 71.34 -14.92
N ARG H 195 26.98 71.71 -14.57
CA ARG H 195 27.28 71.99 -13.17
C ARG H 195 26.49 73.19 -12.67
N GLU H 196 26.34 74.24 -13.48
CA GLU H 196 25.56 75.36 -13.00
C GLU H 196 24.09 75.00 -12.96
N LYS H 197 23.64 74.18 -13.91
CA LYS H 197 22.27 73.71 -13.87
C LYS H 197 22.07 72.78 -12.70
N ARG H 198 23.02 71.88 -12.51
CA ARG H 198 22.96 70.95 -11.39
C ARG H 198 22.89 71.69 -10.06
N GLU H 199 23.86 72.57 -9.80
CA GLU H 199 23.90 73.36 -8.57
C GLU H 199 22.67 74.24 -8.39
N ARG H 200 22.07 74.70 -9.47
CA ARG H 200 20.81 75.41 -9.37
C ARG H 200 19.71 74.48 -8.90
N GLU H 201 19.63 73.31 -9.49
CA GLU H 201 18.63 72.33 -9.08
C GLU H 201 18.80 71.90 -7.63
N ARG H 202 20.02 71.57 -7.23
CA ARG H 202 20.28 71.24 -5.84
C ARG H 202 19.89 72.39 -4.92
N GLN H 203 20.27 73.63 -5.28
CA GLN H 203 19.90 74.78 -4.47
C GLN H 203 18.40 74.80 -4.31
N GLU H 204 17.69 74.48 -5.37
CA GLU H 204 16.24 74.39 -5.28
C GLU H 204 15.85 73.35 -4.26
N LEU H 205 16.56 72.24 -4.24
CA LEU H 205 16.18 71.13 -3.37
C LEU H 205 16.72 71.28 -1.95
N ARG H 206 17.48 72.34 -1.67
CA ARG H 206 18.08 72.46 -0.35
C ARG H 206 17.04 72.46 0.75
N ILE H 207 15.86 73.02 0.47
CA ILE H 207 14.78 73.05 1.43
C ILE H 207 14.32 71.66 1.80
N LEU H 208 14.40 70.74 0.84
CA LEU H 208 14.05 69.35 1.09
C LEU H 208 14.92 68.80 2.19
N VAL H 209 16.21 69.13 2.12
CA VAL H 209 17.15 68.67 3.12
C VAL H 209 16.89 69.34 4.45
N GLY H 210 16.63 70.64 4.44
CA GLY H 210 16.45 71.34 5.69
C GLY H 210 15.19 70.92 6.40
N THR H 211 14.20 70.48 5.65
CA THR H 211 12.98 69.96 6.24
C THR H 211 13.25 68.82 7.22
N ASN H 212 14.31 68.03 6.99
CA ASN H 212 14.70 67.03 7.99
C ASN H 212 15.02 67.66 9.32
N LEU H 213 15.73 68.78 9.30
CA LEU H 213 16.08 69.46 10.54
C LEU H 213 14.85 70.06 11.18
N VAL H 214 13.96 70.61 10.37
CA VAL H 214 12.70 71.08 10.93
C VAL H 214 12.01 69.95 11.67
N ARG H 215 12.02 68.76 11.08
CA ARG H 215 11.40 67.59 11.68
C ARG H 215 12.11 67.21 12.96
N LEU H 216 13.42 67.33 12.95
CA LEU H 216 14.19 67.05 14.13
C LEU H 216 13.89 68.04 15.24
N SER H 217 13.64 69.29 14.87
CA SER H 217 13.32 70.30 15.86
C SER H 217 11.92 70.18 16.47
N GLN H 218 10.89 69.69 15.75
CA GLN H 218 9.66 69.62 16.52
C GLN H 218 9.70 68.49 17.53
N LEU H 219 10.73 67.67 17.49
CA LEU H 219 10.79 66.51 18.35
C LEU H 219 10.88 66.97 19.79
N GLU H 220 9.80 66.74 20.54
CA GLU H 220 9.73 67.20 21.92
C GLU H 220 10.90 66.68 22.74
N GLY H 221 11.38 65.49 22.41
CA GLY H 221 12.44 64.89 23.18
C GLY H 221 13.74 65.65 23.17
N VAL H 222 13.85 66.68 22.34
CA VAL H 222 15.16 67.31 22.20
C VAL H 222 15.45 68.09 23.47
N ASN H 223 16.10 67.43 24.41
CA ASN H 223 16.65 68.18 25.52
C ASN H 223 18.05 68.63 25.17
N VAL H 224 18.63 69.45 26.04
CA VAL H 224 19.97 69.96 25.79
C VAL H 224 20.97 68.82 25.80
N GLU H 225 20.74 67.80 26.64
CA GLU H 225 21.70 66.71 26.75
C GLU H 225 21.66 65.79 25.54
N ARG H 226 20.47 65.57 24.98
CA ARG H 226 20.39 64.82 23.74
C ARG H 226 21.02 65.61 22.60
N TYR H 227 20.79 66.91 22.60
CA TYR H 227 21.42 67.80 21.64
C TYR H 227 22.94 67.72 21.73
N LYS H 228 23.45 67.79 22.96
CA LYS H 228 24.87 67.65 23.23
C LYS H 228 25.42 66.30 22.76
N GLN H 229 24.79 65.21 23.19
CA GLN H 229 25.39 63.90 23.03
C GLN H 229 25.14 63.22 21.70
N ILE H 230 23.98 63.39 21.08
CA ILE H 230 23.60 62.59 19.92
C ILE H 230 23.60 63.43 18.67
N VAL H 231 22.87 64.54 18.68
CA VAL H 231 22.52 65.24 17.46
C VAL H 231 23.77 65.81 16.80
N LEU H 232 24.48 66.64 17.55
CA LEU H 232 25.67 67.28 17.02
C LEU H 232 26.77 66.28 16.71
N THR H 233 26.94 65.26 17.55
CA THR H 233 27.92 64.24 17.19
C THR H 233 27.63 63.59 15.84
N GLY H 234 26.37 63.25 15.58
CA GLY H 234 26.05 62.68 14.27
C GLY H 234 26.25 63.64 13.12
N ILE H 235 25.75 64.85 13.28
CA ILE H 235 25.81 65.81 12.19
C ILE H 235 27.25 66.20 11.92
N LEU H 236 28.01 66.50 12.97
CA LEU H 236 29.38 66.88 12.75
C LEU H 236 30.18 65.72 12.16
N GLU H 237 29.79 64.48 12.44
CA GLU H 237 30.50 63.36 11.82
C GLU H 237 30.29 63.36 10.31
N GLN H 238 29.05 63.57 9.87
CA GLN H 238 28.85 63.63 8.43
C GLN H 238 29.51 64.86 7.83
N VAL H 239 29.44 66.00 8.54
CA VAL H 239 29.95 67.26 8.01
C VAL H 239 31.45 67.17 7.78
N VAL H 240 32.18 66.76 8.82
CA VAL H 240 33.61 66.65 8.73
C VAL H 240 33.94 65.58 7.70
N ASN H 241 33.09 64.59 7.58
CA ASN H 241 33.37 63.50 6.69
C ASN H 241 33.00 63.83 5.26
N CYS H 242 32.09 64.78 5.04
CA CYS H 242 31.68 65.08 3.67
C CYS H 242 32.62 66.06 2.95
N ARG H 243 33.37 66.89 3.69
CA ARG H 243 34.35 67.84 3.11
C ARG H 243 33.86 68.51 1.82
N ASP H 244 32.57 68.89 1.79
CA ASP H 244 31.97 69.66 0.71
C ASP H 244 31.70 71.03 1.30
N ALA H 245 31.24 72.00 0.50
CA ALA H 245 31.08 73.33 1.08
C ALA H 245 29.66 73.87 0.95
N LEU H 246 29.04 73.75 -0.22
CA LEU H 246 27.69 74.28 -0.40
C LEU H 246 26.66 73.68 0.55
N ALA H 247 26.66 72.36 0.67
CA ALA H 247 25.72 71.69 1.56
C ALA H 247 26.04 71.99 3.00
N GLN H 248 27.30 71.78 3.39
CA GLN H 248 27.69 72.04 4.76
C GLN H 248 27.25 73.43 5.18
N GLU H 249 27.54 74.44 4.35
CA GLU H 249 27.20 75.81 4.71
C GLU H 249 25.69 76.00 4.83
N TYR H 250 24.91 75.51 3.86
CA TYR H 250 23.46 75.66 3.99
C TYR H 250 22.95 75.01 5.26
N LEU H 251 23.36 73.78 5.49
CA LEU H 251 22.81 73.05 6.61
C LEU H 251 23.21 73.71 7.91
N MET H 252 24.44 74.21 7.98
CA MET H 252 24.91 74.83 9.20
C MET H 252 24.22 76.14 9.51
N GLU H 253 23.94 76.97 8.50
CA GLU H 253 23.14 78.15 8.81
C GLU H 253 21.74 77.75 9.23
N CYS H 254 21.14 76.76 8.57
CA CYS H 254 19.80 76.37 9.00
C CYS H 254 19.80 75.94 10.44
N ILE H 255 20.84 75.22 10.86
CA ILE H 255 21.01 74.88 12.28
C ILE H 255 21.07 76.14 13.12
N ILE H 256 22.01 77.02 12.77
CA ILE H 256 22.22 78.26 13.49
C ILE H 256 20.90 78.93 13.74
N GLN H 257 20.14 79.10 12.67
CA GLN H 257 18.87 79.78 12.76
C GLN H 257 17.93 79.00 13.67
N VAL H 258 17.94 77.68 13.57
CA VAL H 258 16.85 76.90 14.15
C VAL H 258 17.05 76.66 15.64
N PHE H 259 18.22 76.30 16.04
CA PHE H 259 18.07 75.83 17.41
C PHE H 259 18.18 76.95 18.44
N PRO H 260 17.60 76.73 19.62
CA PRO H 260 17.64 77.76 20.65
C PRO H 260 19.06 77.91 21.17
N ASP H 261 19.37 79.14 21.53
CA ASP H 261 20.70 79.47 21.98
C ASP H 261 21.06 78.75 23.26
N GLU H 262 20.07 78.32 24.03
CA GLU H 262 20.36 77.49 25.19
C GLU H 262 21.13 76.23 24.81
N PHE H 263 20.75 75.59 23.72
CA PHE H 263 21.46 74.38 23.31
C PHE H 263 22.83 74.74 22.74
N HIS H 264 22.87 75.81 21.97
CA HIS H 264 24.09 76.24 21.34
C HIS H 264 25.15 76.63 22.36
N LEU H 265 24.71 77.25 23.45
CA LEU H 265 25.64 77.69 24.49
C LEU H 265 26.27 76.51 25.19
N GLN H 266 25.53 75.43 25.36
CA GLN H 266 26.15 74.27 25.94
C GLN H 266 27.02 73.54 24.95
N THR H 267 26.87 73.85 23.67
CA THR H 267 27.62 73.09 22.67
C THR H 267 28.45 74.00 21.77
N LEU H 268 28.93 75.11 22.31
CA LEU H 268 29.64 76.08 21.48
C LEU H 268 31.02 75.60 21.05
N ASN H 269 31.85 75.21 22.01
CA ASN H 269 33.21 74.81 21.63
C ASN H 269 33.22 73.60 20.73
N PRO H 270 32.37 72.61 20.88
CA PRO H 270 32.29 71.59 19.83
C PRO H 270 31.84 72.16 18.50
N PHE H 271 30.80 72.99 18.52
CA PHE H 271 30.33 73.55 17.27
C PHE H 271 31.34 74.50 16.63
N LEU H 272 32.07 75.26 17.42
CA LEU H 272 33.02 76.16 16.80
C LEU H 272 34.32 75.47 16.41
N ARG H 273 34.78 74.50 17.18
CA ARG H 273 35.89 73.69 16.70
C ARG H 273 35.53 73.00 15.39
N ALA H 274 34.27 72.54 15.27
CA ALA H 274 33.84 71.97 14.01
C ALA H 274 33.84 73.01 12.91
N CYS H 275 33.39 74.22 13.24
CA CYS H 275 33.37 75.30 12.29
C CYS H 275 34.76 75.60 11.74
N ALA H 276 35.78 75.52 12.61
CA ALA H 276 37.16 75.79 12.21
C ALA H 276 37.72 74.78 11.20
N GLU H 277 37.24 73.55 11.16
CA GLU H 277 37.81 72.61 10.20
C GLU H 277 37.19 72.69 8.82
N LEU H 278 36.28 73.63 8.60
CA LEU H 278 35.51 73.60 7.37
C LEU H 278 36.34 74.05 6.16
N HIS H 279 35.75 73.87 4.99
CA HIS H 279 36.45 74.01 3.73
C HIS H 279 36.91 75.44 3.48
N GLN H 280 38.03 75.57 2.76
CA GLN H 280 38.64 76.88 2.56
C GLN H 280 37.82 77.76 1.63
N ASN H 281 37.15 77.19 0.66
CA ASN H 281 36.36 77.99 -0.26
C ASN H 281 35.10 78.52 0.37
N VAL H 282 34.91 78.29 1.66
CA VAL H 282 33.71 78.74 2.35
C VAL H 282 33.85 80.19 2.76
N ASN H 283 32.81 80.98 2.47
CA ASN H 283 32.69 82.29 3.10
C ASN H 283 32.20 82.07 4.51
N VAL H 284 33.14 81.79 5.40
CA VAL H 284 32.85 81.60 6.81
C VAL H 284 32.42 82.92 7.44
N LYS H 285 32.98 84.02 6.94
CA LYS H 285 32.59 85.37 7.35
C LYS H 285 31.10 85.61 7.40
N ASN H 286 30.37 85.27 6.34
CA ASN H 286 28.94 85.54 6.40
C ASN H 286 28.23 84.69 7.44
N ILE H 287 28.74 83.48 7.64
CA ILE H 287 28.24 82.59 8.66
C ILE H 287 28.47 83.19 10.03
N ILE H 288 29.71 83.55 10.30
CA ILE H 288 30.11 84.08 11.59
C ILE H 288 29.34 85.34 11.89
N ILE H 289 29.16 86.19 10.88
CA ILE H 289 28.39 87.40 11.08
C ILE H 289 26.98 87.05 11.50
N ALA H 290 26.37 86.10 10.79
CA ALA H 290 25.02 85.66 11.15
C ALA H 290 24.99 85.18 12.59
N LEU H 291 26.05 84.50 12.99
CA LEU H 291 26.19 84.00 14.35
C LEU H 291 26.27 85.13 15.35
N ILE H 292 27.10 86.11 15.05
CA ILE H 292 27.27 87.27 15.88
C ILE H 292 25.95 87.99 16.03
N ASP H 293 25.25 88.18 14.91
CA ASP H 293 23.94 88.78 14.93
C ASP H 293 22.96 88.02 15.81
N ARG H 294 23.02 86.69 15.79
CA ARG H 294 22.07 85.93 16.60
C ARG H 294 22.41 86.02 18.07
N LEU H 295 23.69 85.97 18.42
CA LEU H 295 24.04 86.13 19.81
C LEU H 295 23.87 87.55 20.28
N ALA H 296 23.94 88.53 19.37
CA ALA H 296 23.66 89.90 19.75
C ALA H 296 22.19 90.11 20.08
N LEU H 297 21.31 89.61 19.21
CA LEU H 297 19.89 89.67 19.53
C LEU H 297 19.56 88.79 20.73
N PHE H 298 20.43 87.84 21.03
CA PHE H 298 20.31 87.03 22.23
C PHE H 298 20.81 87.75 23.48
N ALA H 299 21.85 88.56 23.35
CA ALA H 299 22.37 89.31 24.50
C ALA H 299 21.36 90.34 24.97
N HIS H 300 20.86 91.15 24.06
CA HIS H 300 19.87 92.15 24.41
C HIS H 300 18.46 91.63 24.35
N ARG H 301 18.28 90.32 24.17
CA ARG H 301 16.96 89.74 24.38
C ARG H 301 16.74 89.66 25.88
N GLU H 302 15.75 90.40 26.37
CA GLU H 302 15.40 90.35 27.77
C GLU H 302 14.32 89.28 27.97
N ASP H 303 13.73 89.27 29.17
CA ASP H 303 12.94 88.14 29.63
C ASP H 303 13.79 86.87 29.64
N GLY H 304 15.03 87.02 30.11
CA GLY H 304 15.94 85.92 30.21
C GLY H 304 17.01 86.18 31.25
N PRO H 305 17.73 85.13 31.64
CA PRO H 305 18.68 85.27 32.76
C PRO H 305 19.84 86.20 32.45
N GLY H 306 19.96 86.67 31.23
CA GLY H 306 21.15 87.36 30.83
C GLY H 306 22.24 86.33 30.58
N ILE H 307 23.47 86.81 30.55
CA ILE H 307 24.63 85.98 30.23
C ILE H 307 25.16 85.40 31.53
N PRO H 308 25.13 84.08 31.71
CA PRO H 308 25.75 83.48 32.89
C PRO H 308 27.23 83.85 32.95
N ALA H 309 27.70 84.15 34.17
CA ALA H 309 29.07 84.62 34.33
C ALA H 309 30.07 83.54 33.98
N ASP H 310 29.73 82.27 34.20
CA ASP H 310 30.63 81.19 33.81
C ASP H 310 30.80 81.19 32.31
N ILE H 311 29.85 81.74 31.58
CA ILE H 311 29.90 81.77 30.14
C ILE H 311 30.74 82.96 29.68
N LYS H 312 32.04 82.76 29.52
CA LYS H 312 32.90 83.81 28.99
C LYS H 312 32.86 83.76 27.48
N LEU H 313 31.75 84.27 26.95
CA LEU H 313 31.53 84.29 25.52
C LEU H 313 32.70 84.93 24.80
N PHE H 314 33.13 86.10 25.25
CA PHE H 314 34.16 86.82 24.52
C PHE H 314 35.44 86.03 24.43
N ASP H 315 35.90 85.43 25.52
CA ASP H 315 37.12 84.64 25.43
C ASP H 315 36.98 83.42 24.56
N ILE H 316 35.81 82.79 24.60
CA ILE H 316 35.54 81.60 23.81
C ILE H 316 35.52 81.94 22.35
N PHE H 317 34.61 82.82 22.00
CA PHE H 317 34.42 83.21 20.63
C PHE H 317 35.69 83.82 20.08
N SER H 318 36.39 84.63 20.87
CA SER H 318 37.64 85.21 20.43
C SER H 318 38.64 84.13 20.05
N GLN H 319 38.81 83.13 20.92
CA GLN H 319 39.80 82.12 20.62
C GLN H 319 39.37 81.25 19.45
N GLN H 320 38.07 81.00 19.31
CA GLN H 320 37.68 80.13 18.20
C GLN H 320 37.70 80.86 16.88
N VAL H 321 37.17 82.07 16.81
CA VAL H 321 37.28 82.85 15.59
C VAL H 321 38.74 82.96 15.19
N ALA H 322 39.61 83.21 16.17
CA ALA H 322 41.05 83.19 15.91
C ALA H 322 41.49 81.88 15.28
N THR H 323 41.03 80.76 15.83
CA THR H 323 41.40 79.46 15.29
C THR H 323 40.87 79.29 13.89
N VAL H 324 39.69 79.82 13.65
CA VAL H 324 39.08 79.78 12.35
C VAL H 324 39.93 80.58 11.36
N ILE H 325 40.41 81.74 11.79
CA ILE H 325 41.23 82.52 10.89
C ILE H 325 42.51 81.79 10.56
N GLN H 326 43.12 81.13 11.54
CA GLN H 326 44.29 80.32 11.19
C GLN H 326 43.89 79.26 10.19
N SER H 327 42.71 78.67 10.38
CA SER H 327 42.25 77.65 9.47
C SER H 327 41.96 78.25 8.11
N ARG H 328 41.66 79.53 8.07
CA ARG H 328 41.51 80.20 6.79
C ARG H 328 42.87 80.59 6.25
N GLN H 329 43.01 80.48 4.93
CA GLN H 329 44.27 80.76 4.27
C GLN H 329 44.22 82.06 3.46
N ASP H 330 43.14 82.29 2.72
CA ASP H 330 43.01 83.51 1.91
C ASP H 330 41.84 84.32 2.46
N MET H 331 42.13 85.05 3.52
CA MET H 331 41.17 86.00 4.05
C MET H 331 41.46 87.39 3.50
N PRO H 332 40.49 88.03 2.85
CA PRO H 332 40.63 89.47 2.64
C PRO H 332 40.71 90.16 3.99
N SER H 333 41.69 91.05 4.13
CA SER H 333 41.84 91.74 5.39
C SER H 333 40.61 92.58 5.69
N GLU H 334 40.00 93.14 4.64
CA GLU H 334 38.73 93.83 4.79
C GLU H 334 37.70 92.91 5.44
N ASP H 335 37.72 91.62 5.10
CA ASP H 335 36.74 90.72 5.71
C ASP H 335 37.05 90.57 7.19
N VAL H 336 38.34 90.48 7.51
CA VAL H 336 38.76 90.42 8.90
C VAL H 336 38.24 91.63 9.64
N VAL H 337 38.25 92.79 8.99
CA VAL H 337 37.75 94.00 9.62
C VAL H 337 36.25 94.03 9.72
N SER H 338 35.55 93.55 8.69
CA SER H 338 34.10 93.43 8.79
C SER H 338 33.71 92.57 9.98
N LEU H 339 34.52 91.58 10.30
CA LEU H 339 34.27 90.78 11.49
C LEU H 339 34.66 91.51 12.76
N GLN H 340 35.74 92.27 12.69
CA GLN H 340 36.14 93.09 13.81
C GLN H 340 35.05 94.09 14.17
N VAL H 341 34.32 94.58 13.18
CA VAL H 341 33.21 95.50 13.42
C VAL H 341 32.15 94.83 14.30
N SER H 342 31.80 93.59 13.97
CA SER H 342 30.82 92.86 14.73
C SER H 342 31.35 92.48 16.09
N LEU H 343 32.66 92.26 16.17
CA LEU H 343 33.33 92.03 17.44
C LEU H 343 33.28 93.25 18.34
N ILE H 344 33.35 94.43 17.73
CA ILE H 344 33.09 95.63 18.50
C ILE H 344 31.67 95.61 19.00
N ASN H 345 30.72 95.61 18.08
CA ASN H 345 29.32 95.62 18.47
C ASN H 345 28.98 94.67 19.61
N LEU H 346 29.49 93.45 19.55
CA LEU H 346 29.28 92.50 20.64
C LEU H 346 29.88 92.98 21.96
N ALA H 347 31.17 93.29 21.98
CA ALA H 347 31.79 93.73 23.22
C ALA H 347 31.12 94.98 23.76
N MET H 348 30.70 95.85 22.86
CA MET H 348 30.03 97.10 23.20
C MET H 348 28.70 96.84 23.88
N LYS H 349 27.89 95.97 23.29
CA LYS H 349 26.53 95.80 23.77
C LYS H 349 26.45 94.87 24.97
N CYS H 350 27.37 93.92 25.08
CA CYS H 350 27.31 92.99 26.20
C CYS H 350 28.11 93.45 27.41
N TYR H 351 29.14 94.26 27.21
CA TYR H 351 29.97 94.73 28.32
C TYR H 351 30.53 96.10 28.02
N PRO H 352 29.69 97.13 28.08
CA PRO H 352 30.22 98.50 28.00
C PRO H 352 31.23 98.79 29.10
#